data_1TI3
#
_entry.id   1TI3
#
_entity_poly.entity_id   1
_entity_poly.type   'polypeptide(L)'
_entity_poly.pdbx_seq_one_letter_code
;AEEGQVIACHTVDTWKEHFEKGKGSQKLIVVDFTASWCPPCKMIAPIFAELAKKFPNVTFLKVDVDELKAVAEEWNVEAM
PTFIFLKDGKLVDKTVGADKDGLPTLVAKHATA
;
_entity_poly.pdbx_strand_id   A
#
# COMPACT_ATOMS: atom_id res chain seq x y z
N ALA A 1 21.95 -1.00 6.59
CA ALA A 1 20.58 -0.66 7.02
C ALA A 1 19.74 -0.40 5.72
N GLU A 2 18.80 -1.27 5.51
CA GLU A 2 18.03 -1.39 4.26
C GLU A 2 16.57 -1.78 4.68
N GLU A 3 15.63 -0.93 4.23
CA GLU A 3 14.23 -1.03 4.59
C GLU A 3 13.29 -0.27 3.53
N GLY A 4 12.05 -0.75 3.54
CA GLY A 4 10.89 -0.09 2.93
C GLY A 4 10.54 1.19 3.74
N GLN A 5 9.84 2.10 3.04
CA GLN A 5 9.61 3.52 3.40
C GLN A 5 8.11 3.70 3.10
N VAL A 6 7.33 3.88 4.16
CA VAL A 6 5.90 4.42 4.18
C VAL A 6 5.94 5.99 4.06
N ILE A 7 5.34 6.43 2.93
CA ILE A 7 5.21 7.84 2.46
C ILE A 7 3.66 8.05 2.35
N ALA A 8 3.16 9.14 3.01
CA ALA A 8 1.83 9.74 2.91
C ALA A 8 1.58 10.57 1.61
N CYS A 9 0.29 10.56 1.19
CA CYS A 9 -0.08 10.92 -0.20
C CYS A 9 -1.53 11.56 -0.43
N HIS A 10 -1.64 12.49 -1.39
CA HIS A 10 -2.57 13.62 -1.34
C HIS A 10 -3.24 13.99 -2.69
N THR A 11 -2.45 14.00 -3.82
CA THR A 11 -2.79 14.65 -5.11
C THR A 11 -2.23 13.81 -6.33
N VAL A 12 -2.26 14.38 -7.57
CA VAL A 12 -1.51 13.87 -8.76
C VAL A 12 -0.01 13.54 -8.56
N ASP A 13 0.66 14.16 -7.56
CA ASP A 13 1.98 13.68 -7.10
C ASP A 13 2.17 12.18 -6.66
N THR A 14 1.22 11.58 -5.96
CA THR A 14 1.12 10.10 -5.91
C THR A 14 0.91 9.29 -7.19
N TRP A 15 0.15 9.79 -8.22
CA TRP A 15 0.20 9.27 -9.57
C TRP A 15 1.60 9.12 -10.15
N LYS A 16 2.46 10.10 -9.99
CA LYS A 16 3.92 9.97 -10.24
C LYS A 16 4.59 8.86 -9.41
N GLU A 17 4.52 8.81 -8.05
CA GLU A 17 5.11 7.83 -7.13
C GLU A 17 4.62 6.31 -7.32
N HIS A 18 3.29 6.05 -7.15
CA HIS A 18 2.64 4.74 -7.35
C HIS A 18 2.93 4.00 -8.71
N PHE A 19 2.46 4.65 -9.78
CA PHE A 19 2.66 4.18 -11.17
C PHE A 19 4.09 3.91 -11.81
N GLU A 20 4.92 4.96 -11.74
CA GLU A 20 6.37 4.98 -12.09
C GLU A 20 7.41 4.12 -11.27
N LYS A 21 7.24 4.02 -9.94
CA LYS A 21 7.81 2.88 -9.18
C LYS A 21 7.31 1.47 -9.66
N GLY A 22 6.03 1.11 -9.54
CA GLY A 22 5.38 -0.16 -9.97
C GLY A 22 5.72 -0.70 -11.41
N LYS A 23 5.08 -0.10 -12.46
CA LYS A 23 5.45 -0.12 -13.85
C LYS A 23 6.59 0.89 -14.18
N GLY A 24 7.79 0.44 -13.83
CA GLY A 24 8.98 1.19 -14.19
C GLY A 24 10.28 0.69 -13.64
N SER A 25 10.14 0.25 -12.36
CA SER A 25 11.13 -0.24 -11.44
C SER A 25 10.72 -1.70 -11.10
N GLN A 26 11.79 -2.50 -11.05
CA GLN A 26 11.84 -3.86 -10.49
C GLN A 26 11.74 -3.83 -8.93
N LYS A 27 10.47 -3.84 -8.46
CA LYS A 27 10.01 -3.88 -7.07
C LYS A 27 8.47 -4.22 -6.97
N LEU A 28 8.07 -4.80 -5.81
CA LEU A 28 6.73 -4.70 -5.27
C LEU A 28 6.54 -3.26 -4.63
N ILE A 29 5.29 -2.83 -4.63
CA ILE A 29 4.81 -1.52 -4.12
C ILE A 29 3.38 -1.82 -3.54
N VAL A 30 3.13 -1.30 -2.35
CA VAL A 30 2.03 -1.66 -1.51
C VAL A 30 1.47 -0.29 -0.94
N VAL A 31 0.11 -0.20 -1.01
CA VAL A 31 -0.65 0.99 -0.79
C VAL A 31 -1.96 0.62 -0.16
N ASP A 32 -2.16 1.25 1.04
CA ASP A 32 -3.41 1.36 1.78
C ASP A 32 -4.24 2.54 1.16
N PHE A 33 -5.62 2.35 1.18
CA PHE A 33 -6.68 3.20 0.71
C PHE A 33 -7.60 3.32 1.96
N THR A 34 -7.47 4.45 2.69
CA THR A 34 -8.03 4.76 4.05
C THR A 34 -8.37 6.23 4.09
N ALA A 35 -9.58 6.45 4.71
CA ALA A 35 -10.03 7.70 5.23
C ALA A 35 -9.24 8.03 6.55
N SER A 36 -8.91 9.28 6.64
CA SER A 36 -8.30 9.87 7.88
C SER A 36 -9.16 9.68 9.23
N TRP A 37 -10.52 9.80 9.18
CA TRP A 37 -11.43 8.96 9.98
C TRP A 37 -11.41 7.43 9.81
N CYS A 38 -10.55 6.79 10.64
CA CYS A 38 -10.39 5.32 10.76
C CYS A 38 -9.37 5.07 11.91
N PRO A 39 -9.82 4.93 13.21
CA PRO A 39 -8.98 4.34 14.31
C PRO A 39 -8.41 2.87 14.04
N PRO A 40 -9.08 1.81 13.47
CA PRO A 40 -8.41 0.59 12.90
C PRO A 40 -7.17 0.72 11.95
N CYS A 41 -7.22 1.53 10.89
CA CYS A 41 -6.03 2.07 10.17
C CYS A 41 -4.97 2.97 10.92
N LYS A 42 -5.33 3.66 11.97
CA LYS A 42 -4.41 4.27 13.00
C LYS A 42 -3.46 3.43 13.80
N MET A 43 -3.95 2.30 14.31
CA MET A 43 -3.07 1.14 14.69
C MET A 43 -2.19 0.48 13.50
N ILE A 44 -2.87 0.24 12.35
CA ILE A 44 -2.26 -0.29 11.10
C ILE A 44 -1.11 0.48 10.49
N ALA A 45 -1.16 1.82 10.40
CA ALA A 45 -0.01 2.66 10.06
C ALA A 45 1.36 2.30 10.81
N PRO A 46 1.52 2.26 12.17
CA PRO A 46 2.62 1.50 12.82
C PRO A 46 2.96 0.02 12.47
N ILE A 47 1.93 -0.83 12.24
CA ILE A 47 2.01 -2.22 11.72
C ILE A 47 2.71 -2.28 10.35
N PHE A 48 2.22 -1.49 9.39
CA PHE A 48 2.81 -1.22 8.07
C PHE A 48 4.26 -0.66 8.04
N ALA A 49 4.72 0.16 9.02
CA ALA A 49 6.11 0.59 9.39
C ALA A 49 7.05 -0.54 10.03
N GLU A 50 6.65 -1.26 11.14
CA GLU A 50 7.37 -2.45 11.65
C GLU A 50 7.61 -3.56 10.52
N LEU A 51 6.53 -3.94 9.83
CA LEU A 51 6.60 -4.78 8.55
C LEU A 51 7.55 -4.25 7.46
N ALA A 52 7.53 -2.94 7.14
CA ALA A 52 8.54 -2.20 6.32
C ALA A 52 10.07 -2.37 6.61
N LYS A 53 10.42 -2.21 7.90
CA LYS A 53 11.76 -2.62 8.47
C LYS A 53 12.14 -4.13 8.31
N LYS A 54 11.15 -5.03 8.26
CA LYS A 54 11.16 -6.49 7.97
C LYS A 54 11.48 -6.85 6.45
N PHE A 55 11.01 -6.00 5.53
CA PHE A 55 10.76 -6.26 4.12
C PHE A 55 11.40 -5.01 3.32
N PRO A 56 12.66 -5.17 2.85
CA PRO A 56 13.36 -4.31 1.87
C PRO A 56 13.04 -4.20 0.35
N ASN A 57 12.60 -5.28 -0.25
CA ASN A 57 12.20 -5.48 -1.67
C ASN A 57 10.96 -4.59 -2.17
N VAL A 58 10.37 -3.83 -1.18
CA VAL A 58 8.92 -3.49 -1.26
C VAL A 58 8.72 -2.04 -0.66
N THR A 59 8.41 -1.06 -1.59
CA THR A 59 7.90 0.32 -1.25
C THR A 59 6.43 0.28 -0.66
N PHE A 60 6.18 1.30 0.15
CA PHE A 60 5.01 1.43 1.01
C PHE A 60 4.52 2.91 0.95
N LEU A 61 3.23 3.12 0.73
CA LEU A 61 2.62 4.39 0.47
C LEU A 61 1.14 4.31 0.94
N LYS A 62 0.49 5.50 1.18
CA LYS A 62 -0.87 5.54 1.88
C LYS A 62 -1.49 6.85 1.45
N VAL A 63 -2.67 6.63 0.85
CA VAL A 63 -3.63 7.62 0.23
C VAL A 63 -4.81 7.89 1.15
N ASP A 64 -5.00 9.22 1.38
CA ASP A 64 -6.32 9.80 1.87
C ASP A 64 -7.43 9.64 0.76
N VAL A 65 -8.28 8.65 0.98
CA VAL A 65 -9.46 8.31 0.07
C VAL A 65 -10.40 9.56 -0.25
N ASP A 66 -10.76 10.39 0.74
CA ASP A 66 -11.47 11.72 0.57
C ASP A 66 -10.80 12.63 -0.51
N GLU A 67 -9.51 12.79 -0.53
CA GLU A 67 -8.66 13.38 -1.64
C GLU A 67 -8.67 12.77 -3.06
N LEU A 68 -8.68 11.41 -3.18
CA LEU A 68 -8.32 10.71 -4.44
C LEU A 68 -9.14 9.36 -4.56
N LYS A 69 -10.44 9.54 -4.45
CA LYS A 69 -11.42 8.48 -4.80
C LYS A 69 -11.55 8.05 -6.26
N ALA A 70 -11.52 8.91 -7.27
CA ALA A 70 -11.48 8.48 -8.71
C ALA A 70 -10.55 7.30 -9.05
N VAL A 71 -9.27 7.52 -8.88
CA VAL A 71 -8.27 6.45 -8.87
C VAL A 71 -8.40 5.33 -7.82
N ALA A 72 -8.69 5.56 -6.48
CA ALA A 72 -8.88 4.47 -5.39
C ALA A 72 -9.90 3.38 -5.83
N GLU A 73 -11.01 3.96 -6.22
CA GLU A 73 -12.18 3.22 -6.82
C GLU A 73 -11.69 2.46 -8.07
N GLU A 74 -11.00 3.05 -9.10
CA GLU A 74 -10.40 2.36 -10.27
C GLU A 74 -9.57 1.09 -9.96
N TRP A 75 -8.56 1.15 -9.06
CA TRP A 75 -7.80 0.00 -8.59
C TRP A 75 -8.68 -1.20 -8.06
N ASN A 76 -9.55 -0.82 -7.16
CA ASN A 76 -10.79 -1.53 -6.83
C ASN A 76 -11.02 -1.14 -5.30
N VAL A 77 -11.84 -0.17 -4.92
CA VAL A 77 -12.00 0.34 -3.51
C VAL A 77 -13.47 0.90 -3.59
N GLU A 78 -14.48 0.02 -3.57
CA GLU A 78 -15.84 0.22 -3.00
C GLU A 78 -15.93 0.35 -1.39
N ALA A 79 -14.84 0.05 -0.62
CA ALA A 79 -14.88 -0.24 0.86
C ALA A 79 -13.47 0.23 1.57
N MET A 80 -13.63 0.78 2.72
CA MET A 80 -12.52 1.05 3.83
C MET A 80 -12.17 -0.27 4.63
N PRO A 81 -10.87 -0.94 4.61
CA PRO A 81 -9.80 -0.23 3.75
C PRO A 81 -8.86 -1.28 3.35
N THR A 82 -8.54 -0.94 2.11
CA THR A 82 -8.07 -1.81 0.90
C THR A 82 -6.47 -1.45 0.62
N PHE A 83 -5.70 -2.51 0.88
CA PHE A 83 -4.28 -2.75 0.49
C PHE A 83 -4.16 -3.44 -0.91
N ILE A 84 -3.47 -2.74 -1.85
CA ILE A 84 -3.09 -3.06 -3.23
C ILE A 84 -1.60 -3.36 -3.36
N PHE A 85 -1.43 -4.16 -4.41
CA PHE A 85 -0.22 -4.92 -4.79
C PHE A 85 0.08 -4.80 -6.27
N LEU A 86 1.10 -4.05 -6.58
CA LEU A 86 1.43 -3.60 -7.87
C LEU A 86 2.95 -3.73 -7.85
N LYS A 87 3.36 -4.46 -8.84
CA LYS A 87 4.72 -4.99 -9.00
C LYS A 87 5.23 -4.52 -10.41
N ASP A 88 6.45 -4.88 -10.72
CA ASP A 88 6.92 -4.93 -12.16
C ASP A 88 6.19 -5.98 -13.17
N GLY A 89 4.90 -5.98 -13.18
CA GLY A 89 4.02 -6.63 -14.11
C GLY A 89 2.54 -6.51 -13.83
N LYS A 90 2.12 -5.24 -13.81
CA LYS A 90 0.77 -4.70 -13.41
C LYS A 90 0.19 -5.03 -11.95
N LEU A 91 -1.15 -4.76 -11.72
CA LEU A 91 -1.94 -5.24 -10.53
C LEU A 91 -1.93 -6.80 -10.37
N VAL A 92 -1.02 -7.21 -9.39
CA VAL A 92 -0.95 -8.55 -8.82
C VAL A 92 -2.13 -9.01 -7.90
N ASP A 93 -2.47 -8.20 -6.91
CA ASP A 93 -3.39 -8.54 -5.80
C ASP A 93 -4.13 -7.28 -5.21
N LYS A 94 -5.20 -7.67 -4.52
CA LYS A 94 -6.18 -6.82 -3.78
C LYS A 94 -6.73 -7.59 -2.49
N THR A 95 -6.83 -6.93 -1.32
CA THR A 95 -7.28 -7.42 0.02
C THR A 95 -7.55 -6.13 0.92
N VAL A 96 -8.64 -6.21 1.68
CA VAL A 96 -9.31 -5.04 2.30
C VAL A 96 -9.64 -5.69 3.69
N GLY A 97 -8.89 -5.29 4.72
CA GLY A 97 -9.18 -5.52 6.11
C GLY A 97 -7.94 -5.17 6.91
N ALA A 98 -8.07 -4.17 7.82
CA ALA A 98 -7.15 -3.91 8.91
C ALA A 98 -7.05 -5.07 9.89
N ASP A 99 -5.86 -5.69 9.98
CA ASP A 99 -5.56 -6.89 10.80
C ASP A 99 -4.03 -6.89 10.98
N LYS A 100 -3.58 -6.85 12.22
CA LYS A 100 -2.17 -6.91 12.66
C LYS A 100 -1.17 -7.98 12.05
N ASP A 101 -1.44 -9.28 12.26
CA ASP A 101 -0.82 -10.49 11.53
C ASP A 101 -1.16 -10.58 9.99
N GLY A 102 -2.38 -10.21 9.52
CA GLY A 102 -2.80 -10.19 8.08
C GLY A 102 -1.85 -9.66 7.04
N LEU A 103 -1.62 -8.36 7.10
CA LEU A 103 -0.62 -7.61 6.31
C LEU A 103 0.79 -8.38 6.28
N PRO A 104 1.61 -8.58 7.38
CA PRO A 104 2.83 -9.45 7.31
C PRO A 104 2.80 -10.77 6.60
N THR A 105 1.73 -11.58 6.81
CA THR A 105 1.39 -12.80 5.99
C THR A 105 1.26 -12.48 4.46
N LEU A 106 0.36 -11.55 4.05
CA LEU A 106 0.09 -11.05 2.69
C LEU A 106 1.26 -10.67 1.88
N VAL A 107 2.07 -9.71 2.39
CA VAL A 107 3.45 -9.34 1.91
C VAL A 107 4.41 -10.54 1.89
N ALA A 108 4.63 -11.23 2.98
CA ALA A 108 5.39 -12.52 2.84
C ALA A 108 5.18 -13.49 1.66
N LYS A 109 3.94 -13.85 1.39
CA LYS A 109 3.54 -14.56 0.15
C LYS A 109 3.96 -13.81 -1.15
N HIS A 110 3.51 -12.57 -1.29
CA HIS A 110 3.82 -11.64 -2.42
C HIS A 110 5.28 -11.28 -2.78
N ALA A 111 6.00 -10.73 -1.79
CA ALA A 111 7.48 -10.52 -1.76
C ALA A 111 8.38 -11.83 -1.93
N THR A 112 8.10 -13.00 -1.28
CA THR A 112 8.68 -14.34 -1.80
C THR A 112 8.51 -14.64 -3.40
N ALA A 113 7.30 -14.54 -3.98
CA ALA A 113 6.88 -14.65 -5.36
C ALA A 113 7.39 -13.40 -6.13
N ALA A 1 22.39 -0.21 6.46
CA ALA A 1 21.02 0.30 6.62
C ALA A 1 20.34 0.19 5.23
N GLU A 2 19.34 -0.70 5.20
CA GLU A 2 18.63 -1.16 4.01
C GLU A 2 17.18 -1.59 4.40
N GLU A 3 16.15 -0.85 3.96
CA GLU A 3 14.75 -0.97 4.50
C GLU A 3 13.64 -0.47 3.49
N GLY A 4 12.37 -0.86 3.84
CA GLY A 4 11.12 -0.22 3.37
C GLY A 4 10.89 1.19 3.90
N GLN A 5 9.96 1.92 3.27
CA GLN A 5 9.69 3.36 3.55
C GLN A 5 8.20 3.53 3.22
N VAL A 6 7.47 4.04 4.21
CA VAL A 6 6.13 4.63 4.17
C VAL A 6 6.11 6.22 3.89
N ILE A 7 5.33 6.59 2.83
CA ILE A 7 5.16 7.96 2.22
C ILE A 7 3.60 8.33 2.05
N ALA A 8 3.22 9.50 2.59
CA ALA A 8 1.94 10.24 2.41
C ALA A 8 1.65 10.85 1.00
N CYS A 9 0.41 10.62 0.55
CA CYS A 9 -0.02 10.63 -0.91
C CYS A 9 -1.37 11.43 -0.91
N HIS A 10 -1.56 12.34 -1.83
CA HIS A 10 -2.55 13.49 -1.70
C HIS A 10 -3.16 14.02 -3.05
N THR A 11 -2.48 13.77 -4.24
CA THR A 11 -2.71 14.60 -5.48
C THR A 11 -2.45 13.63 -6.71
N VAL A 12 -2.36 14.24 -7.91
CA VAL A 12 -1.59 13.59 -8.99
C VAL A 12 -0.08 13.11 -8.78
N ASP A 13 0.56 13.65 -7.78
CA ASP A 13 1.88 13.25 -7.32
C ASP A 13 2.01 11.74 -6.99
N THR A 14 1.10 11.13 -6.25
CA THR A 14 0.91 9.64 -6.25
C THR A 14 0.79 8.88 -7.63
N TRP A 15 -0.02 9.43 -8.58
CA TRP A 15 -0.06 8.92 -9.97
C TRP A 15 1.28 8.68 -10.66
N LYS A 16 2.17 9.72 -10.55
CA LYS A 16 3.64 9.50 -10.76
C LYS A 16 4.24 8.35 -9.89
N GLU A 17 4.25 8.43 -8.55
CA GLU A 17 4.83 7.46 -7.56
C GLU A 17 4.44 5.96 -7.72
N HIS A 18 3.13 5.66 -7.54
CA HIS A 18 2.51 4.34 -7.77
C HIS A 18 2.80 3.67 -9.14
N PHE A 19 2.50 4.38 -10.23
CA PHE A 19 2.82 3.97 -11.63
C PHE A 19 4.34 3.70 -12.04
N GLU A 20 5.24 4.74 -11.89
CA GLU A 20 6.69 4.73 -12.20
C GLU A 20 7.52 3.73 -11.38
N LYS A 21 7.61 3.79 -10.07
CA LYS A 21 8.21 2.66 -9.21
C LYS A 21 7.65 1.23 -9.55
N GLY A 22 6.30 1.04 -9.40
CA GLY A 22 5.57 -0.20 -9.80
C GLY A 22 5.89 -0.93 -11.07
N LYS A 23 5.35 -0.44 -12.14
CA LYS A 23 5.87 -0.57 -13.47
C LYS A 23 7.02 0.39 -13.76
N GLY A 24 8.21 -0.26 -13.65
CA GLY A 24 9.42 0.33 -14.33
C GLY A 24 10.79 -0.10 -13.69
N SER A 25 10.81 0.06 -12.33
CA SER A 25 11.90 -0.41 -11.41
C SER A 25 11.45 -1.84 -10.94
N GLN A 26 12.34 -2.80 -11.00
CA GLN A 26 12.25 -4.19 -10.51
C GLN A 26 12.11 -4.30 -8.95
N LYS A 27 10.92 -4.00 -8.53
CA LYS A 27 10.41 -3.95 -7.09
C LYS A 27 8.89 -4.19 -6.95
N LEU A 28 8.58 -4.62 -5.72
CA LEU A 28 7.20 -4.67 -5.10
C LEU A 28 6.83 -3.24 -4.46
N ILE A 29 5.49 -2.90 -4.49
CA ILE A 29 4.88 -1.61 -4.00
C ILE A 29 3.44 -2.03 -3.46
N VAL A 30 3.11 -1.53 -2.29
CA VAL A 30 1.97 -1.95 -1.45
C VAL A 30 1.47 -0.68 -0.88
N VAL A 31 0.18 -0.44 -0.99
CA VAL A 31 -0.55 0.84 -0.90
C VAL A 31 -1.89 0.48 -0.08
N ASP A 32 -1.95 1.03 1.12
CA ASP A 32 -3.15 1.37 1.90
C ASP A 32 -3.98 2.63 1.32
N PHE A 33 -5.31 2.46 1.16
CA PHE A 33 -6.45 3.34 0.75
C PHE A 33 -7.34 3.44 2.02
N THR A 34 -7.48 4.59 2.70
CA THR A 34 -8.08 4.66 4.08
C THR A 34 -8.48 6.20 4.19
N ALA A 35 -9.59 6.30 4.92
CA ALA A 35 -10.01 7.60 5.45
C ALA A 35 -9.22 7.89 6.70
N SER A 36 -9.15 9.13 7.07
CA SER A 36 -8.67 9.65 8.40
C SER A 36 -9.48 9.18 9.65
N TRP A 37 -10.79 9.19 9.50
CA TRP A 37 -11.79 8.50 10.31
C TRP A 37 -11.86 6.93 10.20
N CYS A 38 -10.80 6.34 10.75
CA CYS A 38 -10.60 4.87 10.68
C CYS A 38 -9.65 4.38 11.88
N PRO A 39 -10.16 4.13 13.15
CA PRO A 39 -9.43 3.46 14.22
C PRO A 39 -8.74 2.05 13.97
N PRO A 40 -9.30 1.03 13.26
CA PRO A 40 -8.58 -0.11 12.70
C PRO A 40 -7.31 0.13 11.85
N CYS A 41 -7.34 1.10 10.93
CA CYS A 41 -6.21 1.75 10.23
C CYS A 41 -5.32 2.83 10.93
N LYS A 42 -5.73 3.55 11.98
CA LYS A 42 -4.85 4.27 12.94
C LYS A 42 -3.85 3.38 13.70
N MET A 43 -4.19 2.14 14.23
CA MET A 43 -3.24 1.03 14.45
C MET A 43 -2.48 0.36 13.27
N ILE A 44 -3.11 0.18 12.09
CA ILE A 44 -2.46 -0.25 10.80
C ILE A 44 -1.36 0.64 10.18
N ALA A 45 -1.41 1.99 10.36
CA ALA A 45 -0.29 2.87 10.06
C ALA A 45 1.07 2.44 10.64
N PRO A 46 1.27 2.28 11.97
CA PRO A 46 2.37 1.45 12.60
C PRO A 46 2.66 -0.02 12.27
N ILE A 47 1.62 -0.93 12.05
CA ILE A 47 1.85 -2.26 11.42
C ILE A 47 2.62 -2.23 10.05
N PHE A 48 2.07 -1.46 9.10
CA PHE A 48 2.68 -1.08 7.83
C PHE A 48 4.16 -0.54 7.92
N ALA A 49 4.51 0.31 8.87
CA ALA A 49 5.87 0.70 9.28
C ALA A 49 6.79 -0.39 9.90
N GLU A 50 6.34 -1.09 10.89
CA GLU A 50 7.04 -2.34 11.42
C GLU A 50 7.39 -3.39 10.37
N LEU A 51 6.36 -3.90 9.69
CA LEU A 51 6.44 -4.74 8.52
C LEU A 51 7.41 -4.16 7.39
N ALA A 52 7.26 -2.89 6.95
CA ALA A 52 8.18 -2.21 6.04
C ALA A 52 9.68 -2.35 6.46
N LYS A 53 10.05 -2.09 7.76
CA LYS A 53 11.40 -2.40 8.32
C LYS A 53 11.83 -3.93 8.12
N LYS A 54 10.91 -4.88 8.46
CA LYS A 54 10.99 -6.38 8.34
C LYS A 54 11.28 -6.87 6.86
N PHE A 55 10.92 -6.04 5.82
CA PHE A 55 10.73 -6.35 4.43
C PHE A 55 11.44 -5.14 3.58
N PRO A 56 12.66 -5.20 3.00
CA PRO A 56 13.39 -4.23 2.16
C PRO A 56 13.18 -4.03 0.63
N ASN A 57 12.75 -5.09 -0.13
CA ASN A 57 12.39 -5.09 -1.64
C ASN A 57 11.19 -4.14 -2.09
N VAL A 58 10.64 -3.39 -1.18
CA VAL A 58 9.21 -3.03 -1.27
C VAL A 58 9.02 -1.64 -0.73
N THR A 59 8.57 -0.75 -1.65
CA THR A 59 8.03 0.59 -1.34
C THR A 59 6.60 0.44 -0.66
N PHE A 60 6.25 1.49 0.08
CA PHE A 60 5.00 1.66 0.92
C PHE A 60 4.56 3.14 0.84
N LEU A 61 3.23 3.24 0.69
CA LEU A 61 2.60 4.51 0.47
C LEU A 61 1.08 4.42 0.91
N LYS A 62 0.51 5.63 1.22
CA LYS A 62 -0.74 5.77 2.03
C LYS A 62 -1.49 6.96 1.40
N VAL A 63 -2.60 6.63 0.72
CA VAL A 63 -3.58 7.54 0.09
C VAL A 63 -4.65 7.89 1.14
N ASP A 64 -4.77 9.20 1.27
CA ASP A 64 -5.86 9.96 1.90
C ASP A 64 -6.99 9.95 0.84
N VAL A 65 -7.83 8.89 0.98
CA VAL A 65 -9.10 8.83 0.22
C VAL A 65 -10.05 10.11 0.10
N ASP A 66 -10.21 10.86 1.27
CA ASP A 66 -10.94 12.12 1.29
C ASP A 66 -10.48 13.16 0.11
N GLU A 67 -9.12 13.29 -0.10
CA GLU A 67 -8.48 13.84 -1.29
C GLU A 67 -8.70 13.09 -2.67
N LEU A 68 -8.72 11.76 -2.67
CA LEU A 68 -8.49 10.83 -3.85
C LEU A 68 -9.42 9.49 -3.86
N LYS A 69 -10.72 9.82 -3.81
CA LYS A 69 -11.90 8.94 -3.96
C LYS A 69 -12.13 8.34 -5.37
N ALA A 70 -12.17 9.17 -6.42
CA ALA A 70 -12.28 8.76 -7.88
C ALA A 70 -11.30 7.61 -8.42
N VAL A 71 -9.99 7.93 -8.47
CA VAL A 71 -8.89 6.91 -8.58
C VAL A 71 -8.73 5.81 -7.44
N ALA A 72 -8.83 6.06 -6.09
CA ALA A 72 -9.05 4.95 -5.16
C ALA A 72 -10.07 3.85 -5.67
N GLU A 73 -11.24 4.35 -5.93
CA GLU A 73 -12.36 3.54 -6.58
C GLU A 73 -11.94 2.69 -7.88
N GLU A 74 -11.32 3.39 -8.86
CA GLU A 74 -10.65 2.81 -10.08
C GLU A 74 -9.68 1.57 -9.94
N TRP A 75 -8.68 1.58 -9.06
CA TRP A 75 -7.81 0.38 -8.66
C TRP A 75 -8.66 -0.76 -7.99
N ASN A 76 -9.58 -0.39 -7.04
CA ASN A 76 -10.85 -1.10 -6.80
C ASN A 76 -11.15 -0.85 -5.28
N VAL A 77 -11.71 0.29 -4.95
CA VAL A 77 -11.98 0.83 -3.55
C VAL A 77 -13.37 1.64 -3.52
N GLU A 78 -14.44 0.85 -3.56
CA GLU A 78 -15.70 1.07 -2.72
C GLU A 78 -15.67 0.88 -1.18
N ALA A 79 -14.50 0.49 -0.50
CA ALA A 79 -14.41 -0.02 0.86
C ALA A 79 -13.11 0.23 1.51
N MET A 80 -13.27 0.90 2.63
CA MET A 80 -12.26 0.98 3.78
C MET A 80 -12.15 -0.43 4.36
N PRO A 81 -10.96 -1.23 4.31
CA PRO A 81 -9.77 -0.68 3.66
C PRO A 81 -8.68 -1.68 3.17
N THR A 82 -8.16 -1.17 2.08
CA THR A 82 -7.68 -1.86 0.91
C THR A 82 -6.15 -1.51 0.73
N PHE A 83 -5.56 -2.69 0.60
CA PHE A 83 -4.11 -3.00 0.44
C PHE A 83 -3.99 -3.78 -0.93
N ILE A 84 -3.25 -3.11 -1.81
CA ILE A 84 -3.18 -3.33 -3.30
C ILE A 84 -1.66 -3.42 -3.62
N PHE A 85 -1.51 -4.36 -4.55
CA PHE A 85 -0.26 -5.11 -4.72
C PHE A 85 -0.01 -5.02 -6.24
N LEU A 86 1.13 -4.24 -6.50
CA LEU A 86 1.52 -3.69 -7.86
C LEU A 86 3.08 -3.77 -7.84
N LYS A 87 3.52 -4.44 -8.89
CA LYS A 87 4.90 -4.93 -9.13
C LYS A 87 5.31 -4.46 -10.59
N ASP A 88 6.59 -4.82 -10.89
CA ASP A 88 7.07 -4.81 -12.33
C ASP A 88 6.30 -5.75 -13.31
N GLY A 89 4.95 -5.58 -13.41
CA GLY A 89 4.11 -6.22 -14.46
C GLY A 89 2.55 -6.10 -14.28
N LYS A 90 2.13 -4.85 -13.93
CA LYS A 90 0.72 -4.40 -13.53
C LYS A 90 0.23 -4.96 -12.13
N LEU A 91 -1.09 -4.82 -11.84
CA LEU A 91 -1.87 -5.40 -10.69
C LEU A 91 -1.66 -6.95 -10.57
N VAL A 92 -0.94 -7.36 -9.58
CA VAL A 92 -0.78 -8.76 -9.08
C VAL A 92 -1.90 -9.24 -8.04
N ASP A 93 -2.41 -8.45 -7.08
CA ASP A 93 -3.39 -8.89 -6.03
C ASP A 93 -4.09 -7.73 -5.23
N LYS A 94 -5.21 -8.03 -4.50
CA LYS A 94 -6.03 -7.11 -3.77
C LYS A 94 -6.78 -7.84 -2.64
N THR A 95 -6.70 -7.22 -1.47
CA THR A 95 -7.11 -7.70 -0.20
C THR A 95 -7.71 -6.39 0.39
N VAL A 96 -8.70 -6.61 1.25
CA VAL A 96 -9.49 -5.52 1.90
C VAL A 96 -9.94 -6.08 3.28
N GLY A 97 -9.15 -5.67 4.25
CA GLY A 97 -9.31 -6.05 5.68
C GLY A 97 -8.31 -5.17 6.46
N ALA A 98 -8.13 -5.55 7.74
CA ALA A 98 -7.28 -4.75 8.74
C ALA A 98 -7.00 -5.73 9.87
N ASP A 99 -5.75 -6.19 9.87
CA ASP A 99 -5.24 -7.29 10.72
C ASP A 99 -3.70 -7.04 10.96
N LYS A 100 -3.34 -6.99 12.24
CA LYS A 100 -1.91 -7.04 12.66
C LYS A 100 -0.88 -8.07 12.14
N ASP A 101 -1.15 -9.34 12.39
CA ASP A 101 -0.47 -10.56 11.78
C ASP A 101 -0.85 -10.88 10.29
N GLY A 102 -2.12 -10.74 9.86
CA GLY A 102 -2.63 -10.87 8.47
C GLY A 102 -1.89 -10.20 7.28
N LEU A 103 -1.79 -8.86 7.38
CA LEU A 103 -0.99 -8.00 6.48
C LEU A 103 0.54 -8.42 6.31
N PRO A 104 1.49 -8.48 7.31
CA PRO A 104 2.76 -9.28 7.24
C PRO A 104 2.79 -10.80 6.63
N THR A 105 1.75 -11.62 6.88
CA THR A 105 1.53 -12.99 6.28
C THR A 105 1.31 -12.86 4.71
N LEU A 106 0.28 -12.11 4.22
CA LEU A 106 0.09 -11.74 2.81
C LEU A 106 1.35 -11.12 2.08
N VAL A 107 1.97 -10.15 2.68
CA VAL A 107 3.21 -9.44 2.18
C VAL A 107 4.44 -10.42 2.11
N ALA A 108 4.66 -11.36 3.10
CA ALA A 108 5.58 -12.53 3.01
C ALA A 108 5.29 -13.47 1.79
N LYS A 109 4.05 -13.85 1.51
CA LYS A 109 3.59 -14.50 0.25
C LYS A 109 3.79 -13.70 -1.13
N HIS A 110 3.57 -12.37 -1.20
CA HIS A 110 4.03 -11.45 -2.30
C HIS A 110 5.58 -11.29 -2.50
N ALA A 111 6.30 -10.76 -1.49
CA ALA A 111 7.80 -10.47 -1.44
C ALA A 111 8.74 -11.61 -1.79
N THR A 112 8.51 -12.81 -1.22
CA THR A 112 8.94 -14.11 -1.74
C THR A 112 8.41 -14.49 -3.13
N ALA A 113 7.10 -14.65 -3.28
CA ALA A 113 6.42 -15.24 -4.46
C ALA A 113 7.13 -16.49 -5.06
N ALA A 1 20.83 2.53 6.11
CA ALA A 1 19.65 1.68 6.40
C ALA A 1 19.17 1.12 4.98
N GLU A 2 18.72 -0.11 5.07
CA GLU A 2 18.26 -1.02 3.96
C GLU A 2 16.79 -1.57 4.34
N GLU A 3 15.80 -0.72 4.06
CA GLU A 3 14.42 -0.87 4.54
C GLU A 3 13.42 -0.25 3.55
N GLY A 4 12.20 -0.74 3.60
CA GLY A 4 11.03 -0.09 3.03
C GLY A 4 10.52 1.17 3.83
N GLN A 5 9.57 1.91 3.32
CA GLN A 5 9.18 3.20 3.87
C GLN A 5 7.74 3.53 3.34
N VAL A 6 6.92 4.00 4.31
CA VAL A 6 5.51 4.47 4.11
C VAL A 6 5.71 6.01 3.83
N ILE A 7 5.19 6.38 2.64
CA ILE A 7 5.23 7.71 2.02
C ILE A 7 3.69 8.12 1.97
N ALA A 8 3.50 9.33 2.59
CA ALA A 8 2.26 10.19 2.49
C ALA A 8 1.95 10.74 1.06
N CYS A 9 0.63 10.66 0.71
CA CYS A 9 0.02 10.92 -0.62
C CYS A 9 -1.42 11.62 -0.50
N HIS A 10 -1.68 12.56 -1.43
CA HIS A 10 -2.82 13.48 -1.40
C HIS A 10 -3.37 14.02 -2.80
N THR A 11 -2.56 13.88 -3.92
CA THR A 11 -2.72 14.69 -5.22
C THR A 11 -2.29 13.82 -6.50
N VAL A 12 -2.23 14.53 -7.64
CA VAL A 12 -1.53 13.99 -8.87
C VAL A 12 -0.08 13.51 -8.59
N ASP A 13 0.67 14.14 -7.69
CA ASP A 13 2.01 13.68 -7.20
C ASP A 13 2.09 12.15 -6.85
N THR A 14 1.26 11.59 -5.98
CA THR A 14 1.02 10.05 -5.89
C THR A 14 0.78 9.23 -7.29
N TRP A 15 0.02 9.81 -8.25
CA TRP A 15 -0.09 9.29 -9.69
C TRP A 15 1.29 9.08 -10.38
N LYS A 16 2.21 10.00 -10.24
CA LYS A 16 3.66 9.77 -10.51
C LYS A 16 4.40 8.70 -9.62
N GLU A 17 4.36 8.77 -8.27
CA GLU A 17 4.97 7.85 -7.27
C GLU A 17 4.66 6.32 -7.46
N HIS A 18 3.37 6.05 -7.34
CA HIS A 18 2.73 4.74 -7.57
C HIS A 18 3.01 4.03 -8.91
N PHE A 19 2.62 4.69 -9.97
CA PHE A 19 2.77 4.18 -11.36
C PHE A 19 4.24 3.70 -11.81
N GLU A 20 5.20 4.67 -11.80
CA GLU A 20 6.63 4.46 -12.15
C GLU A 20 7.44 3.47 -11.22
N LYS A 21 7.31 3.63 -9.91
CA LYS A 21 7.81 2.64 -8.94
C LYS A 21 7.38 1.19 -9.21
N GLY A 22 6.12 0.86 -9.11
CA GLY A 22 5.56 -0.41 -9.65
C GLY A 22 6.00 -0.89 -11.05
N LYS A 23 5.22 -0.56 -12.10
CA LYS A 23 5.68 -0.51 -13.50
C LYS A 23 6.79 0.52 -13.76
N GLY A 24 7.99 -0.01 -13.56
CA GLY A 24 9.20 0.65 -14.09
C GLY A 24 10.49 0.15 -13.38
N SER A 25 10.40 0.17 -12.06
CA SER A 25 11.44 -0.18 -11.06
C SER A 25 11.22 -1.70 -10.72
N GLN A 26 12.29 -2.57 -10.90
CA GLN A 26 12.37 -4.04 -10.46
C GLN A 26 12.21 -4.09 -8.92
N LYS A 27 10.93 -4.05 -8.54
CA LYS A 27 10.47 -4.14 -7.11
C LYS A 27 8.90 -4.31 -7.04
N LEU A 28 8.41 -4.74 -5.87
CA LEU A 28 6.99 -4.74 -5.39
C LEU A 28 6.70 -3.30 -4.76
N ILE A 29 5.39 -2.89 -4.74
CA ILE A 29 4.85 -1.57 -4.22
C ILE A 29 3.47 -2.08 -3.67
N VAL A 30 3.15 -1.54 -2.51
CA VAL A 30 2.03 -1.99 -1.66
C VAL A 30 1.42 -0.74 -0.94
N VAL A 31 0.08 -0.56 -1.13
CA VAL A 31 -0.59 0.73 -1.03
C VAL A 31 -1.99 0.57 -0.35
N ASP A 32 -2.06 1.16 0.84
CA ASP A 32 -3.30 1.52 1.51
C ASP A 32 -4.10 2.70 0.88
N PHE A 33 -5.41 2.51 1.10
CA PHE A 33 -6.48 3.36 0.58
C PHE A 33 -7.36 3.43 1.89
N THR A 34 -7.36 4.60 2.55
CA THR A 34 -7.93 4.76 3.90
C THR A 34 -8.27 6.31 3.98
N ALA A 35 -9.38 6.51 4.72
CA ALA A 35 -9.91 7.82 5.23
C ALA A 35 -9.25 8.12 6.59
N SER A 36 -8.74 9.34 6.69
CA SER A 36 -8.19 9.87 7.99
C SER A 36 -9.08 9.60 9.34
N TRP A 37 -10.40 9.84 9.27
CA TRP A 37 -11.43 9.29 10.26
C TRP A 37 -11.50 7.77 10.27
N CYS A 38 -10.51 7.13 10.91
CA CYS A 38 -10.39 5.63 10.96
C CYS A 38 -9.41 5.24 12.07
N PRO A 39 -9.85 5.12 13.36
CA PRO A 39 -9.06 4.54 14.48
C PRO A 39 -8.39 3.12 14.26
N PRO A 40 -9.05 2.10 13.73
CA PRO A 40 -8.48 0.81 13.25
C PRO A 40 -7.22 0.90 12.34
N CYS A 41 -7.30 1.70 11.28
CA CYS A 41 -6.14 2.16 10.46
C CYS A 41 -5.12 3.11 11.14
N LYS A 42 -5.46 3.84 12.19
CA LYS A 42 -4.51 4.58 13.13
C LYS A 42 -3.50 3.58 13.85
N MET A 43 -3.98 2.38 14.28
CA MET A 43 -3.16 1.16 14.56
C MET A 43 -2.42 0.46 13.32
N ILE A 44 -3.18 0.10 12.22
CA ILE A 44 -2.63 -0.41 10.93
C ILE A 44 -1.42 0.36 10.23
N ALA A 45 -1.37 1.73 10.37
CA ALA A 45 -0.16 2.48 10.00
C ALA A 45 1.20 2.11 10.71
N PRO A 46 1.31 1.99 12.08
CA PRO A 46 2.35 1.17 12.71
C PRO A 46 2.60 -0.34 12.27
N ILE A 47 1.54 -1.14 12.05
CA ILE A 47 1.63 -2.54 11.45
C ILE A 47 2.33 -2.61 10.04
N PHE A 48 1.87 -1.75 9.17
CA PHE A 48 2.54 -1.41 7.87
C PHE A 48 4.07 -0.91 7.97
N ALA A 49 4.35 -0.06 8.99
CA ALA A 49 5.72 0.39 9.47
C ALA A 49 6.66 -0.67 10.08
N GLU A 50 6.23 -1.53 11.02
CA GLU A 50 6.99 -2.81 11.35
C GLU A 50 7.23 -3.80 10.16
N LEU A 51 6.17 -4.23 9.39
CA LEU A 51 6.38 -4.85 8.04
C LEU A 51 7.40 -4.12 7.01
N ALA A 52 7.31 -2.84 6.81
CA ALA A 52 8.37 -2.02 6.11
C ALA A 52 9.79 -2.26 6.60
N LYS A 53 10.03 -2.22 7.93
CA LYS A 53 11.32 -2.58 8.60
C LYS A 53 11.86 -3.98 8.34
N LYS A 54 10.95 -5.01 8.44
CA LYS A 54 11.18 -6.47 8.07
C LYS A 54 11.69 -6.71 6.58
N PHE A 55 11.19 -5.86 5.63
CA PHE A 55 11.08 -6.12 4.16
C PHE A 55 11.57 -4.89 3.37
N PRO A 56 12.83 -4.92 2.82
CA PRO A 56 13.43 -3.91 1.90
C PRO A 56 13.08 -4.01 0.35
N ASN A 57 12.63 -5.19 -0.24
CA ASN A 57 12.17 -5.29 -1.65
C ASN A 57 10.99 -4.38 -2.12
N VAL A 58 10.49 -3.58 -1.22
CA VAL A 58 9.14 -3.15 -1.37
C VAL A 58 8.95 -1.76 -0.76
N THR A 59 8.53 -0.85 -1.62
CA THR A 59 8.00 0.52 -1.33
C THR A 59 6.55 0.43 -0.79
N PHE A 60 6.18 1.56 -0.07
CA PHE A 60 4.92 1.63 0.75
C PHE A 60 4.47 3.11 0.72
N LEU A 61 3.13 3.16 0.54
CA LEU A 61 2.43 4.43 0.38
C LEU A 61 0.96 4.33 0.84
N LYS A 62 0.38 5.45 1.22
CA LYS A 62 -0.93 5.57 1.84
C LYS A 62 -1.54 6.94 1.29
N VAL A 63 -2.63 6.71 0.59
CA VAL A 63 -3.63 7.70 0.05
C VAL A 63 -4.71 8.10 1.16
N ASP A 64 -4.84 9.42 1.39
CA ASP A 64 -6.08 10.02 1.87
C ASP A 64 -7.29 9.84 0.85
N VAL A 65 -8.19 8.99 1.08
CA VAL A 65 -9.39 8.84 0.27
C VAL A 65 -10.28 10.10 0.04
N ASP A 66 -10.63 10.89 1.04
CA ASP A 66 -11.37 12.27 0.88
C ASP A 66 -10.85 13.07 -0.34
N GLU A 67 -9.49 13.26 -0.38
CA GLU A 67 -8.65 13.90 -1.41
C GLU A 67 -8.63 13.08 -2.80
N LEU A 68 -8.73 11.75 -2.93
CA LEU A 68 -8.53 10.87 -4.12
C LEU A 68 -9.46 9.63 -4.02
N LYS A 69 -10.73 9.86 -3.91
CA LYS A 69 -11.88 8.93 -3.91
C LYS A 69 -12.29 8.25 -5.26
N ALA A 70 -12.34 9.07 -6.39
CA ALA A 70 -12.55 8.61 -7.84
C ALA A 70 -11.50 7.57 -8.36
N VAL A 71 -10.28 7.92 -8.19
CA VAL A 71 -9.13 7.01 -8.38
C VAL A 71 -8.98 5.75 -7.56
N ALA A 72 -9.10 5.93 -6.24
CA ALA A 72 -9.25 4.82 -5.31
C ALA A 72 -10.33 3.72 -5.68
N GLU A 73 -11.59 4.26 -5.98
CA GLU A 73 -12.66 3.47 -6.61
C GLU A 73 -12.17 2.84 -7.95
N GLU A 74 -11.53 3.58 -8.93
CA GLU A 74 -10.79 2.98 -10.12
C GLU A 74 -9.85 1.74 -9.97
N TRP A 75 -8.85 1.75 -9.10
CA TRP A 75 -8.09 0.52 -8.65
C TRP A 75 -8.89 -0.65 -8.03
N ASN A 76 -9.79 -0.34 -7.07
CA ASN A 76 -11.02 -1.02 -6.81
C ASN A 76 -11.26 -0.87 -5.28
N VAL A 77 -11.89 0.31 -4.87
CA VAL A 77 -11.97 0.73 -3.43
C VAL A 77 -13.35 1.53 -3.30
N GLU A 78 -14.39 0.77 -2.96
CA GLU A 78 -15.64 1.22 -2.33
C GLU A 78 -15.68 1.06 -0.77
N ALA A 79 -14.51 0.80 -0.10
CA ALA A 79 -14.35 0.37 1.34
C ALA A 79 -13.01 0.78 1.90
N MET A 80 -13.21 1.28 3.09
CA MET A 80 -12.17 1.46 4.18
C MET A 80 -12.03 0.06 4.91
N PRO A 81 -10.87 -0.70 4.94
CA PRO A 81 -9.73 -0.22 4.05
C PRO A 81 -8.79 -1.32 3.48
N THR A 82 -8.27 -0.84 2.36
CA THR A 82 -7.91 -1.65 1.20
C THR A 82 -6.42 -1.40 0.84
N PHE A 83 -5.74 -2.48 0.98
CA PHE A 83 -4.44 -2.75 0.36
C PHE A 83 -4.52 -3.38 -1.08
N ILE A 84 -3.73 -2.74 -1.95
CA ILE A 84 -3.62 -2.96 -3.46
C ILE A 84 -2.05 -3.18 -3.60
N PHE A 85 -1.80 -4.14 -4.47
CA PHE A 85 -0.48 -4.83 -4.58
C PHE A 85 -0.14 -4.94 -6.13
N LEU A 86 1.03 -4.26 -6.45
CA LEU A 86 1.33 -3.96 -7.87
C LEU A 86 2.90 -4.03 -7.81
N LYS A 87 3.38 -4.87 -8.76
CA LYS A 87 4.85 -5.16 -9.18
C LYS A 87 5.20 -4.59 -10.56
N ASP A 88 6.50 -4.68 -10.89
CA ASP A 88 7.05 -4.67 -12.30
C ASP A 88 6.58 -5.61 -13.45
N GLY A 89 5.40 -6.18 -13.16
CA GLY A 89 4.65 -7.14 -13.93
C GLY A 89 3.13 -7.01 -13.72
N LYS A 90 2.56 -5.82 -13.72
CA LYS A 90 1.14 -5.40 -13.49
C LYS A 90 0.63 -5.78 -12.02
N LEU A 91 -0.65 -5.61 -11.79
CA LEU A 91 -1.41 -6.03 -10.62
C LEU A 91 -1.36 -7.56 -10.28
N VAL A 92 -0.57 -7.79 -9.21
CA VAL A 92 -0.47 -9.08 -8.55
C VAL A 92 -1.77 -9.45 -7.75
N ASP A 93 -2.26 -8.55 -6.77
CA ASP A 93 -3.27 -8.96 -5.76
C ASP A 93 -4.07 -7.72 -5.18
N LYS A 94 -5.21 -8.05 -4.50
CA LYS A 94 -6.20 -7.12 -3.93
C LYS A 94 -6.93 -7.82 -2.69
N THR A 95 -7.00 -7.09 -1.52
CA THR A 95 -7.57 -7.53 -0.25
C THR A 95 -7.90 -6.23 0.60
N VAL A 96 -8.92 -6.38 1.48
CA VAL A 96 -9.73 -5.28 2.10
C VAL A 96 -9.94 -5.78 3.55
N GLY A 97 -9.10 -5.36 4.49
CA GLY A 97 -9.25 -5.81 5.92
C GLY A 97 -8.24 -5.08 6.78
N ALA A 98 -8.29 -5.53 8.03
CA ALA A 98 -7.56 -5.05 9.18
C ALA A 98 -7.14 -6.26 10.13
N ASP A 99 -5.80 -6.41 10.35
CA ASP A 99 -5.18 -7.45 11.23
C ASP A 99 -3.63 -7.25 11.38
N LYS A 100 -3.24 -7.26 12.67
CA LYS A 100 -1.86 -7.24 13.13
C LYS A 100 -0.84 -8.21 12.30
N ASP A 101 -1.09 -9.54 12.19
CA ASP A 101 -0.45 -10.67 11.45
C ASP A 101 -0.79 -10.83 9.91
N GLY A 102 -2.05 -10.63 9.54
CA GLY A 102 -2.61 -10.73 8.16
C GLY A 102 -1.72 -10.01 7.04
N LEU A 103 -1.51 -8.63 7.21
CA LEU A 103 -0.53 -7.86 6.34
C LEU A 103 0.98 -8.41 6.25
N PRO A 104 1.74 -8.78 7.34
CA PRO A 104 2.91 -9.67 7.26
C PRO A 104 2.85 -11.06 6.51
N THR A 105 1.71 -11.79 6.68
CA THR A 105 1.30 -13.07 6.08
C THR A 105 1.12 -12.96 4.52
N LEU A 106 0.17 -12.09 4.05
CA LEU A 106 -0.05 -11.64 2.66
C LEU A 106 1.15 -11.09 1.78
N VAL A 107 1.92 -10.17 2.38
CA VAL A 107 3.26 -9.63 1.92
C VAL A 107 4.36 -10.67 1.88
N ALA A 108 4.63 -11.48 2.92
CA ALA A 108 5.52 -12.68 2.79
C ALA A 108 5.32 -13.52 1.50
N LYS A 109 4.13 -14.07 1.40
CA LYS A 109 3.62 -14.75 0.12
C LYS A 109 3.91 -14.08 -1.24
N HIS A 110 3.60 -12.72 -1.38
CA HIS A 110 3.96 -11.84 -2.54
C HIS A 110 5.53 -11.70 -2.66
N ALA A 111 6.21 -11.03 -1.73
CA ALA A 111 7.69 -10.85 -1.66
C ALA A 111 8.73 -11.93 -1.98
N THR A 112 8.38 -13.23 -1.77
CA THR A 112 9.16 -14.48 -2.17
C THR A 112 9.12 -14.70 -3.71
N ALA A 113 8.10 -15.33 -4.35
CA ALA A 113 7.97 -15.37 -5.83
C ALA A 113 8.10 -14.04 -6.52
N ALA A 1 22.03 1.10 5.45
CA ALA A 1 20.61 1.61 5.43
C ALA A 1 19.88 1.16 4.14
N GLU A 2 18.95 0.18 4.35
CA GLU A 2 18.19 -0.51 3.27
C GLU A 2 16.97 -1.06 4.00
N GLU A 3 15.85 -0.39 3.68
CA GLU A 3 14.53 -0.70 4.26
C GLU A 3 13.44 -0.04 3.40
N GLY A 4 12.27 -0.61 3.68
CA GLY A 4 10.90 -0.17 3.31
C GLY A 4 10.52 1.09 4.08
N GLN A 5 9.60 1.80 3.45
CA GLN A 5 9.21 3.13 3.87
C GLN A 5 7.69 3.33 3.43
N VAL A 6 6.90 3.87 4.39
CA VAL A 6 5.49 4.27 4.30
C VAL A 6 5.53 5.83 4.30
N ILE A 7 5.10 6.38 3.18
CA ILE A 7 5.10 7.80 2.71
C ILE A 7 3.60 8.19 2.51
N ALA A 8 3.24 9.20 3.29
CA ALA A 8 2.02 10.00 3.18
C ALA A 8 1.70 10.67 1.82
N CYS A 9 0.45 10.50 1.31
CA CYS A 9 0.02 10.72 -0.12
C CYS A 9 -1.44 11.29 -0.23
N HIS A 10 -1.59 12.29 -1.20
CA HIS A 10 -2.72 13.25 -1.18
C HIS A 10 -3.16 13.70 -2.66
N THR A 11 -2.34 13.61 -3.69
CA THR A 11 -2.49 14.53 -4.88
C THR A 11 -1.96 13.73 -6.15
N VAL A 12 -2.06 14.25 -7.45
CA VAL A 12 -1.35 13.68 -8.65
C VAL A 12 0.25 13.39 -8.52
N ASP A 13 0.93 14.02 -7.51
CA ASP A 13 2.26 13.67 -7.10
C ASP A 13 2.35 12.17 -6.66
N THR A 14 1.45 11.60 -5.89
CA THR A 14 1.29 10.13 -5.77
C THR A 14 1.10 9.29 -7.13
N TRP A 15 0.32 9.80 -8.06
CA TRP A 15 0.33 9.24 -9.41
C TRP A 15 1.74 9.17 -10.11
N LYS A 16 2.61 10.11 -9.92
CA LYS A 16 4.05 9.88 -10.24
C LYS A 16 4.66 8.67 -9.50
N GLU A 17 4.68 8.76 -8.15
CA GLU A 17 5.24 7.74 -7.21
C GLU A 17 4.86 6.28 -7.39
N HIS A 18 3.56 6.02 -7.25
CA HIS A 18 2.91 4.73 -7.46
C HIS A 18 3.19 4.11 -8.87
N PHE A 19 2.81 4.79 -9.96
CA PHE A 19 3.07 4.44 -11.35
C PHE A 19 4.58 4.23 -11.77
N GLU A 20 5.52 5.20 -11.58
CA GLU A 20 7.03 5.05 -11.68
C GLU A 20 7.71 3.87 -10.95
N LYS A 21 7.59 3.70 -9.64
CA LYS A 21 8.06 2.51 -8.88
C LYS A 21 7.47 1.14 -9.40
N GLY A 22 6.17 1.05 -9.39
CA GLY A 22 5.37 -0.12 -9.85
C GLY A 22 5.75 -0.70 -11.22
N LYS A 23 5.25 -0.07 -12.29
CA LYS A 23 5.61 -0.15 -13.67
C LYS A 23 6.73 0.95 -13.98
N GLY A 24 7.97 0.48 -13.78
CA GLY A 24 9.15 1.16 -14.27
C GLY A 24 10.48 0.55 -13.61
N SER A 25 10.34 0.05 -12.36
CA SER A 25 11.37 -0.46 -11.44
C SER A 25 11.01 -1.98 -11.11
N GLN A 26 12.06 -2.85 -11.22
CA GLN A 26 12.06 -4.22 -10.72
C GLN A 26 11.90 -4.27 -9.13
N LYS A 27 10.61 -4.04 -8.71
CA LYS A 27 10.19 -4.00 -7.31
C LYS A 27 8.59 -4.23 -7.23
N LEU A 28 8.23 -4.56 -6.03
CA LEU A 28 6.87 -4.52 -5.44
C LEU A 28 6.47 -3.19 -4.80
N ILE A 29 5.20 -2.84 -4.82
CA ILE A 29 4.52 -1.63 -4.35
C ILE A 29 3.12 -2.04 -3.73
N VAL A 30 3.00 -1.70 -2.47
CA VAL A 30 1.96 -2.11 -1.54
C VAL A 30 1.39 -0.75 -0.91
N VAL A 31 0.09 -0.60 -1.16
CA VAL A 31 -0.55 0.77 -1.15
C VAL A 31 -2.07 0.66 -0.51
N ASP A 32 -2.16 1.23 0.69
CA ASP A 32 -3.38 1.52 1.43
C ASP A 32 -4.25 2.72 0.83
N PHE A 33 -5.52 2.59 0.92
CA PHE A 33 -6.56 3.49 0.37
C PHE A 33 -7.58 3.58 1.54
N THR A 34 -7.47 4.71 2.28
CA THR A 34 -8.09 4.88 3.56
C THR A 34 -8.45 6.35 3.53
N ALA A 35 -9.59 6.62 4.24
CA ALA A 35 -9.86 7.96 4.84
C ALA A 35 -8.96 8.12 6.18
N SER A 36 -8.13 9.19 6.23
CA SER A 36 -7.35 9.56 7.42
C SER A 36 -7.95 9.34 8.80
N TRP A 37 -9.21 9.87 9.06
CA TRP A 37 -10.21 9.46 10.16
C TRP A 37 -10.62 7.96 10.18
N CYS A 38 -9.85 7.15 10.90
CA CYS A 38 -10.07 5.66 10.98
C CYS A 38 -9.23 5.14 12.21
N PRO A 39 -9.80 4.78 13.38
CA PRO A 39 -9.15 3.94 14.43
C PRO A 39 -8.65 2.54 14.03
N PRO A 40 -9.32 1.62 13.19
CA PRO A 40 -8.75 0.44 12.56
C PRO A 40 -7.41 0.64 11.78
N CYS A 41 -7.38 1.57 10.84
CA CYS A 41 -6.17 2.11 10.21
C CYS A 41 -5.23 2.98 11.10
N LYS A 42 -5.63 3.51 12.26
CA LYS A 42 -4.67 3.95 13.36
C LYS A 42 -3.74 2.79 13.91
N MET A 43 -4.25 1.62 14.50
CA MET A 43 -3.44 0.41 14.69
C MET A 43 -2.59 -0.12 13.48
N ILE A 44 -3.21 -0.33 12.33
CA ILE A 44 -2.46 -0.52 10.98
C ILE A 44 -1.33 0.51 10.64
N ALA A 45 -1.36 1.78 11.03
CA ALA A 45 -0.23 2.73 10.84
C ALA A 45 1.18 2.20 11.42
N PRO A 46 1.43 2.02 12.77
CA PRO A 46 2.52 1.14 13.29
C PRO A 46 2.64 -0.38 12.72
N ILE A 47 1.56 -1.17 12.55
CA ILE A 47 1.63 -2.49 11.86
C ILE A 47 2.33 -2.47 10.47
N PHE A 48 1.84 -1.56 9.60
CA PHE A 48 2.48 -1.19 8.27
C PHE A 48 3.96 -0.67 8.33
N ALA A 49 4.37 0.07 9.37
CA ALA A 49 5.68 0.46 9.73
C ALA A 49 6.70 -0.49 10.38
N GLU A 50 6.31 -1.40 11.25
CA GLU A 50 7.08 -2.59 11.67
C GLU A 50 7.41 -3.50 10.42
N LEU A 51 6.36 -4.04 9.75
CA LEU A 51 6.38 -4.79 8.47
C LEU A 51 7.29 -4.06 7.38
N ALA A 52 7.15 -2.72 7.15
CA ALA A 52 8.14 -1.95 6.32
C ALA A 52 9.65 -1.99 6.70
N LYS A 53 9.87 -1.80 8.03
CA LYS A 53 11.24 -2.10 8.59
C LYS A 53 11.76 -3.58 8.35
N LYS A 54 10.95 -4.62 8.36
CA LYS A 54 11.21 -5.99 7.99
C LYS A 54 11.61 -6.36 6.54
N PHE A 55 11.12 -5.56 5.60
CA PHE A 55 10.92 -5.80 4.16
C PHE A 55 11.49 -4.67 3.21
N PRO A 56 12.72 -4.84 2.67
CA PRO A 56 13.42 -4.05 1.71
C PRO A 56 13.03 -3.87 0.16
N ASN A 57 12.58 -5.00 -0.45
CA ASN A 57 12.14 -5.19 -1.87
C ASN A 57 10.86 -4.36 -2.39
N VAL A 58 10.22 -3.65 -1.41
CA VAL A 58 8.82 -3.33 -1.51
C VAL A 58 8.77 -1.86 -0.85
N THR A 59 8.47 -0.89 -1.75
CA THR A 59 7.92 0.40 -1.40
C THR A 59 6.45 0.38 -0.96
N PHE A 60 6.14 1.30 -0.09
CA PHE A 60 4.85 1.41 0.65
C PHE A 60 4.44 2.95 0.73
N LEU A 61 3.11 3.12 0.50
CA LEU A 61 2.50 4.41 0.39
C LEU A 61 0.98 4.33 0.76
N LYS A 62 0.47 5.51 1.16
CA LYS A 62 -0.82 5.54 1.93
C LYS A 62 -1.55 6.91 1.50
N VAL A 63 -2.56 6.68 0.69
CA VAL A 63 -3.47 7.68 0.03
C VAL A 63 -4.71 7.92 0.96
N ASP A 64 -4.81 9.20 1.38
CA ASP A 64 -6.07 9.84 1.73
C ASP A 64 -7.08 9.91 0.55
N VAL A 65 -8.06 9.01 0.64
CA VAL A 65 -9.20 8.84 -0.27
C VAL A 65 -10.13 10.08 -0.61
N ASP A 66 -10.48 10.94 0.36
CA ASP A 66 -11.24 12.22 0.15
C ASP A 66 -10.87 13.07 -1.10
N GLU A 67 -9.57 13.32 -1.25
CA GLU A 67 -8.87 13.88 -2.45
C GLU A 67 -8.66 12.96 -3.73
N LEU A 68 -8.84 11.60 -3.64
CA LEU A 68 -8.42 10.60 -4.68
C LEU A 68 -9.22 9.23 -4.71
N LYS A 69 -10.53 9.34 -4.74
CA LYS A 69 -11.59 8.32 -4.87
C LYS A 69 -11.75 7.73 -6.30
N ALA A 70 -11.61 8.56 -7.37
CA ALA A 70 -11.62 8.09 -8.78
C ALA A 70 -10.52 6.99 -9.06
N VAL A 71 -9.29 7.28 -8.76
CA VAL A 71 -8.18 6.37 -8.73
C VAL A 71 -8.31 5.14 -7.75
N ALA A 72 -8.62 5.37 -6.41
CA ALA A 72 -9.01 4.28 -5.46
C ALA A 72 -10.03 3.21 -5.88
N GLU A 73 -11.15 3.75 -6.31
CA GLU A 73 -12.29 3.07 -6.91
C GLU A 73 -11.76 2.30 -8.21
N GLU A 74 -10.94 2.91 -9.19
CA GLU A 74 -10.28 2.23 -10.31
C GLU A 74 -9.49 0.85 -10.00
N TRP A 75 -8.54 0.84 -9.01
CA TRP A 75 -7.92 -0.41 -8.51
C TRP A 75 -8.82 -1.55 -7.93
N ASN A 76 -9.74 -1.08 -7.07
CA ASN A 76 -11.07 -1.62 -6.78
C ASN A 76 -11.29 -1.40 -5.22
N VAL A 77 -11.94 -0.25 -4.98
CA VAL A 77 -12.21 0.31 -3.65
C VAL A 77 -13.58 1.05 -3.52
N GLU A 78 -14.59 0.26 -3.43
CA GLU A 78 -15.84 0.56 -2.78
C GLU A 78 -15.78 0.82 -1.22
N ALA A 79 -14.85 0.23 -0.49
CA ALA A 79 -14.85 -0.15 0.99
C ALA A 79 -13.54 0.31 1.59
N MET A 80 -13.62 0.97 2.83
CA MET A 80 -12.56 1.22 3.77
C MET A 80 -12.34 -0.07 4.60
N PRO A 81 -11.03 -0.53 4.69
CA PRO A 81 -9.86 -0.04 3.87
C PRO A 81 -8.78 -1.13 3.44
N THR A 82 -8.45 -0.81 2.26
CA THR A 82 -8.06 -1.71 1.22
C THR A 82 -6.62 -1.43 0.74
N PHE A 83 -5.72 -2.40 0.81
CA PHE A 83 -4.35 -2.52 0.35
C PHE A 83 -4.39 -3.25 -1.07
N ILE A 84 -3.58 -2.72 -1.94
CA ILE A 84 -3.42 -3.04 -3.37
C ILE A 84 -1.91 -3.22 -3.62
N PHE A 85 -1.67 -4.37 -4.23
CA PHE A 85 -0.36 -4.98 -4.62
C PHE A 85 -0.23 -4.74 -6.16
N LEU A 86 0.77 -3.94 -6.55
CA LEU A 86 0.98 -3.36 -7.88
C LEU A 86 2.57 -3.54 -8.01
N LYS A 87 2.97 -4.18 -9.04
CA LYS A 87 4.30 -4.68 -9.32
C LYS A 87 4.78 -4.12 -10.72
N ASP A 88 6.04 -4.32 -11.10
CA ASP A 88 6.42 -4.54 -12.53
C ASP A 88 5.71 -5.77 -13.27
N GLY A 89 4.35 -5.77 -13.19
CA GLY A 89 3.50 -6.77 -13.90
C GLY A 89 1.97 -6.49 -13.68
N LYS A 90 1.57 -5.16 -13.73
CA LYS A 90 0.23 -4.60 -13.47
C LYS A 90 -0.28 -4.98 -12.08
N LEU A 91 -1.55 -4.75 -11.79
CA LEU A 91 -2.28 -5.20 -10.57
C LEU A 91 -2.23 -6.76 -10.39
N VAL A 92 -1.31 -7.17 -9.48
CA VAL A 92 -1.17 -8.50 -8.88
C VAL A 92 -2.14 -8.96 -7.74
N ASP A 93 -2.71 -8.13 -6.75
CA ASP A 93 -3.50 -8.55 -5.59
C ASP A 93 -4.24 -7.36 -4.89
N LYS A 94 -5.22 -7.74 -3.99
CA LYS A 94 -6.09 -6.82 -3.27
C LYS A 94 -6.74 -7.48 -2.02
N THR A 95 -6.63 -6.77 -0.87
CA THR A 95 -7.09 -7.20 0.50
C THR A 95 -7.47 -5.88 1.31
N VAL A 96 -8.59 -6.16 2.02
CA VAL A 96 -9.40 -5.07 2.59
C VAL A 96 -9.78 -5.56 4.02
N GLY A 97 -9.12 -4.95 5.04
CA GLY A 97 -9.47 -5.09 6.49
C GLY A 97 -8.36 -4.34 7.24
N ALA A 98 -8.14 -4.89 8.43
CA ALA A 98 -7.14 -4.43 9.40
C ALA A 98 -6.94 -5.57 10.54
N ASP A 99 -5.85 -6.35 10.42
CA ASP A 99 -5.52 -7.54 11.27
C ASP A 99 -3.95 -7.47 11.32
N LYS A 100 -3.43 -7.32 12.58
CA LYS A 100 -1.98 -7.27 13.01
C LYS A 100 -1.00 -8.36 12.44
N ASP A 101 -1.55 -9.56 12.36
CA ASP A 101 -0.99 -10.83 11.71
C ASP A 101 -1.23 -10.94 10.20
N GLY A 102 -2.47 -10.66 9.69
CA GLY A 102 -2.89 -10.70 8.31
C GLY A 102 -1.99 -10.09 7.17
N LEU A 103 -1.57 -8.85 7.39
CA LEU A 103 -0.78 -7.97 6.53
C LEU A 103 0.71 -8.50 6.49
N PRO A 104 1.52 -8.63 7.55
CA PRO A 104 2.78 -9.41 7.51
C PRO A 104 2.79 -10.80 6.81
N THR A 105 1.74 -11.61 7.05
CA THR A 105 1.52 -12.90 6.29
C THR A 105 1.34 -12.76 4.69
N LEU A 106 0.33 -12.07 4.27
CA LEU A 106 0.11 -11.65 2.79
C LEU A 106 1.44 -11.14 2.03
N VAL A 107 2.06 -10.09 2.55
CA VAL A 107 3.37 -9.60 2.03
C VAL A 107 4.53 -10.65 1.99
N ALA A 108 4.77 -11.44 3.08
CA ALA A 108 5.66 -12.60 3.04
C ALA A 108 5.43 -13.55 1.82
N LYS A 109 4.20 -13.90 1.54
CA LYS A 109 3.75 -14.64 0.37
C LYS A 109 4.11 -13.96 -1.06
N HIS A 110 3.88 -12.64 -1.19
CA HIS A 110 4.18 -11.75 -2.38
C HIS A 110 5.68 -11.39 -2.76
N ALA A 111 6.39 -10.88 -1.81
CA ALA A 111 7.88 -10.70 -1.84
C ALA A 111 8.86 -11.89 -2.03
N THR A 112 8.67 -12.90 -1.18
CA THR A 112 9.37 -14.24 -1.23
C THR A 112 9.04 -15.14 -2.54
N ALA A 113 7.83 -15.03 -3.15
CA ALA A 113 7.55 -15.39 -4.56
C ALA A 113 8.42 -14.71 -5.61
N ALA A 1 22.37 0.55 5.65
CA ALA A 1 20.98 0.86 6.05
C ALA A 1 20.04 0.71 4.78
N GLU A 2 19.13 -0.31 4.79
CA GLU A 2 18.42 -0.79 3.58
C GLU A 2 17.03 -1.37 4.07
N GLU A 3 15.90 -0.68 3.72
CA GLU A 3 14.56 -1.01 4.27
C GLU A 3 13.44 -0.43 3.30
N GLY A 4 12.18 -0.90 3.49
CA GLY A 4 10.97 -0.14 3.02
C GLY A 4 10.81 1.14 3.68
N GLN A 5 9.71 1.88 3.29
CA GLN A 5 9.42 3.25 3.79
C GLN A 5 7.87 3.45 3.45
N VAL A 6 7.21 4.03 4.43
CA VAL A 6 5.84 4.51 4.54
C VAL A 6 5.81 6.04 4.26
N ILE A 7 5.08 6.37 3.17
CA ILE A 7 5.10 7.65 2.47
C ILE A 7 3.55 8.06 2.14
N ALA A 8 3.12 9.18 2.87
CA ALA A 8 1.93 9.88 2.64
C ALA A 8 1.73 10.44 1.21
N CYS A 9 0.45 10.38 0.83
CA CYS A 9 -0.03 10.58 -0.53
C CYS A 9 -1.40 11.28 -0.57
N HIS A 10 -1.53 12.28 -1.47
CA HIS A 10 -2.61 13.32 -1.42
C HIS A 10 -3.05 13.91 -2.81
N THR A 11 -2.36 13.69 -3.95
CA THR A 11 -2.57 14.56 -5.15
C THR A 11 -2.07 13.72 -6.40
N VAL A 12 -2.00 14.32 -7.64
CA VAL A 12 -1.28 13.76 -8.81
C VAL A 12 0.29 13.50 -8.67
N ASP A 13 0.94 14.06 -7.68
CA ASP A 13 2.19 13.52 -7.14
C ASP A 13 2.34 12.01 -6.72
N THR A 14 1.40 11.37 -5.98
CA THR A 14 1.22 9.89 -5.93
C THR A 14 0.98 9.06 -7.28
N TRP A 15 0.28 9.65 -8.28
CA TRP A 15 0.34 9.17 -9.68
C TRP A 15 1.83 9.07 -10.28
N LYS A 16 2.69 10.07 -10.02
CA LYS A 16 4.21 10.03 -10.16
C LYS A 16 4.85 8.81 -9.39
N GLU A 17 4.58 8.69 -8.07
CA GLU A 17 4.92 7.53 -7.27
C GLU A 17 4.43 6.07 -7.60
N HIS A 18 3.15 5.84 -7.43
CA HIS A 18 2.48 4.51 -7.61
C HIS A 18 2.73 3.77 -8.99
N PHE A 19 2.37 4.48 -10.03
CA PHE A 19 2.65 4.12 -11.44
C PHE A 19 4.06 3.84 -12.03
N GLU A 20 4.95 4.87 -11.89
CA GLU A 20 6.38 4.96 -12.25
C GLU A 20 7.38 3.97 -11.50
N LYS A 21 7.34 3.92 -10.16
CA LYS A 21 7.78 2.76 -9.34
C LYS A 21 7.19 1.33 -9.71
N GLY A 22 5.88 1.16 -9.51
CA GLY A 22 5.12 -0.08 -9.90
C GLY A 22 5.41 -0.70 -11.26
N LYS A 23 4.72 -0.39 -12.36
CA LYS A 23 5.14 -0.51 -13.75
C LYS A 23 6.35 0.53 -13.99
N GLY A 24 7.52 -0.07 -13.87
CA GLY A 24 8.77 0.54 -14.41
C GLY A 24 10.06 -0.05 -13.73
N SER A 25 9.99 0.28 -12.49
CA SER A 25 11.03 0.00 -11.48
C SER A 25 10.71 -1.45 -10.97
N GLN A 26 11.74 -2.27 -11.10
CA GLN A 26 11.80 -3.65 -10.58
C GLN A 26 11.83 -3.81 -9.04
N LYS A 27 10.60 -3.65 -8.45
CA LYS A 27 10.22 -3.75 -7.02
C LYS A 27 8.74 -4.19 -6.95
N LEU A 28 8.29 -4.36 -5.69
CA LEU A 28 6.94 -4.55 -5.23
C LEU A 28 6.56 -3.26 -4.52
N ILE A 29 5.26 -2.96 -4.47
CA ILE A 29 4.61 -1.78 -3.94
C ILE A 29 3.24 -2.32 -3.38
N VAL A 30 2.88 -1.88 -2.19
CA VAL A 30 1.77 -2.40 -1.34
C VAL A 30 1.21 -1.08 -0.77
N VAL A 31 -0.06 -0.89 -0.87
CA VAL A 31 -0.75 0.52 -0.90
C VAL A 31 -2.09 0.44 -0.17
N ASP A 32 -2.12 1.20 0.96
CA ASP A 32 -3.37 1.58 1.66
C ASP A 32 -4.12 2.74 0.89
N PHE A 33 -5.50 2.61 0.89
CA PHE A 33 -6.55 3.47 0.39
C PHE A 33 -7.59 3.36 1.58
N THR A 34 -7.60 4.45 2.27
CA THR A 34 -8.25 4.58 3.55
C THR A 34 -8.66 6.05 3.59
N ALA A 35 -9.69 6.29 4.35
CA ALA A 35 -10.09 7.55 4.91
C ALA A 35 -9.22 7.88 6.15
N SER A 36 -8.82 9.12 6.30
CA SER A 36 -8.16 9.62 7.58
C SER A 36 -8.90 9.34 8.97
N TRP A 37 -10.16 9.49 8.85
CA TRP A 37 -11.07 9.10 9.90
C TRP A 37 -11.27 7.58 10.10
N CYS A 38 -10.37 6.93 10.87
CA CYS A 38 -10.40 5.39 11.02
C CYS A 38 -9.48 4.97 12.24
N PRO A 39 -10.05 4.85 13.49
CA PRO A 39 -9.34 4.14 14.64
C PRO A 39 -8.68 2.73 14.37
N PRO A 40 -9.34 1.77 13.65
CA PRO A 40 -8.65 0.62 13.06
C PRO A 40 -7.32 0.88 12.25
N CYS A 41 -7.38 1.75 11.21
CA CYS A 41 -6.18 2.26 10.49
C CYS A 41 -5.14 3.16 11.25
N LYS A 42 -5.58 3.84 12.34
CA LYS A 42 -4.65 4.41 13.40
C LYS A 42 -3.68 3.43 14.12
N MET A 43 -4.13 2.21 14.51
CA MET A 43 -3.23 1.05 14.73
C MET A 43 -2.40 0.44 13.49
N ILE A 44 -3.08 0.11 12.33
CA ILE A 44 -2.43 -0.23 11.05
C ILE A 44 -1.25 0.57 10.50
N ALA A 45 -1.27 1.90 10.62
CA ALA A 45 -0.11 2.78 10.32
C ALA A 45 1.13 2.33 11.16
N PRO A 46 1.33 2.29 12.49
CA PRO A 46 2.41 1.62 13.22
C PRO A 46 2.75 0.15 12.78
N ILE A 47 1.79 -0.73 12.47
CA ILE A 47 2.03 -2.06 11.82
C ILE A 47 2.80 -1.98 10.48
N PHE A 48 2.26 -1.30 9.55
CA PHE A 48 2.78 -1.02 8.18
C PHE A 48 4.27 -0.37 8.26
N ALA A 49 4.67 0.50 9.23
CA ALA A 49 6.02 0.85 9.59
C ALA A 49 6.96 -0.24 10.11
N GLU A 50 6.60 -0.90 11.21
CA GLU A 50 7.29 -2.13 11.67
C GLU A 50 7.50 -3.28 10.63
N LEU A 51 6.44 -3.65 9.89
CA LEU A 51 6.47 -4.44 8.65
C LEU A 51 7.40 -3.93 7.50
N ALA A 52 7.51 -2.59 7.34
CA ALA A 52 8.51 -1.86 6.53
C ALA A 52 9.98 -2.01 6.95
N LYS A 53 10.24 -1.83 8.28
CA LYS A 53 11.51 -2.31 8.93
C LYS A 53 11.91 -3.79 8.72
N LYS A 54 10.89 -4.73 8.62
CA LYS A 54 11.04 -6.11 8.22
C LYS A 54 11.47 -6.43 6.75
N PHE A 55 11.01 -5.61 5.79
CA PHE A 55 10.79 -5.87 4.33
C PHE A 55 11.45 -4.69 3.43
N PRO A 56 12.77 -4.79 2.99
CA PRO A 56 13.54 -4.00 1.97
C PRO A 56 13.14 -3.96 0.41
N ASN A 57 12.64 -5.03 -0.16
CA ASN A 57 12.17 -5.10 -1.56
C ASN A 57 11.01 -4.21 -2.07
N VAL A 58 10.34 -3.60 -1.11
CA VAL A 58 8.88 -3.36 -1.18
C VAL A 58 8.64 -1.93 -0.61
N THR A 59 8.33 -0.97 -1.47
CA THR A 59 7.69 0.32 -1.10
C THR A 59 6.21 0.19 -0.55
N PHE A 60 5.94 1.27 0.17
CA PHE A 60 4.73 1.29 0.99
C PHE A 60 4.28 2.74 1.05
N LEU A 61 3.04 2.86 0.70
CA LEU A 61 2.41 4.17 0.43
C LEU A 61 0.89 4.10 0.97
N LYS A 62 0.43 5.24 1.41
CA LYS A 62 -0.86 5.41 2.16
C LYS A 62 -1.47 6.78 1.53
N VAL A 63 -2.54 6.50 0.76
CA VAL A 63 -3.49 7.42 0.12
C VAL A 63 -4.68 7.67 1.14
N ASP A 64 -4.89 9.03 1.34
CA ASP A 64 -6.18 9.58 1.82
C ASP A 64 -7.20 9.55 0.63
N VAL A 65 -8.27 8.72 0.79
CA VAL A 65 -9.53 8.74 -0.01
C VAL A 65 -10.28 10.05 -0.12
N ASP A 66 -10.41 10.73 1.02
CA ASP A 66 -10.97 12.17 1.07
C ASP A 66 -10.31 13.20 0.06
N GLU A 67 -8.93 13.15 -0.09
CA GLU A 67 -8.16 13.63 -1.30
C GLU A 67 -8.37 12.94 -2.71
N LEU A 68 -8.36 11.60 -2.83
CA LEU A 68 -8.18 10.79 -4.08
C LEU A 68 -9.07 9.46 -4.06
N LYS A 69 -10.35 9.78 -4.02
CA LYS A 69 -11.51 8.88 -4.23
C LYS A 69 -11.73 8.22 -5.64
N ALA A 70 -11.63 9.12 -6.65
CA ALA A 70 -11.65 8.68 -8.08
C ALA A 70 -10.63 7.64 -8.53
N VAL A 71 -9.36 7.99 -8.38
CA VAL A 71 -8.22 7.07 -8.54
C VAL A 71 -8.26 5.82 -7.60
N ALA A 72 -8.45 5.85 -6.32
CA ALA A 72 -8.65 4.60 -5.50
C ALA A 72 -9.69 3.55 -6.02
N GLU A 73 -10.87 4.09 -6.34
CA GLU A 73 -11.98 3.40 -7.07
C GLU A 73 -11.49 2.74 -8.34
N GLU A 74 -10.77 3.50 -9.22
CA GLU A 74 -10.10 2.93 -10.46
C GLU A 74 -9.24 1.62 -10.34
N TRP A 75 -8.24 1.65 -9.45
CA TRP A 75 -7.32 0.49 -9.13
C TRP A 75 -8.14 -0.74 -8.71
N ASN A 76 -9.07 -0.54 -7.76
CA ASN A 76 -10.27 -1.33 -7.55
C ASN A 76 -10.59 -1.25 -6.03
N VAL A 77 -11.36 -0.22 -5.64
CA VAL A 77 -11.54 0.19 -4.22
C VAL A 77 -13.10 0.75 -4.29
N GLU A 78 -13.98 -0.24 -4.17
CA GLU A 78 -15.31 -0.13 -3.65
C GLU A 78 -15.54 -0.14 -2.11
N ALA A 79 -14.46 -0.10 -1.26
CA ALA A 79 -14.59 -0.29 0.19
C ALA A 79 -13.28 0.22 1.10
N MET A 80 -13.63 0.95 2.11
CA MET A 80 -12.72 1.29 3.24
C MET A 80 -12.50 0.04 4.25
N PRO A 81 -11.28 -0.61 4.40
CA PRO A 81 -10.11 -0.24 3.54
C PRO A 81 -8.99 -1.28 3.17
N THR A 82 -8.60 -1.02 1.95
CA THR A 82 -8.12 -1.96 0.85
C THR A 82 -6.65 -1.61 0.55
N PHE A 83 -5.99 -2.76 0.47
CA PHE A 83 -4.53 -3.00 0.40
C PHE A 83 -4.38 -3.73 -0.95
N ILE A 84 -3.66 -3.11 -1.88
CA ILE A 84 -3.52 -3.32 -3.31
C ILE A 84 -2.03 -3.46 -3.58
N PHE A 85 -1.80 -4.48 -4.41
CA PHE A 85 -0.53 -5.20 -4.69
C PHE A 85 -0.31 -5.08 -6.24
N LEU A 86 0.71 -4.25 -6.50
CA LEU A 86 1.10 -3.75 -7.77
C LEU A 86 2.65 -3.85 -7.78
N LYS A 87 3.10 -4.42 -8.91
CA LYS A 87 4.48 -4.89 -9.19
C LYS A 87 4.98 -4.42 -10.61
N ASP A 88 6.28 -4.70 -10.90
CA ASP A 88 6.72 -4.90 -12.25
C ASP A 88 6.07 -6.02 -13.15
N GLY A 89 4.73 -6.10 -13.11
CA GLY A 89 3.89 -6.98 -13.91
C GLY A 89 2.35 -6.71 -13.62
N LYS A 90 1.94 -5.34 -13.71
CA LYS A 90 0.59 -4.72 -13.42
C LYS A 90 -0.03 -5.15 -12.01
N LEU A 91 -1.39 -5.07 -11.84
CA LEU A 91 -2.13 -5.56 -10.68
C LEU A 91 -1.91 -7.15 -10.55
N VAL A 92 -1.09 -7.45 -9.56
CA VAL A 92 -0.85 -8.78 -8.92
C VAL A 92 -1.94 -9.30 -7.92
N ASP A 93 -2.51 -8.50 -7.02
CA ASP A 93 -3.50 -9.00 -6.00
C ASP A 93 -4.17 -7.85 -5.21
N LYS A 94 -5.21 -8.19 -4.45
CA LYS A 94 -6.05 -7.22 -3.66
C LYS A 94 -6.81 -8.03 -2.48
N THR A 95 -6.78 -7.24 -1.35
CA THR A 95 -7.33 -7.72 -0.06
C THR A 95 -7.73 -6.44 0.75
N VAL A 96 -8.71 -6.65 1.61
CA VAL A 96 -9.47 -5.57 2.25
C VAL A 96 -9.88 -5.95 3.70
N GLY A 97 -9.10 -5.35 4.67
CA GLY A 97 -9.34 -5.75 6.09
C GLY A 97 -8.64 -4.82 7.07
N ALA A 98 -8.06 -5.37 8.18
CA ALA A 98 -7.12 -4.64 9.13
C ALA A 98 -6.89 -5.74 10.18
N ASP A 99 -5.56 -6.17 10.21
CA ASP A 99 -5.02 -7.28 11.10
C ASP A 99 -3.46 -7.01 11.09
N LYS A 100 -3.00 -7.01 12.35
CA LYS A 100 -1.61 -6.94 12.78
C LYS A 100 -0.67 -8.09 12.29
N ASP A 101 -1.00 -9.36 12.50
CA ASP A 101 -0.40 -10.50 11.94
C ASP A 101 -0.72 -10.67 10.44
N GLY A 102 -1.99 -10.53 10.03
CA GLY A 102 -2.50 -10.65 8.63
C GLY A 102 -1.80 -10.07 7.34
N LEU A 103 -1.53 -8.78 7.43
CA LEU A 103 -0.74 -7.93 6.49
C LEU A 103 0.80 -8.28 6.37
N PRO A 104 1.68 -8.43 7.37
CA PRO A 104 2.95 -9.19 7.23
C PRO A 104 2.93 -10.61 6.62
N THR A 105 1.91 -11.44 6.90
CA THR A 105 1.70 -12.79 6.33
C THR A 105 1.44 -12.78 4.75
N LEU A 106 0.45 -12.01 4.32
CA LEU A 106 0.21 -11.66 2.82
C LEU A 106 1.33 -11.00 1.98
N VAL A 107 2.09 -10.08 2.56
CA VAL A 107 3.34 -9.46 2.08
C VAL A 107 4.57 -10.42 1.90
N ALA A 108 4.86 -11.18 2.88
CA ALA A 108 5.84 -12.25 2.86
C ALA A 108 5.58 -13.22 1.68
N LYS A 109 4.39 -13.82 1.55
CA LYS A 109 3.99 -14.56 0.34
C LYS A 109 4.26 -13.80 -1.06
N HIS A 110 3.91 -12.49 -1.15
CA HIS A 110 4.21 -11.58 -2.31
C HIS A 110 5.69 -11.24 -2.65
N ALA A 111 6.46 -10.77 -1.67
CA ALA A 111 7.91 -10.71 -1.71
C ALA A 111 8.69 -12.06 -2.04
N THR A 112 8.03 -13.22 -1.86
CA THR A 112 8.40 -14.58 -2.36
C THR A 112 8.00 -14.74 -3.90
N ALA A 113 6.82 -15.24 -4.12
CA ALA A 113 6.11 -15.27 -5.41
C ALA A 113 6.01 -13.99 -6.25
N ALA A 1 21.45 2.59 5.89
CA ALA A 1 20.30 1.74 5.83
C ALA A 1 19.93 1.07 4.48
N GLU A 2 19.07 0.07 4.56
CA GLU A 2 18.67 -0.73 3.36
C GLU A 2 17.35 -1.51 3.68
N GLU A 3 16.27 -0.68 3.63
CA GLU A 3 14.85 -0.98 4.09
C GLU A 3 13.73 -0.39 3.19
N GLY A 4 12.50 -0.96 3.41
CA GLY A 4 11.26 -0.32 3.08
C GLY A 4 10.94 0.91 3.97
N GLN A 5 10.08 1.78 3.37
CA GLN A 5 9.73 3.11 3.87
C GLN A 5 8.23 3.43 3.44
N VAL A 6 7.48 3.94 4.43
CA VAL A 6 6.09 4.39 4.36
C VAL A 6 6.17 5.91 4.13
N ILE A 7 5.43 6.32 3.09
CA ILE A 7 5.34 7.70 2.45
C ILE A 7 3.77 8.02 2.45
N ALA A 8 3.43 9.13 3.12
CA ALA A 8 2.10 9.84 3.04
C ALA A 8 1.79 10.32 1.59
N CYS A 9 0.48 10.30 1.28
CA CYS A 9 -0.08 10.54 -0.06
C CYS A 9 -1.53 11.19 -0.02
N HIS A 10 -1.67 12.23 -0.94
CA HIS A 10 -2.79 13.18 -0.85
C HIS A 10 -3.20 13.76 -2.25
N THR A 11 -2.42 13.66 -3.35
CA THR A 11 -2.40 14.54 -4.56
C THR A 11 -2.05 13.70 -5.87
N VAL A 12 -1.95 14.36 -7.02
CA VAL A 12 -1.12 13.82 -8.18
C VAL A 12 0.41 13.50 -7.90
N ASP A 13 1.03 14.00 -6.82
CA ASP A 13 2.34 13.55 -6.35
C ASP A 13 2.49 11.96 -6.12
N THR A 14 1.47 11.28 -5.53
CA THR A 14 1.32 9.82 -5.53
C THR A 14 1.16 9.15 -6.93
N TRP A 15 0.41 9.77 -7.83
CA TRP A 15 0.26 9.32 -9.22
C TRP A 15 1.60 9.05 -9.98
N LYS A 16 2.50 10.06 -9.89
CA LYS A 16 3.92 9.88 -10.26
C LYS A 16 4.71 8.79 -9.47
N GLU A 17 4.59 8.77 -8.15
CA GLU A 17 5.18 7.74 -7.24
C GLU A 17 4.74 6.19 -7.46
N HIS A 18 3.49 5.91 -7.26
CA HIS A 18 2.89 4.57 -7.52
C HIS A 18 3.21 3.88 -8.91
N PHE A 19 2.70 4.56 -9.97
CA PHE A 19 2.85 4.10 -11.35
C PHE A 19 4.33 3.78 -11.96
N GLU A 20 5.12 4.83 -11.92
CA GLU A 20 6.57 4.75 -12.29
C GLU A 20 7.45 3.78 -11.44
N LYS A 21 7.33 3.67 -10.11
CA LYS A 21 7.97 2.65 -9.28
C LYS A 21 7.45 1.21 -9.65
N GLY A 22 6.18 0.98 -9.44
CA GLY A 22 5.50 -0.35 -9.67
C GLY A 22 5.76 -0.99 -11.07
N LYS A 23 5.05 -0.40 -12.06
CA LYS A 23 5.34 -0.50 -13.52
C LYS A 23 6.54 0.55 -13.83
N GLY A 24 7.70 -0.03 -13.73
CA GLY A 24 8.92 0.55 -14.30
C GLY A 24 10.30 0.14 -13.74
N SER A 25 10.21 -0.18 -12.45
CA SER A 25 11.32 -0.57 -11.52
C SER A 25 11.00 -1.99 -11.04
N GLN A 26 12.10 -2.77 -11.01
CA GLN A 26 12.16 -4.10 -10.40
C GLN A 26 11.93 -4.14 -8.82
N LYS A 27 10.70 -3.98 -8.43
CA LYS A 27 10.22 -3.88 -7.03
C LYS A 27 8.72 -4.23 -6.97
N LEU A 28 8.30 -4.68 -5.80
CA LEU A 28 6.93 -4.71 -5.34
C LEU A 28 6.67 -3.34 -4.68
N ILE A 29 5.37 -2.92 -4.69
CA ILE A 29 4.88 -1.66 -4.11
C ILE A 29 3.39 -2.05 -3.66
N VAL A 30 3.11 -1.53 -2.46
CA VAL A 30 2.00 -1.99 -1.57
C VAL A 30 1.38 -0.68 -0.97
N VAL A 31 0.03 -0.54 -1.01
CA VAL A 31 -0.65 0.76 -0.92
C VAL A 31 -2.07 0.65 -0.28
N ASP A 32 -2.17 1.26 0.90
CA ASP A 32 -3.36 1.53 1.70
C ASP A 32 -4.19 2.72 1.16
N PHE A 33 -5.53 2.37 1.12
CA PHE A 33 -6.67 3.21 0.87
C PHE A 33 -7.44 3.20 2.21
N THR A 34 -7.40 4.35 2.85
CA THR A 34 -7.90 4.58 4.26
C THR A 34 -8.24 6.09 4.19
N ALA A 35 -9.41 6.31 4.78
CA ALA A 35 -9.68 7.52 5.40
C ALA A 35 -9.00 7.78 6.73
N SER A 36 -8.81 9.09 7.09
CA SER A 36 -8.51 9.50 8.49
C SER A 36 -9.52 9.05 9.53
N TRP A 37 -10.85 9.18 9.22
CA TRP A 37 -12.01 8.53 9.95
C TRP A 37 -12.05 6.93 9.94
N CYS A 38 -10.93 6.37 10.49
CA CYS A 38 -10.65 4.91 10.65
C CYS A 38 -9.66 4.71 11.85
N PRO A 39 -10.09 4.71 13.15
CA PRO A 39 -9.31 4.14 14.25
C PRO A 39 -8.63 2.67 14.14
N PRO A 40 -9.25 1.66 13.46
CA PRO A 40 -8.59 0.46 12.92
C PRO A 40 -7.36 0.63 11.94
N CYS A 41 -7.40 1.62 11.08
CA CYS A 41 -6.25 2.17 10.35
C CYS A 41 -5.21 3.11 11.12
N LYS A 42 -5.64 3.81 12.13
CA LYS A 42 -4.73 4.48 13.07
C LYS A 42 -3.75 3.52 13.84
N MET A 43 -4.20 2.30 14.28
CA MET A 43 -3.27 1.08 14.49
C MET A 43 -2.44 0.50 13.24
N ILE A 44 -3.13 0.28 12.11
CA ILE A 44 -2.59 -0.23 10.82
C ILE A 44 -1.38 0.46 10.08
N ALA A 45 -1.35 1.83 10.02
CA ALA A 45 -0.15 2.61 9.60
C ALA A 45 1.10 2.32 10.45
N PRO A 46 1.11 2.41 11.79
CA PRO A 46 2.15 1.76 12.66
C PRO A 46 2.56 0.27 12.43
N ILE A 47 1.65 -0.70 12.16
CA ILE A 47 1.93 -2.09 11.61
C ILE A 47 2.66 -2.08 10.24
N PHE A 48 2.06 -1.49 9.22
CA PHE A 48 2.73 -1.18 7.94
C PHE A 48 4.16 -0.55 8.01
N ALA A 49 4.50 0.28 8.98
CA ALA A 49 5.85 0.73 9.31
C ALA A 49 6.81 -0.39 9.89
N GLU A 50 6.34 -1.08 10.91
CA GLU A 50 7.07 -2.30 11.42
C GLU A 50 7.37 -3.40 10.40
N LEU A 51 6.33 -3.88 9.56
CA LEU A 51 6.49 -4.63 8.35
C LEU A 51 7.44 -3.94 7.22
N ALA A 52 7.35 -2.63 6.90
CA ALA A 52 8.32 -1.93 5.98
C ALA A 52 9.88 -2.03 6.38
N LYS A 53 10.13 -1.84 7.70
CA LYS A 53 11.44 -2.16 8.34
C LYS A 53 11.97 -3.68 8.23
N LYS A 54 11.01 -4.64 8.28
CA LYS A 54 11.22 -6.11 8.06
C LYS A 54 11.72 -6.49 6.61
N PHE A 55 11.14 -5.81 5.54
CA PHE A 55 10.87 -6.31 4.22
C PHE A 55 11.44 -5.20 3.20
N PRO A 56 12.81 -5.20 2.93
CA PRO A 56 13.48 -4.31 2.01
C PRO A 56 13.07 -4.20 0.52
N ASN A 57 12.70 -5.25 -0.21
CA ASN A 57 12.32 -5.26 -1.64
C ASN A 57 11.11 -4.34 -2.13
N VAL A 58 10.52 -3.57 -1.23
CA VAL A 58 9.13 -3.09 -1.28
C VAL A 58 8.92 -1.61 -0.80
N THR A 59 8.58 -0.71 -1.71
CA THR A 59 7.98 0.60 -1.45
C THR A 59 6.57 0.52 -0.84
N PHE A 60 6.24 1.42 0.08
CA PHE A 60 5.08 1.44 0.96
C PHE A 60 4.60 2.88 0.98
N LEU A 61 3.26 3.03 0.73
CA LEU A 61 2.60 4.31 0.53
C LEU A 61 1.13 4.16 0.97
N LYS A 62 0.50 5.28 1.32
CA LYS A 62 -0.80 5.32 2.10
C LYS A 62 -1.57 6.62 1.61
N VAL A 63 -2.69 6.32 0.96
CA VAL A 63 -3.56 7.18 0.29
C VAL A 63 -4.74 7.65 1.32
N ASP A 64 -4.73 8.93 1.74
CA ASP A 64 -5.85 9.63 2.38
C ASP A 64 -6.88 9.81 1.19
N VAL A 65 -7.87 8.91 1.20
CA VAL A 65 -9.06 8.85 0.26
C VAL A 65 -10.01 10.05 0.03
N ASP A 66 -10.18 10.87 1.06
CA ASP A 66 -10.91 12.13 0.88
C ASP A 66 -10.46 13.06 -0.30
N GLU A 67 -9.18 13.23 -0.45
CA GLU A 67 -8.55 13.75 -1.69
C GLU A 67 -8.74 12.96 -3.10
N LEU A 68 -8.66 11.60 -3.04
CA LEU A 68 -8.24 10.73 -4.15
C LEU A 68 -9.17 9.38 -4.18
N LYS A 69 -10.47 9.61 -4.17
CA LYS A 69 -11.57 8.63 -4.34
C LYS A 69 -11.87 8.10 -5.72
N ALA A 70 -11.84 8.98 -6.74
CA ALA A 70 -11.97 8.65 -8.19
C ALA A 70 -11.00 7.59 -8.70
N VAL A 71 -9.70 7.90 -8.49
CA VAL A 71 -8.62 6.87 -8.57
C VAL A 71 -8.58 5.56 -7.66
N ALA A 72 -8.74 5.65 -6.35
CA ALA A 72 -9.06 4.50 -5.51
C ALA A 72 -10.08 3.51 -6.05
N GLU A 73 -11.24 4.03 -6.36
CA GLU A 73 -12.21 3.29 -7.21
C GLU A 73 -11.68 2.61 -8.50
N GLU A 74 -11.00 3.36 -9.43
CA GLU A 74 -10.33 2.85 -10.68
C GLU A 74 -9.41 1.63 -10.56
N TRP A 75 -8.38 1.55 -9.65
CA TRP A 75 -7.71 0.31 -9.33
C TRP A 75 -8.63 -0.82 -8.80
N ASN A 76 -9.48 -0.65 -7.82
CA ASN A 76 -10.73 -1.40 -7.56
C ASN A 76 -11.05 -1.22 -6.00
N VAL A 77 -11.71 -0.14 -5.53
CA VAL A 77 -11.76 0.25 -4.12
C VAL A 77 -13.13 1.00 -3.95
N GLU A 78 -14.16 0.31 -3.53
CA GLU A 78 -15.51 0.74 -2.98
C GLU A 78 -15.50 0.91 -1.41
N ALA A 79 -14.41 0.56 -0.73
CA ALA A 79 -14.44 0.13 0.68
C ALA A 79 -13.15 0.57 1.53
N MET A 80 -13.46 1.14 2.71
CA MET A 80 -12.55 1.10 3.91
C MET A 80 -12.46 -0.33 4.51
N PRO A 81 -11.26 -1.12 4.53
CA PRO A 81 -10.02 -0.60 3.85
C PRO A 81 -8.96 -1.60 3.26
N THR A 82 -8.47 -1.11 2.18
CA THR A 82 -8.16 -1.86 0.92
C THR A 82 -6.70 -1.55 0.59
N PHE A 83 -6.09 -2.67 0.27
CA PHE A 83 -4.61 -2.89 0.16
C PHE A 83 -4.31 -3.62 -1.18
N ILE A 84 -3.76 -2.90 -2.12
CA ILE A 84 -3.47 -3.17 -3.54
C ILE A 84 -1.92 -3.30 -3.65
N PHE A 85 -1.64 -4.23 -4.63
CA PHE A 85 -0.33 -4.93 -4.74
C PHE A 85 0.01 -4.91 -6.28
N LEU A 86 0.99 -3.99 -6.54
CA LEU A 86 1.31 -3.51 -7.91
C LEU A 86 2.88 -3.73 -7.81
N LYS A 87 3.21 -4.50 -8.83
CA LYS A 87 4.56 -5.00 -9.17
C LYS A 87 5.04 -4.47 -10.57
N ASP A 88 6.35 -4.78 -10.85
CA ASP A 88 6.79 -5.02 -12.24
C ASP A 88 6.12 -6.22 -13.10
N GLY A 89 4.75 -6.24 -13.02
CA GLY A 89 3.84 -7.23 -13.71
C GLY A 89 2.35 -6.77 -13.67
N LYS A 90 2.08 -5.47 -13.66
CA LYS A 90 0.76 -4.93 -13.32
C LYS A 90 0.22 -5.30 -11.82
N LEU A 91 -1.08 -5.37 -11.68
CA LEU A 91 -1.78 -5.72 -10.42
C LEU A 91 -1.70 -7.20 -10.02
N VAL A 92 -0.70 -7.54 -9.28
CA VAL A 92 -0.56 -8.87 -8.64
C VAL A 92 -1.61 -9.32 -7.59
N ASP A 93 -2.26 -8.41 -6.81
CA ASP A 93 -3.24 -8.75 -5.73
C ASP A 93 -4.09 -7.51 -5.26
N LYS A 94 -5.12 -7.77 -4.46
CA LYS A 94 -5.99 -6.78 -3.83
C LYS A 94 -6.79 -7.56 -2.71
N THR A 95 -6.83 -7.02 -1.52
CA THR A 95 -7.35 -7.58 -0.25
C THR A 95 -7.95 -6.27 0.49
N VAL A 96 -8.91 -6.49 1.44
CA VAL A 96 -9.73 -5.39 2.04
C VAL A 96 -10.01 -5.97 3.49
N GLY A 97 -9.31 -5.32 4.51
CA GLY A 97 -9.50 -5.61 5.91
C GLY A 97 -8.60 -4.72 6.74
N ALA A 98 -8.37 -5.22 7.97
CA ALA A 98 -7.47 -4.52 8.96
C ALA A 98 -7.23 -5.59 10.07
N ASP A 99 -5.92 -6.02 10.24
CA ASP A 99 -5.44 -7.06 11.18
C ASP A 99 -3.86 -6.86 11.37
N LYS A 100 -3.45 -6.67 12.63
CA LYS A 100 -2.01 -6.67 13.00
C LYS A 100 -0.95 -7.80 12.46
N ASP A 101 -1.40 -9.03 12.27
CA ASP A 101 -0.74 -10.28 11.87
C ASP A 101 -1.03 -10.73 10.41
N GLY A 102 -2.32 -10.70 10.03
CA GLY A 102 -2.81 -10.95 8.66
C GLY A 102 -2.15 -10.19 7.50
N LEU A 103 -1.90 -8.91 7.67
CA LEU A 103 -1.12 -8.00 6.78
C LEU A 103 0.38 -8.47 6.66
N PRO A 104 1.23 -8.57 7.71
CA PRO A 104 2.56 -9.18 7.65
C PRO A 104 2.62 -10.58 6.87
N THR A 105 1.63 -11.54 7.03
CA THR A 105 1.47 -12.83 6.29
C THR A 105 1.33 -12.78 4.71
N LEU A 106 0.42 -11.84 4.37
CA LEU A 106 0.03 -11.47 2.99
C LEU A 106 1.22 -10.94 2.14
N VAL A 107 1.86 -9.81 2.58
CA VAL A 107 3.13 -9.30 2.02
C VAL A 107 4.39 -10.27 2.06
N ALA A 108 4.54 -11.07 3.14
CA ALA A 108 5.42 -12.26 3.18
C ALA A 108 5.30 -13.22 1.95
N LYS A 109 4.13 -13.76 1.64
CA LYS A 109 3.80 -14.43 0.41
C LYS A 109 4.07 -13.73 -0.99
N HIS A 110 3.66 -12.50 -1.16
CA HIS A 110 3.95 -11.62 -2.29
C HIS A 110 5.52 -11.34 -2.46
N ALA A 111 6.24 -10.76 -1.45
CA ALA A 111 7.71 -10.61 -1.42
C ALA A 111 8.61 -11.87 -1.78
N THR A 112 8.25 -13.04 -1.23
CA THR A 112 8.82 -14.42 -1.69
C THR A 112 8.63 -14.78 -3.22
N ALA A 113 7.43 -14.84 -3.73
CA ALA A 113 7.12 -14.90 -5.19
C ALA A 113 7.77 -13.80 -6.10
N ALA A 1 22.69 -2.14 4.94
CA ALA A 1 21.57 -1.25 5.44
C ALA A 1 20.62 -0.92 4.25
N GLU A 2 19.45 -1.56 4.36
CA GLU A 2 18.42 -1.51 3.30
C GLU A 2 16.99 -1.90 3.92
N GLU A 3 15.96 -1.15 3.46
CA GLU A 3 14.58 -1.28 3.95
C GLU A 3 13.53 -0.67 2.95
N GLY A 4 12.30 -1.03 3.26
CA GLY A 4 11.05 -0.32 2.73
C GLY A 4 10.84 1.01 3.41
N GLN A 5 9.83 1.75 2.94
CA GLN A 5 9.62 3.11 3.40
C GLN A 5 8.15 3.47 3.09
N VAL A 6 7.51 3.93 4.13
CA VAL A 6 6.19 4.55 4.23
C VAL A 6 6.28 6.11 3.93
N ILE A 7 5.44 6.53 2.90
CA ILE A 7 5.23 7.88 2.32
C ILE A 7 3.67 8.33 2.32
N ALA A 8 3.31 9.36 3.09
CA ALA A 8 2.03 10.16 3.05
C ALA A 8 1.75 10.76 1.62
N CYS A 9 0.45 10.66 1.20
CA CYS A 9 0.07 10.79 -0.23
C CYS A 9 -1.36 11.40 -0.26
N HIS A 10 -1.45 12.46 -1.12
CA HIS A 10 -2.52 13.51 -1.10
C HIS A 10 -3.00 14.11 -2.48
N THR A 11 -2.25 13.93 -3.57
CA THR A 11 -2.39 14.70 -4.80
C THR A 11 -1.97 13.77 -6.01
N VAL A 12 -1.85 14.34 -7.18
CA VAL A 12 -1.11 13.77 -8.36
C VAL A 12 0.42 13.45 -8.25
N ASP A 13 1.08 13.96 -7.16
CA ASP A 13 2.44 13.48 -6.68
C ASP A 13 2.54 11.96 -6.45
N THR A 14 1.68 11.36 -5.63
CA THR A 14 1.48 9.88 -5.58
C THR A 14 1.29 9.17 -6.98
N TRP A 15 0.51 9.72 -7.96
CA TRP A 15 0.39 9.16 -9.31
C TRP A 15 1.79 8.96 -9.99
N LYS A 16 2.68 10.01 -9.99
CA LYS A 16 4.09 9.78 -10.28
C LYS A 16 4.84 8.59 -9.52
N GLU A 17 4.71 8.56 -8.13
CA GLU A 17 5.36 7.53 -7.20
C GLU A 17 4.83 6.07 -7.37
N HIS A 18 3.50 5.79 -7.16
CA HIS A 18 2.83 4.52 -7.33
C HIS A 18 3.08 3.84 -8.75
N PHE A 19 2.66 4.49 -9.83
CA PHE A 19 2.78 4.06 -11.19
C PHE A 19 4.23 3.84 -11.85
N GLU A 20 5.05 4.95 -11.87
CA GLU A 20 6.52 4.91 -12.21
C GLU A 20 7.35 3.90 -11.35
N LYS A 21 7.23 3.84 -9.98
CA LYS A 21 7.76 2.70 -9.11
C LYS A 21 7.30 1.21 -9.55
N GLY A 22 6.01 1.00 -9.54
CA GLY A 22 5.36 -0.31 -9.86
C GLY A 22 5.69 -0.93 -11.22
N LYS A 23 4.89 -0.48 -12.23
CA LYS A 23 5.21 -0.64 -13.65
C LYS A 23 6.30 0.43 -13.93
N GLY A 24 7.54 -0.05 -13.94
CA GLY A 24 8.73 0.57 -14.55
C GLY A 24 10.12 0.06 -13.87
N SER A 25 10.09 0.11 -12.50
CA SER A 25 11.13 -0.24 -11.57
C SER A 25 10.88 -1.76 -11.22
N GLN A 26 11.87 -2.60 -11.45
CA GLN A 26 11.96 -4.04 -10.99
C GLN A 26 11.88 -4.20 -9.40
N LYS A 27 10.60 -4.07 -8.89
CA LYS A 27 10.27 -4.18 -7.44
C LYS A 27 8.72 -4.36 -7.27
N LEU A 28 8.33 -4.64 -6.03
CA LEU A 28 6.93 -4.59 -5.44
C LEU A 28 6.76 -3.16 -4.74
N ILE A 29 5.44 -2.82 -4.81
CA ILE A 29 4.80 -1.54 -4.24
C ILE A 29 3.41 -2.08 -3.63
N VAL A 30 3.07 -1.42 -2.48
CA VAL A 30 1.97 -1.78 -1.59
C VAL A 30 1.42 -0.46 -1.02
N VAL A 31 0.01 -0.41 -1.01
CA VAL A 31 -0.75 0.83 -0.84
C VAL A 31 -2.15 0.63 -0.21
N ASP A 32 -2.26 1.22 0.97
CA ASP A 32 -3.50 1.44 1.74
C ASP A 32 -4.24 2.66 1.08
N PHE A 33 -5.55 2.40 0.81
CA PHE A 33 -6.63 3.33 0.38
C PHE A 33 -7.58 3.23 1.65
N THR A 34 -7.49 4.32 2.49
CA THR A 34 -8.10 4.37 3.84
C THR A 34 -8.44 5.89 3.96
N ALA A 35 -9.49 6.14 4.73
CA ALA A 35 -10.00 7.45 5.20
C ALA A 35 -9.32 7.88 6.51
N SER A 36 -9.24 9.18 6.74
CA SER A 36 -9.06 9.74 8.07
C SER A 36 -10.12 9.35 9.17
N TRP A 37 -11.39 9.28 8.77
CA TRP A 37 -12.43 8.44 9.44
C TRP A 37 -12.20 6.90 9.47
N CYS A 38 -11.24 6.42 10.27
CA CYS A 38 -10.83 4.94 10.48
C CYS A 38 -9.84 4.73 11.73
N PRO A 39 -10.28 4.35 13.00
CA PRO A 39 -9.44 3.84 14.16
C PRO A 39 -8.76 2.43 13.85
N PRO A 40 -9.39 1.36 13.26
CA PRO A 40 -8.67 0.21 12.72
C PRO A 40 -7.40 0.39 11.79
N CYS A 41 -7.49 1.20 10.76
CA CYS A 41 -6.30 1.80 10.05
C CYS A 41 -5.41 2.90 10.73
N LYS A 42 -5.91 3.59 11.79
CA LYS A 42 -5.01 4.33 12.76
C LYS A 42 -3.88 3.44 13.43
N MET A 43 -4.24 2.31 14.07
CA MET A 43 -3.31 1.17 14.47
C MET A 43 -2.53 0.43 13.37
N ILE A 44 -3.18 0.17 12.25
CA ILE A 44 -2.55 -0.19 10.99
C ILE A 44 -1.39 0.70 10.39
N ALA A 45 -1.46 2.07 10.58
CA ALA A 45 -0.29 3.01 10.27
C ALA A 45 1.08 2.45 10.90
N PRO A 46 1.32 2.50 12.24
CA PRO A 46 2.41 1.65 12.81
C PRO A 46 2.65 0.15 12.51
N ILE A 47 1.63 -0.73 12.26
CA ILE A 47 1.85 -2.06 11.63
C ILE A 47 2.64 -2.14 10.35
N PHE A 48 1.99 -1.50 9.36
CA PHE A 48 2.51 -1.19 7.98
C PHE A 48 3.99 -0.57 7.95
N ALA A 49 4.28 0.38 8.86
CA ALA A 49 5.63 0.78 9.27
C ALA A 49 6.73 -0.23 9.87
N GLU A 50 6.44 -1.04 10.94
CA GLU A 50 7.29 -2.12 11.46
C GLU A 50 7.63 -3.27 10.44
N LEU A 51 6.58 -3.81 9.80
CA LEU A 51 6.70 -4.62 8.53
C LEU A 51 7.48 -3.94 7.33
N ALA A 52 7.36 -2.69 7.03
CA ALA A 52 8.26 -1.97 6.15
C ALA A 52 9.79 -1.94 6.52
N LYS A 53 10.02 -1.85 7.84
CA LYS A 53 11.40 -2.07 8.52
C LYS A 53 12.03 -3.50 8.47
N LYS A 54 11.09 -4.44 8.54
CA LYS A 54 11.33 -5.89 8.36
C LYS A 54 11.69 -6.36 6.90
N PHE A 55 11.26 -5.70 5.84
CA PHE A 55 11.11 -6.10 4.42
C PHE A 55 11.62 -4.93 3.40
N PRO A 56 12.88 -5.14 2.82
CA PRO A 56 13.62 -4.33 1.77
C PRO A 56 13.29 -4.02 0.27
N ASN A 57 12.75 -5.08 -0.42
CA ASN A 57 12.30 -5.22 -1.86
C ASN A 57 11.06 -4.31 -2.29
N VAL A 58 10.60 -3.51 -1.32
CA VAL A 58 9.13 -3.18 -1.28
C VAL A 58 9.04 -1.66 -0.76
N THR A 59 8.81 -0.68 -1.67
CA THR A 59 8.07 0.56 -1.25
C THR A 59 6.60 0.43 -0.78
N PHE A 60 6.24 1.45 0.05
CA PHE A 60 5.00 1.42 0.92
C PHE A 60 4.44 2.90 1.01
N LEU A 61 3.11 3.07 0.79
CA LEU A 61 2.53 4.39 0.54
C LEU A 61 1.07 4.28 1.03
N LYS A 62 0.55 5.41 1.46
CA LYS A 62 -0.74 5.57 2.15
C LYS A 62 -1.41 6.90 1.73
N VAL A 63 -2.52 6.66 1.05
CA VAL A 63 -3.56 7.57 0.40
C VAL A 63 -4.69 7.95 1.40
N ASP A 64 -4.81 9.24 1.82
CA ASP A 64 -6.13 9.84 2.23
C ASP A 64 -7.08 9.74 1.04
N VAL A 65 -8.02 8.80 1.09
CA VAL A 65 -9.13 8.61 0.05
C VAL A 65 -10.00 9.83 -0.19
N ASP A 66 -10.46 10.63 0.85
CA ASP A 66 -11.19 11.95 0.65
C ASP A 66 -10.50 12.90 -0.40
N GLU A 67 -9.15 12.93 -0.42
CA GLU A 67 -8.32 13.54 -1.51
C GLU A 67 -8.47 12.87 -2.88
N LEU A 68 -8.41 11.55 -2.94
CA LEU A 68 -8.09 10.69 -4.10
C LEU A 68 -9.01 9.41 -4.14
N LYS A 69 -10.29 9.68 -4.10
CA LYS A 69 -11.43 8.76 -4.22
C LYS A 69 -11.60 8.31 -5.73
N ALA A 70 -11.61 9.25 -6.76
CA ALA A 70 -11.75 8.87 -8.20
C ALA A 70 -10.81 7.75 -8.70
N VAL A 71 -9.44 7.89 -8.57
CA VAL A 71 -8.38 6.84 -8.61
C VAL A 71 -8.46 5.57 -7.70
N ALA A 72 -8.68 5.74 -6.36
CA ALA A 72 -8.98 4.64 -5.41
C ALA A 72 -10.05 3.70 -5.90
N GLU A 73 -11.17 4.29 -6.36
CA GLU A 73 -12.28 3.57 -7.09
C GLU A 73 -11.70 2.83 -8.27
N GLU A 74 -10.97 3.42 -9.18
CA GLU A 74 -10.27 2.79 -10.33
C GLU A 74 -9.46 1.43 -10.12
N TRP A 75 -8.43 1.40 -9.23
CA TRP A 75 -7.67 0.18 -8.79
C TRP A 75 -8.53 -0.94 -8.15
N ASN A 76 -9.48 -0.55 -7.26
CA ASN A 76 -10.83 -1.21 -7.03
C ASN A 76 -11.10 -1.00 -5.46
N VAL A 77 -11.66 0.12 -5.21
CA VAL A 77 -11.93 0.67 -3.89
C VAL A 77 -13.44 1.26 -3.83
N GLU A 78 -14.42 0.32 -3.76
CA GLU A 78 -15.68 0.47 -3.08
C GLU A 78 -15.73 0.64 -1.50
N ALA A 79 -14.72 0.26 -0.74
CA ALA A 79 -14.82 -0.01 0.73
C ALA A 79 -13.49 0.30 1.42
N MET A 80 -13.70 0.85 2.57
CA MET A 80 -12.61 1.10 3.56
C MET A 80 -12.40 -0.24 4.34
N PRO A 81 -11.21 -0.96 4.37
CA PRO A 81 -10.09 -0.51 3.56
C PRO A 81 -8.97 -1.51 3.16
N THR A 82 -8.54 -1.04 1.97
CA THR A 82 -8.12 -1.83 0.78
C THR A 82 -6.68 -1.47 0.53
N PHE A 83 -5.86 -2.50 0.76
CA PHE A 83 -4.46 -2.62 0.44
C PHE A 83 -4.40 -3.30 -0.91
N ILE A 84 -3.80 -2.61 -1.87
CA ILE A 84 -3.55 -2.95 -3.27
C ILE A 84 -1.95 -3.24 -3.47
N PHE A 85 -1.75 -4.18 -4.34
CA PHE A 85 -0.50 -4.95 -4.51
C PHE A 85 -0.25 -4.78 -6.02
N LEU A 86 0.82 -4.03 -6.36
CA LEU A 86 1.21 -3.50 -7.69
C LEU A 86 2.77 -3.68 -7.71
N LYS A 87 3.21 -4.35 -8.80
CA LYS A 87 4.56 -4.71 -9.22
C LYS A 87 4.82 -4.24 -10.70
N ASP A 88 6.03 -4.47 -11.10
CA ASP A 88 6.33 -4.55 -12.62
C ASP A 88 5.64 -5.65 -13.49
N GLY A 89 4.36 -5.83 -13.16
CA GLY A 89 3.43 -6.77 -13.85
C GLY A 89 1.97 -6.42 -13.58
N LYS A 90 1.66 -5.08 -13.68
CA LYS A 90 0.33 -4.44 -13.31
C LYS A 90 -0.17 -4.85 -11.84
N LEU A 91 -1.47 -4.75 -11.60
CA LEU A 91 -2.14 -5.24 -10.41
C LEU A 91 -2.20 -6.82 -10.19
N VAL A 92 -1.21 -7.32 -9.43
CA VAL A 92 -1.09 -8.71 -8.89
C VAL A 92 -2.02 -9.25 -7.79
N ASP A 93 -2.55 -8.42 -6.88
CA ASP A 93 -3.41 -8.82 -5.74
C ASP A 93 -4.10 -7.62 -5.05
N LYS A 94 -5.10 -7.90 -4.27
CA LYS A 94 -5.99 -6.92 -3.62
C LYS A 94 -6.68 -7.59 -2.32
N THR A 95 -6.80 -6.89 -1.24
CA THR A 95 -7.37 -7.37 0.05
C THR A 95 -7.75 -6.15 0.93
N VAL A 96 -8.76 -6.38 1.72
CA VAL A 96 -9.58 -5.30 2.40
C VAL A 96 -9.97 -5.77 3.77
N GLY A 97 -9.19 -5.29 4.79
CA GLY A 97 -9.33 -5.66 6.22
C GLY A 97 -8.58 -4.76 7.21
N ALA A 98 -8.10 -5.22 8.40
CA ALA A 98 -7.32 -4.47 9.39
C ALA A 98 -6.91 -5.43 10.54
N ASP A 99 -5.63 -5.93 10.63
CA ASP A 99 -5.25 -6.95 11.63
C ASP A 99 -3.68 -7.04 11.71
N LYS A 100 -3.06 -7.04 12.92
CA LYS A 100 -1.59 -7.15 13.09
C LYS A 100 -0.81 -8.25 12.31
N ASP A 101 -1.08 -9.51 12.65
CA ASP A 101 -0.68 -10.74 11.90
C ASP A 101 -1.16 -10.83 10.38
N GLY A 102 -2.47 -10.47 10.09
CA GLY A 102 -2.95 -10.42 8.65
C GLY A 102 -1.97 -9.87 7.55
N LEU A 103 -1.93 -8.52 7.49
CA LEU A 103 -0.92 -7.83 6.60
C LEU A 103 0.55 -8.34 6.41
N PRO A 104 1.40 -8.49 7.43
CA PRO A 104 2.65 -9.35 7.39
C PRO A 104 2.59 -10.78 6.70
N THR A 105 1.59 -11.57 7.02
CA THR A 105 1.32 -12.87 6.29
C THR A 105 1.19 -12.78 4.73
N LEU A 106 0.20 -11.97 4.24
CA LEU A 106 -0.06 -11.59 2.82
C LEU A 106 1.18 -10.97 2.06
N VAL A 107 1.74 -9.86 2.53
CA VAL A 107 3.08 -9.29 2.09
C VAL A 107 4.23 -10.31 1.99
N ALA A 108 4.52 -11.05 3.10
CA ALA A 108 5.44 -12.18 3.03
C ALA A 108 5.29 -13.17 1.89
N LYS A 109 4.08 -13.76 1.64
CA LYS A 109 3.78 -14.41 0.35
C LYS A 109 4.16 -13.64 -0.95
N HIS A 110 3.71 -12.31 -1.07
CA HIS A 110 4.06 -11.42 -2.15
C HIS A 110 5.64 -11.13 -2.38
N ALA A 111 6.20 -10.37 -1.46
CA ALA A 111 7.63 -9.99 -1.39
C ALA A 111 8.74 -11.13 -1.37
N THR A 112 8.61 -12.12 -0.52
CA THR A 112 9.62 -13.23 -0.43
C THR A 112 9.98 -13.84 -1.77
N ALA A 113 9.07 -14.51 -2.42
CA ALA A 113 9.18 -14.92 -3.84
C ALA A 113 9.32 -13.84 -4.99
N ALA A 1 21.59 -0.47 7.19
CA ALA A 1 20.19 -0.20 7.01
C ALA A 1 19.61 -1.14 5.97
N GLU A 2 18.36 -1.64 6.20
CA GLU A 2 17.73 -2.72 5.37
C GLU A 2 16.18 -2.68 5.53
N GLU A 3 15.50 -1.92 4.68
CA GLU A 3 14.00 -1.69 4.77
C GLU A 3 13.34 -1.08 3.48
N GLY A 4 11.99 -1.17 3.51
CA GLY A 4 11.05 -0.27 2.82
C GLY A 4 10.58 0.93 3.67
N GLN A 5 9.70 1.71 3.15
CA GLN A 5 9.31 3.00 3.75
C GLN A 5 7.90 3.43 3.29
N VAL A 6 7.31 4.29 4.13
CA VAL A 6 5.91 4.63 4.24
C VAL A 6 5.83 6.22 4.09
N ILE A 7 5.05 6.59 3.07
CA ILE A 7 4.99 7.93 2.48
C ILE A 7 3.44 8.20 2.38
N ALA A 8 3.06 9.34 2.97
CA ALA A 8 1.78 10.01 2.73
C ALA A 8 1.53 10.70 1.42
N CYS A 9 0.28 10.53 0.98
CA CYS A 9 -0.16 10.83 -0.37
C CYS A 9 -1.66 11.35 -0.27
N HIS A 10 -1.79 12.46 -0.98
CA HIS A 10 -2.99 13.36 -0.98
C HIS A 10 -3.45 13.99 -2.29
N THR A 11 -2.74 13.82 -3.40
CA THR A 11 -2.77 14.72 -4.61
C THR A 11 -2.50 13.96 -5.93
N VAL A 12 -2.27 14.62 -7.08
CA VAL A 12 -1.44 14.05 -8.24
C VAL A 12 0.06 13.59 -8.05
N ASP A 13 0.65 13.99 -6.91
CA ASP A 13 1.98 13.46 -6.49
C ASP A 13 2.21 11.89 -6.50
N THR A 14 1.21 11.23 -5.91
CA THR A 14 1.05 9.75 -6.01
C THR A 14 0.79 9.16 -7.47
N TRP A 15 0.10 9.93 -8.36
CA TRP A 15 0.07 9.64 -9.80
C TRP A 15 1.47 9.48 -10.54
N LYS A 16 2.41 10.36 -10.21
CA LYS A 16 3.91 10.12 -10.43
C LYS A 16 4.49 8.83 -9.62
N GLU A 17 4.31 8.77 -8.30
CA GLU A 17 4.69 7.64 -7.44
C GLU A 17 4.23 6.14 -7.60
N HIS A 18 2.91 5.91 -7.44
CA HIS A 18 2.25 4.63 -7.68
C HIS A 18 2.52 3.97 -9.10
N PHE A 19 2.07 4.71 -10.14
CA PHE A 19 2.30 4.38 -11.59
C PHE A 19 3.78 4.06 -12.03
N GLU A 20 4.66 5.02 -11.82
CA GLU A 20 6.12 5.01 -12.14
C GLU A 20 6.95 3.88 -11.43
N LYS A 21 7.05 3.79 -10.06
CA LYS A 21 7.60 2.61 -9.30
C LYS A 21 7.01 1.29 -9.80
N GLY A 22 5.65 1.10 -9.80
CA GLY A 22 4.87 -0.06 -10.18
C GLY A 22 5.33 -0.65 -11.60
N LYS A 23 4.59 -0.20 -12.67
CA LYS A 23 5.13 -0.22 -14.03
C LYS A 23 6.26 0.84 -14.19
N GLY A 24 7.48 0.30 -14.12
CA GLY A 24 8.69 0.94 -14.63
C GLY A 24 10.01 0.43 -14.00
N SER A 25 9.83 0.26 -12.70
CA SER A 25 10.82 -0.09 -11.66
C SER A 25 10.57 -1.61 -11.25
N GLN A 26 11.64 -2.39 -11.36
CA GLN A 26 11.77 -3.78 -10.80
C GLN A 26 11.73 -3.87 -9.26
N LYS A 27 10.47 -3.71 -8.73
CA LYS A 27 10.25 -3.73 -7.27
C LYS A 27 8.67 -4.10 -7.17
N LEU A 28 8.38 -4.50 -5.94
CA LEU A 28 7.04 -4.55 -5.38
C LEU A 28 6.63 -3.22 -4.70
N ILE A 29 5.34 -2.93 -4.67
CA ILE A 29 4.66 -1.75 -4.21
C ILE A 29 3.31 -2.27 -3.69
N VAL A 30 3.03 -1.75 -2.51
CA VAL A 30 1.85 -2.15 -1.66
C VAL A 30 1.31 -0.73 -1.08
N VAL A 31 -0.02 -0.65 -1.05
CA VAL A 31 -0.72 0.68 -0.89
C VAL A 31 -2.08 0.49 -0.17
N ASP A 32 -2.15 0.96 1.07
CA ASP A 32 -3.32 1.32 1.82
C ASP A 32 -4.10 2.57 1.25
N PHE A 33 -5.40 2.38 1.24
CA PHE A 33 -6.40 3.23 0.60
C PHE A 33 -7.51 3.33 1.70
N THR A 34 -7.40 4.41 2.52
CA THR A 34 -8.05 4.59 3.85
C THR A 34 -8.58 6.00 3.81
N ALA A 35 -9.63 6.11 4.57
CA ALA A 35 -10.13 7.40 5.12
C ALA A 35 -9.34 7.91 6.37
N SER A 36 -8.90 9.19 6.34
CA SER A 36 -8.26 9.85 7.55
C SER A 36 -8.94 9.74 8.97
N TRP A 37 -10.26 9.72 8.95
CA TRP A 37 -11.20 9.36 10.04
C TRP A 37 -11.30 7.80 10.00
N CYS A 38 -10.37 7.23 10.79
CA CYS A 38 -10.25 5.79 11.07
C CYS A 38 -9.21 5.53 12.21
N PRO A 39 -9.56 5.36 13.52
CA PRO A 39 -8.66 4.69 14.54
C PRO A 39 -8.06 3.21 14.25
N PRO A 40 -8.82 2.20 13.69
CA PRO A 40 -8.27 0.89 13.16
C PRO A 40 -7.08 1.01 12.09
N CYS A 41 -7.20 1.79 11.01
CA CYS A 41 -6.11 2.31 10.19
C CYS A 41 -4.97 3.29 10.71
N LYS A 42 -5.31 4.10 11.74
CA LYS A 42 -4.32 4.79 12.57
C LYS A 42 -3.24 3.88 13.26
N MET A 43 -3.62 2.83 13.97
CA MET A 43 -2.73 1.67 14.29
C MET A 43 -2.14 0.74 13.19
N ILE A 44 -2.95 0.50 12.11
CA ILE A 44 -2.44 -0.11 10.83
C ILE A 44 -1.22 0.61 10.16
N ALA A 45 -1.13 1.99 10.16
CA ALA A 45 0.13 2.70 9.83
C ALA A 45 1.40 2.21 10.61
N PRO A 46 1.58 2.13 11.98
CA PRO A 46 2.63 1.31 12.68
C PRO A 46 2.85 -0.14 12.32
N ILE A 47 1.81 -1.04 12.08
CA ILE A 47 1.92 -2.33 11.41
C ILE A 47 2.64 -2.30 10.02
N PHE A 48 2.15 -1.43 9.05
CA PHE A 48 2.74 -1.11 7.76
C PHE A 48 4.15 -0.49 7.79
N ALA A 49 4.45 0.30 8.82
CA ALA A 49 5.82 0.72 9.23
C ALA A 49 6.78 -0.38 9.80
N GLU A 50 6.40 -1.12 10.85
CA GLU A 50 7.13 -2.36 11.25
C GLU A 50 7.42 -3.41 10.12
N LEU A 51 6.34 -3.87 9.53
CA LEU A 51 6.38 -4.70 8.30
C LEU A 51 7.36 -4.19 7.19
N ALA A 52 7.29 -2.88 6.88
CA ALA A 52 8.30 -2.19 6.03
C ALA A 52 9.79 -2.30 6.49
N LYS A 53 10.05 -2.14 7.78
CA LYS A 53 11.37 -2.45 8.45
C LYS A 53 11.91 -3.90 8.32
N LYS A 54 10.95 -4.92 8.38
CA LYS A 54 11.25 -6.33 7.97
C LYS A 54 11.66 -6.61 6.44
N PHE A 55 11.19 -5.83 5.50
CA PHE A 55 11.03 -6.14 4.09
C PHE A 55 11.50 -4.92 3.09
N PRO A 56 12.75 -5.01 2.54
CA PRO A 56 13.51 -4.10 1.61
C PRO A 56 13.23 -3.73 0.16
N ASN A 57 12.71 -4.73 -0.60
CA ASN A 57 12.38 -4.71 -2.07
C ASN A 57 11.19 -3.81 -2.44
N VAL A 58 10.52 -3.20 -1.50
CA VAL A 58 9.08 -2.97 -1.45
C VAL A 58 8.82 -1.55 -0.89
N THR A 59 8.17 -0.62 -1.65
CA THR A 59 7.71 0.75 -1.29
C THR A 59 6.24 0.49 -0.74
N PHE A 60 5.87 1.32 0.23
CA PHE A 60 4.64 1.37 1.03
C PHE A 60 4.11 2.85 1.10
N LEU A 61 2.81 3.00 0.73
CA LEU A 61 2.18 4.35 0.38
C LEU A 61 0.68 4.34 0.76
N LYS A 62 0.21 5.44 1.31
CA LYS A 62 -0.96 5.55 2.15
C LYS A 62 -1.70 6.86 1.66
N VAL A 63 -2.92 6.72 1.23
CA VAL A 63 -3.67 7.61 0.33
C VAL A 63 -4.99 7.86 1.16
N ASP A 64 -5.17 9.14 1.44
CA ASP A 64 -6.46 9.78 1.85
C ASP A 64 -7.52 9.70 0.69
N VAL A 65 -8.49 8.85 0.94
CA VAL A 65 -9.69 8.56 0.01
C VAL A 65 -10.60 9.83 -0.29
N ASP A 66 -10.77 10.65 0.73
CA ASP A 66 -11.35 11.99 0.70
C ASP A 66 -10.87 13.02 -0.37
N GLU A 67 -9.55 13.15 -0.51
CA GLU A 67 -8.90 13.72 -1.73
C GLU A 67 -8.95 12.95 -3.12
N LEU A 68 -8.91 11.62 -3.09
CA LEU A 68 -8.62 10.72 -4.22
C LEU A 68 -9.53 9.41 -4.16
N LYS A 69 -10.83 9.70 -4.25
CA LYS A 69 -11.90 8.68 -4.39
C LYS A 69 -12.10 8.12 -5.81
N ALA A 70 -12.06 8.93 -6.91
CA ALA A 70 -12.15 8.47 -8.25
C ALA A 70 -11.07 7.35 -8.66
N VAL A 71 -9.79 7.72 -8.53
CA VAL A 71 -8.64 6.81 -8.62
C VAL A 71 -8.62 5.62 -7.66
N ALA A 72 -8.67 5.79 -6.29
CA ALA A 72 -8.92 4.55 -5.43
C ALA A 72 -9.98 3.47 -5.88
N GLU A 73 -11.18 3.97 -6.31
CA GLU A 73 -12.27 3.22 -7.00
C GLU A 73 -11.74 2.49 -8.27
N GLU A 74 -11.04 3.17 -9.29
CA GLU A 74 -10.30 2.60 -10.49
C GLU A 74 -9.31 1.45 -10.17
N TRP A 75 -8.33 1.52 -9.20
CA TRP A 75 -7.47 0.41 -8.72
C TRP A 75 -8.37 -0.81 -8.23
N ASN A 76 -9.26 -0.52 -7.28
CA ASN A 76 -10.58 -1.31 -7.00
C ASN A 76 -10.87 -1.04 -5.50
N VAL A 77 -11.59 0.00 -5.20
CA VAL A 77 -11.77 0.56 -3.77
C VAL A 77 -13.14 1.23 -3.71
N GLU A 78 -14.13 0.37 -3.81
CA GLU A 78 -15.45 0.59 -3.16
C GLU A 78 -15.59 0.56 -1.56
N ALA A 79 -14.57 0.15 -0.87
CA ALA A 79 -14.49 -0.25 0.52
C ALA A 79 -13.19 0.30 1.24
N MET A 80 -13.51 0.72 2.54
CA MET A 80 -12.52 0.97 3.69
C MET A 80 -12.30 -0.45 4.36
N PRO A 81 -10.98 -0.92 4.41
CA PRO A 81 -9.76 -0.38 3.66
C PRO A 81 -8.61 -1.29 3.29
N THR A 82 -8.31 -1.01 2.03
CA THR A 82 -7.68 -1.76 0.91
C THR A 82 -6.14 -1.40 0.78
N PHE A 83 -5.48 -2.51 0.66
CA PHE A 83 -4.16 -2.77 0.20
C PHE A 83 -4.25 -3.57 -1.17
N ILE A 84 -3.57 -2.93 -2.11
CA ILE A 84 -3.46 -3.27 -3.58
C ILE A 84 -1.89 -3.44 -3.88
N PHE A 85 -1.67 -4.50 -4.55
CA PHE A 85 -0.37 -5.17 -4.77
C PHE A 85 -0.21 -4.97 -6.35
N LEU A 86 0.79 -4.15 -6.66
CA LEU A 86 1.14 -3.74 -8.00
C LEU A 86 2.74 -3.97 -7.96
N LYS A 87 3.19 -4.87 -8.84
CA LYS A 87 4.56 -5.29 -9.17
C LYS A 87 5.09 -4.65 -10.49
N ASP A 88 6.37 -4.84 -10.88
CA ASP A 88 6.82 -4.85 -12.29
C ASP A 88 6.11 -5.82 -13.37
N GLY A 89 4.77 -5.83 -13.31
CA GLY A 89 3.87 -6.57 -14.25
C GLY A 89 2.30 -6.29 -14.06
N LYS A 90 1.94 -5.04 -13.97
CA LYS A 90 0.61 -4.52 -13.57
C LYS A 90 0.12 -5.18 -12.21
N LEU A 91 -1.16 -5.02 -11.85
CA LEU A 91 -1.87 -5.62 -10.66
C LEU A 91 -1.72 -7.14 -10.62
N VAL A 92 -0.92 -7.46 -9.59
CA VAL A 92 -0.67 -8.84 -8.97
C VAL A 92 -1.85 -9.31 -8.03
N ASP A 93 -2.34 -8.55 -7.01
CA ASP A 93 -3.38 -9.10 -5.99
C ASP A 93 -3.98 -7.88 -5.19
N LYS A 94 -5.02 -8.24 -4.41
CA LYS A 94 -5.82 -7.22 -3.60
C LYS A 94 -6.65 -7.95 -2.43
N THR A 95 -6.59 -7.31 -1.26
CA THR A 95 -7.18 -7.74 0.05
C THR A 95 -7.70 -6.43 0.81
N VAL A 96 -8.59 -6.60 1.75
CA VAL A 96 -9.37 -5.45 2.26
C VAL A 96 -9.66 -5.93 3.71
N GLY A 97 -9.01 -5.36 4.72
CA GLY A 97 -9.29 -5.59 6.10
C GLY A 97 -8.32 -4.62 6.90
N ALA A 98 -8.28 -5.05 8.14
CA ALA A 98 -7.53 -4.36 9.21
C ALA A 98 -7.12 -5.41 10.31
N ASP A 99 -5.86 -5.92 10.10
CA ASP A 99 -5.41 -7.13 10.86
C ASP A 99 -3.83 -7.08 10.89
N LYS A 100 -3.43 -6.93 12.18
CA LYS A 100 -1.99 -6.83 12.69
C LYS A 100 -0.95 -7.92 12.23
N ASP A 101 -1.32 -9.21 12.40
CA ASP A 101 -0.62 -10.37 11.88
C ASP A 101 -0.86 -10.66 10.36
N GLY A 102 -2.09 -10.59 9.85
CA GLY A 102 -2.47 -10.76 8.42
C GLY A 102 -1.66 -10.05 7.30
N LEU A 103 -1.59 -8.73 7.48
CA LEU A 103 -0.76 -7.82 6.62
C LEU A 103 0.78 -8.20 6.47
N PRO A 104 1.62 -8.41 7.55
CA PRO A 104 2.90 -9.20 7.41
C PRO A 104 2.83 -10.63 6.67
N THR A 105 1.86 -11.47 7.09
CA THR A 105 1.63 -12.87 6.51
C THR A 105 1.49 -12.80 4.97
N LEU A 106 0.46 -12.06 4.51
CA LEU A 106 0.19 -11.71 3.07
C LEU A 106 1.45 -11.08 2.27
N VAL A 107 2.05 -9.99 2.75
CA VAL A 107 3.37 -9.38 2.23
C VAL A 107 4.59 -10.35 2.20
N ALA A 108 4.85 -11.13 3.29
CA ALA A 108 5.86 -12.24 3.23
C ALA A 108 5.73 -13.20 2.04
N LYS A 109 4.56 -13.82 1.90
CA LYS A 109 4.17 -14.60 0.72
C LYS A 109 4.26 -13.91 -0.66
N HIS A 110 3.96 -12.59 -0.82
CA HIS A 110 4.16 -11.74 -1.98
C HIS A 110 5.67 -11.49 -2.38
N ALA A 111 6.43 -10.91 -1.44
CA ALA A 111 7.88 -10.76 -1.55
C ALA A 111 8.70 -12.11 -1.82
N THR A 112 8.52 -13.19 -1.05
CA THR A 112 9.03 -14.53 -1.30
C THR A 112 8.71 -15.18 -2.72
N ALA A 113 7.45 -15.06 -3.20
CA ALA A 113 6.99 -15.38 -4.54
C ALA A 113 7.63 -14.40 -5.67
N ALA A 1 22.11 -3.24 7.59
CA ALA A 1 20.92 -2.50 7.16
C ALA A 1 19.90 -3.47 6.55
N GLU A 2 18.63 -3.19 6.88
CA GLU A 2 17.44 -3.97 6.50
C GLU A 2 16.19 -3.04 6.70
N GLU A 3 15.74 -2.36 5.63
CA GLU A 3 14.49 -1.46 5.69
C GLU A 3 14.05 -0.82 4.34
N GLY A 4 12.77 -0.42 4.36
CA GLY A 4 11.90 0.11 3.27
C GLY A 4 11.32 1.36 3.99
N GLN A 5 10.21 1.89 3.41
CA GLN A 5 9.67 3.26 3.74
C GLN A 5 8.15 3.24 3.48
N VAL A 6 7.54 4.09 4.30
CA VAL A 6 6.14 4.50 4.34
C VAL A 6 6.17 6.05 4.18
N ILE A 7 5.45 6.48 3.16
CA ILE A 7 5.34 7.83 2.65
C ILE A 7 3.77 8.24 2.45
N ALA A 8 3.47 9.42 3.02
CA ALA A 8 2.18 10.16 2.96
C ALA A 8 1.78 10.83 1.58
N CYS A 9 0.64 10.38 1.01
CA CYS A 9 0.08 10.57 -0.33
C CYS A 9 -1.39 11.22 -0.18
N HIS A 10 -1.59 12.22 -1.04
CA HIS A 10 -2.71 13.22 -0.99
C HIS A 10 -3.35 13.72 -2.33
N THR A 11 -2.60 13.67 -3.45
CA THR A 11 -2.86 14.44 -4.69
C THR A 11 -2.41 13.65 -5.92
N VAL A 12 -2.31 14.33 -7.12
CA VAL A 12 -1.61 13.79 -8.36
C VAL A 12 -0.10 13.40 -8.22
N ASP A 13 0.60 14.01 -7.23
CA ASP A 13 1.93 13.57 -6.78
C ASP A 13 2.19 12.05 -6.42
N THR A 14 1.15 11.43 -5.83
CA THR A 14 0.96 9.94 -5.76
C THR A 14 0.83 9.19 -7.12
N TRP A 15 0.04 9.73 -8.09
CA TRP A 15 0.05 9.23 -9.53
C TRP A 15 1.41 8.99 -10.19
N LYS A 16 2.28 10.01 -10.10
CA LYS A 16 3.77 9.97 -10.35
C LYS A 16 4.61 8.91 -9.49
N GLU A 17 4.29 8.73 -8.20
CA GLU A 17 4.89 7.73 -7.30
C GLU A 17 4.37 6.31 -7.61
N HIS A 18 3.05 5.95 -7.47
CA HIS A 18 2.47 4.60 -7.75
C HIS A 18 2.74 3.84 -9.07
N PHE A 19 2.31 4.54 -10.12
CA PHE A 19 2.50 4.20 -11.56
C PHE A 19 3.99 4.19 -12.16
N GLU A 20 4.64 5.30 -11.98
CA GLU A 20 6.11 5.50 -12.35
C GLU A 20 7.13 4.59 -11.66
N LYS A 21 7.04 4.34 -10.33
CA LYS A 21 7.70 3.23 -9.56
C LYS A 21 7.41 1.75 -9.93
N GLY A 22 6.14 1.40 -9.76
CA GLY A 22 5.63 0.04 -10.12
C GLY A 22 6.05 -0.53 -11.56
N LYS A 23 5.50 0.12 -12.56
CA LYS A 23 6.06 0.14 -13.95
C LYS A 23 7.17 1.22 -14.10
N GLY A 24 8.31 0.70 -13.77
CA GLY A 24 9.59 1.38 -14.00
C GLY A 24 10.87 0.75 -13.36
N SER A 25 10.66 0.20 -12.18
CA SER A 25 11.65 -0.30 -11.17
C SER A 25 11.34 -1.80 -11.01
N GLN A 26 12.42 -2.52 -10.92
CA GLN A 26 12.52 -3.96 -10.45
C GLN A 26 12.29 -4.05 -8.90
N LYS A 27 10.96 -4.00 -8.49
CA LYS A 27 10.40 -4.09 -7.13
C LYS A 27 8.83 -4.32 -7.19
N LEU A 28 8.37 -4.74 -6.04
CA LEU A 28 7.00 -4.70 -5.58
C LEU A 28 6.71 -3.29 -4.91
N ILE A 29 5.50 -2.77 -5.11
CA ILE A 29 5.04 -1.39 -4.73
C ILE A 29 3.55 -1.62 -4.35
N VAL A 30 3.21 -1.17 -3.14
CA VAL A 30 1.99 -1.37 -2.32
C VAL A 30 1.38 -0.09 -1.78
N VAL A 31 0.08 -0.05 -1.54
CA VAL A 31 -0.70 1.13 -1.20
C VAL A 31 -1.97 0.66 -0.47
N ASP A 32 -2.07 1.21 0.75
CA ASP A 32 -3.29 1.36 1.50
C ASP A 32 -4.19 2.65 1.12
N PHE A 33 -5.34 2.42 0.47
CA PHE A 33 -6.47 3.34 0.21
C PHE A 33 -7.39 3.26 1.51
N THR A 34 -7.26 4.28 2.33
CA THR A 34 -7.84 4.29 3.73
C THR A 34 -8.09 5.81 3.99
N ALA A 35 -9.17 5.99 4.70
CA ALA A 35 -9.69 7.30 5.21
C ALA A 35 -8.89 7.94 6.37
N SER A 36 -8.86 9.26 6.52
CA SER A 36 -8.62 9.96 7.85
C SER A 36 -9.56 9.63 9.02
N TRP A 37 -10.85 9.48 8.72
CA TRP A 37 -11.92 8.80 9.53
C TRP A 37 -11.73 7.23 9.66
N CYS A 38 -10.52 6.89 10.31
CA CYS A 38 -10.05 5.50 10.39
C CYS A 38 -9.11 5.33 11.58
N PRO A 39 -9.59 5.20 12.87
CA PRO A 39 -8.87 4.66 14.09
C PRO A 39 -8.21 3.25 13.90
N PRO A 40 -8.84 2.13 13.35
CA PRO A 40 -8.13 0.89 12.94
C PRO A 40 -6.79 1.01 12.14
N CYS A 41 -6.85 1.78 11.12
CA CYS A 41 -5.65 2.27 10.39
C CYS A 41 -4.71 3.37 11.02
N LYS A 42 -5.14 4.15 11.98
CA LYS A 42 -4.28 4.92 12.84
C LYS A 42 -3.33 4.03 13.75
N MET A 43 -3.70 2.83 14.25
CA MET A 43 -2.77 1.62 14.69
C MET A 43 -2.01 0.87 13.55
N ILE A 44 -2.71 0.45 12.43
CA ILE A 44 -2.06 -0.13 11.18
C ILE A 44 -0.90 0.65 10.54
N ALA A 45 -0.94 2.02 10.52
CA ALA A 45 0.26 2.90 10.16
C ALA A 45 1.64 2.49 10.80
N PRO A 46 1.86 2.61 12.10
CA PRO A 46 2.90 1.79 12.75
C PRO A 46 3.13 0.30 12.47
N ILE A 47 2.09 -0.53 12.37
CA ILE A 47 2.19 -1.93 11.83
C ILE A 47 2.89 -2.03 10.40
N PHE A 48 2.24 -1.44 9.43
CA PHE A 48 2.76 -1.23 8.05
C PHE A 48 4.17 -0.58 8.02
N ALA A 49 4.62 0.24 8.97
CA ALA A 49 6.01 0.69 9.26
C ALA A 49 6.97 -0.43 9.83
N GLU A 50 6.64 -1.22 10.85
CA GLU A 50 7.34 -2.46 11.28
C GLU A 50 7.63 -3.45 10.15
N LEU A 51 6.53 -3.86 9.46
CA LEU A 51 6.58 -4.55 8.21
C LEU A 51 7.46 -3.92 7.11
N ALA A 52 7.40 -2.63 6.80
CA ALA A 52 8.43 -2.00 5.95
C ALA A 52 9.97 -2.24 6.25
N LYS A 53 10.33 -2.05 7.54
CA LYS A 53 11.66 -2.50 8.09
C LYS A 53 11.96 -4.03 7.90
N LYS A 54 11.06 -4.96 8.14
CA LYS A 54 11.16 -6.36 7.80
C LYS A 54 11.46 -6.80 6.24
N PHE A 55 11.00 -5.86 5.38
CA PHE A 55 10.71 -6.11 3.97
C PHE A 55 11.29 -4.92 3.14
N PRO A 56 12.64 -4.86 2.86
CA PRO A 56 13.33 -4.02 1.82
C PRO A 56 13.13 -4.12 0.23
N ASN A 57 12.63 -5.23 -0.25
CA ASN A 57 12.23 -5.50 -1.70
C ASN A 57 11.02 -4.65 -2.28
N VAL A 58 10.40 -3.80 -1.34
CA VAL A 58 9.01 -3.38 -1.48
C VAL A 58 8.83 -1.92 -0.94
N THR A 59 8.58 -0.88 -1.77
CA THR A 59 8.02 0.37 -1.31
C THR A 59 6.52 0.23 -0.81
N PHE A 60 6.14 1.15 0.09
CA PHE A 60 4.86 1.39 0.76
C PHE A 60 4.44 2.87 0.90
N LEU A 61 3.18 3.09 0.49
CA LEU A 61 2.50 4.41 0.29
C LEU A 61 1.04 4.35 0.87
N LYS A 62 0.47 5.52 1.19
CA LYS A 62 -0.74 5.52 2.08
C LYS A 62 -1.45 6.84 1.66
N VAL A 63 -2.51 6.52 0.90
CA VAL A 63 -3.55 7.48 0.43
C VAL A 63 -4.59 7.77 1.53
N ASP A 64 -4.62 9.04 1.97
CA ASP A 64 -5.94 9.65 2.45
C ASP A 64 -6.89 9.79 1.21
N VAL A 65 -7.83 8.90 1.24
CA VAL A 65 -8.98 8.74 0.29
C VAL A 65 -10.10 9.82 0.15
N ASP A 66 -10.17 10.76 1.07
CA ASP A 66 -10.99 12.00 0.93
C ASP A 66 -10.69 12.76 -0.38
N GLU A 67 -9.43 13.21 -0.68
CA GLU A 67 -8.96 13.75 -2.01
C GLU A 67 -8.94 12.74 -3.27
N LEU A 68 -8.96 11.41 -3.09
CA LEU A 68 -8.52 10.38 -4.04
C LEU A 68 -9.36 9.05 -3.97
N LYS A 69 -10.71 9.23 -3.80
CA LYS A 69 -11.78 8.22 -4.04
C LYS A 69 -11.96 7.71 -5.53
N ALA A 70 -12.14 8.56 -6.55
CA ALA A 70 -12.29 8.19 -8.06
C ALA A 70 -11.28 7.07 -8.50
N VAL A 71 -9.94 7.26 -8.32
CA VAL A 71 -8.82 6.27 -8.46
C VAL A 71 -8.89 5.06 -7.52
N ALA A 72 -9.10 5.31 -6.18
CA ALA A 72 -9.39 4.19 -5.20
C ALA A 72 -10.34 3.08 -5.66
N GLU A 73 -11.48 3.55 -6.05
CA GLU A 73 -12.57 2.80 -6.68
C GLU A 73 -12.09 2.13 -8.04
N GLU A 74 -11.50 2.86 -9.07
CA GLU A 74 -10.96 2.27 -10.37
C GLU A 74 -9.98 1.07 -10.22
N TRP A 75 -8.86 1.05 -9.40
CA TRP A 75 -8.07 -0.14 -9.04
C TRP A 75 -8.83 -1.31 -8.35
N ASN A 76 -9.66 -0.95 -7.36
CA ASN A 76 -10.93 -1.70 -7.08
C ASN A 76 -11.16 -1.59 -5.53
N VAL A 77 -11.88 -0.56 -5.08
CA VAL A 77 -12.04 -0.17 -3.65
C VAL A 77 -13.49 0.42 -3.53
N GLU A 78 -14.37 -0.51 -3.35
CA GLU A 78 -15.74 -0.38 -2.71
C GLU A 78 -15.86 -0.32 -1.16
N ALA A 79 -14.66 -0.33 -0.46
CA ALA A 79 -14.60 -0.52 0.99
C ALA A 79 -13.27 -0.03 1.65
N MET A 80 -13.49 0.78 2.69
CA MET A 80 -12.53 0.96 3.79
C MET A 80 -12.28 -0.42 4.59
N PRO A 81 -11.04 -1.11 4.67
CA PRO A 81 -9.81 -0.63 3.89
C PRO A 81 -8.58 -1.52 3.34
N THR A 82 -8.14 -1.06 2.15
CA THR A 82 -7.79 -1.94 1.02
C THR A 82 -6.44 -1.47 0.45
N PHE A 83 -5.63 -2.58 0.44
CA PHE A 83 -4.21 -2.71 0.11
C PHE A 83 -4.19 -3.35 -1.33
N ILE A 84 -3.42 -2.76 -2.21
CA ILE A 84 -3.41 -2.95 -3.67
C ILE A 84 -1.84 -3.05 -3.97
N PHE A 85 -1.57 -3.95 -4.95
CA PHE A 85 -0.26 -4.66 -5.07
C PHE A 85 -0.01 -4.56 -6.64
N LEU A 86 1.05 -3.86 -6.97
CA LEU A 86 1.57 -3.48 -8.34
C LEU A 86 3.03 -3.94 -8.32
N LYS A 87 3.27 -4.69 -9.39
CA LYS A 87 4.56 -5.26 -9.87
C LYS A 87 5.23 -4.40 -10.94
N ASP A 88 6.50 -4.64 -11.22
CA ASP A 88 7.08 -4.54 -12.65
C ASP A 88 6.46 -5.61 -13.69
N GLY A 89 5.17 -5.65 -13.78
CA GLY A 89 4.32 -6.44 -14.72
C GLY A 89 2.77 -6.22 -14.61
N LYS A 90 2.33 -4.94 -14.30
CA LYS A 90 0.86 -4.44 -14.08
C LYS A 90 0.26 -5.00 -12.67
N LEU A 91 -1.00 -4.49 -12.42
CA LEU A 91 -1.90 -4.87 -11.28
C LEU A 91 -1.95 -6.40 -11.05
N VAL A 92 -1.15 -6.91 -10.10
CA VAL A 92 -1.13 -8.31 -9.58
C VAL A 92 -2.40 -8.63 -8.72
N ASP A 93 -2.54 -8.09 -7.47
CA ASP A 93 -3.47 -8.57 -6.44
C ASP A 93 -3.95 -7.47 -5.42
N LYS A 94 -4.86 -7.88 -4.46
CA LYS A 94 -5.55 -6.98 -3.43
C LYS A 94 -6.19 -7.78 -2.28
N THR A 95 -6.43 -7.08 -1.15
CA THR A 95 -6.98 -7.68 0.08
C THR A 95 -7.52 -6.45 0.86
N VAL A 96 -8.74 -6.61 1.34
CA VAL A 96 -9.62 -5.65 2.04
C VAL A 96 -9.80 -6.17 3.57
N GLY A 97 -9.03 -5.59 4.50
CA GLY A 97 -9.14 -5.79 6.02
C GLY A 97 -8.14 -4.90 6.85
N ALA A 98 -7.96 -5.37 8.13
CA ALA A 98 -7.14 -4.60 9.17
C ALA A 98 -6.77 -5.59 10.36
N ASP A 99 -5.50 -6.09 10.35
CA ASP A 99 -5.06 -7.22 11.24
C ASP A 99 -3.49 -7.08 11.39
N LYS A 100 -3.06 -7.09 12.66
CA LYS A 100 -1.68 -6.88 13.18
C LYS A 100 -0.54 -7.84 12.61
N ASP A 101 -0.67 -9.13 12.83
CA ASP A 101 -0.02 -10.19 12.00
C ASP A 101 -0.55 -10.46 10.56
N GLY A 102 -1.87 -10.51 10.40
CA GLY A 102 -2.54 -10.60 9.03
C GLY A 102 -1.93 -9.83 7.76
N LEU A 103 -1.71 -8.51 7.89
CA LEU A 103 -0.95 -7.69 6.92
C LEU A 103 0.53 -8.18 6.77
N PRO A 104 1.54 -8.34 7.74
CA PRO A 104 2.81 -9.07 7.56
C PRO A 104 2.73 -10.56 6.91
N THR A 105 1.70 -11.27 7.15
CA THR A 105 1.39 -12.61 6.51
C THR A 105 1.22 -12.51 4.97
N LEU A 106 0.20 -11.73 4.66
CA LEU A 106 -0.16 -11.35 3.27
C LEU A 106 0.98 -10.77 2.39
N VAL A 107 1.59 -9.65 2.81
CA VAL A 107 2.88 -9.13 2.20
C VAL A 107 4.00 -10.15 2.04
N ALA A 108 4.34 -10.90 3.11
CA ALA A 108 5.33 -12.03 3.10
C ALA A 108 5.05 -13.03 1.95
N LYS A 109 3.83 -13.49 1.94
CA LYS A 109 3.26 -14.21 0.77
C LYS A 109 3.38 -13.61 -0.63
N HIS A 110 3.02 -12.33 -0.88
CA HIS A 110 3.22 -11.59 -2.15
C HIS A 110 4.71 -11.35 -2.67
N ALA A 111 5.54 -10.91 -1.74
CA ALA A 111 6.99 -10.67 -1.91
C ALA A 111 7.94 -11.91 -2.20
N THR A 112 7.86 -12.92 -1.31
CA THR A 112 8.50 -14.28 -1.45
C THR A 112 8.19 -15.03 -2.76
N ALA A 113 6.92 -15.15 -3.24
CA ALA A 113 6.50 -15.46 -4.64
C ALA A 113 6.87 -14.29 -5.63
N ALA A 1 20.73 -1.03 8.38
CA ALA A 1 19.60 -0.21 8.00
C ALA A 1 19.08 -0.77 6.60
N GLU A 2 17.92 -1.49 6.56
CA GLU A 2 17.56 -2.43 5.53
C GLU A 2 16.02 -2.35 5.37
N GLU A 3 15.51 -1.38 4.57
CA GLU A 3 14.08 -0.94 4.66
C GLU A 3 13.47 -0.34 3.35
N GLY A 4 12.13 -0.49 3.29
CA GLY A 4 11.20 0.39 2.58
C GLY A 4 10.97 1.71 3.31
N GLN A 5 9.94 2.40 2.86
CA GLN A 5 9.60 3.80 3.24
C GLN A 5 8.03 3.95 3.17
N VAL A 6 7.36 4.09 4.31
CA VAL A 6 5.90 4.37 4.50
C VAL A 6 5.67 5.88 4.44
N ILE A 7 5.01 6.36 3.45
CA ILE A 7 4.95 7.76 2.96
C ILE A 7 3.38 8.10 2.69
N ALA A 8 2.94 9.25 3.30
CA ALA A 8 1.69 9.95 3.00
C ALA A 8 1.53 10.46 1.52
N CYS A 9 0.33 10.43 1.01
CA CYS A 9 0.07 10.62 -0.40
C CYS A 9 -1.35 11.25 -0.42
N HIS A 10 -1.56 12.20 -1.34
CA HIS A 10 -2.72 13.15 -1.41
C HIS A 10 -3.21 13.62 -2.86
N THR A 11 -2.47 13.45 -3.96
CA THR A 11 -2.55 14.27 -5.20
C THR A 11 -2.26 13.36 -6.48
N VAL A 12 -2.18 13.97 -7.68
CA VAL A 12 -1.51 13.40 -8.90
C VAL A 12 0.08 13.11 -8.78
N ASP A 13 0.71 13.67 -7.75
CA ASP A 13 2.08 13.36 -7.32
C ASP A 13 2.42 11.89 -6.88
N THR A 14 1.43 11.31 -6.16
CA THR A 14 1.32 9.86 -5.94
C THR A 14 1.12 8.94 -7.13
N TRP A 15 0.29 9.38 -8.13
CA TRP A 15 0.39 8.76 -9.50
C TRP A 15 1.84 8.65 -10.02
N LYS A 16 2.63 9.69 -10.07
CA LYS A 16 4.08 9.62 -10.24
C LYS A 16 4.98 8.66 -9.32
N GLU A 17 4.67 8.45 -8.07
CA GLU A 17 5.24 7.55 -7.09
C GLU A 17 4.85 6.01 -7.25
N HIS A 18 3.56 5.72 -7.22
CA HIS A 18 2.98 4.39 -7.43
C HIS A 18 3.43 3.65 -8.74
N PHE A 19 3.09 4.29 -9.83
CA PHE A 19 3.32 3.90 -11.23
C PHE A 19 4.81 3.87 -11.75
N GLU A 20 5.64 4.93 -11.68
CA GLU A 20 7.11 4.97 -11.94
C GLU A 20 8.01 4.05 -11.07
N LYS A 21 7.89 4.01 -9.70
CA LYS A 21 8.45 2.87 -8.85
C LYS A 21 8.00 1.44 -9.26
N GLY A 22 6.65 1.14 -9.21
CA GLY A 22 6.02 -0.11 -9.64
C GLY A 22 6.51 -0.78 -10.93
N LYS A 23 5.93 -0.33 -12.04
CA LYS A 23 6.53 -0.41 -13.39
C LYS A 23 7.69 0.65 -13.56
N GLY A 24 8.86 0.12 -13.37
CA GLY A 24 10.10 0.91 -13.61
C GLY A 24 11.28 0.05 -13.16
N SER A 25 11.19 -0.27 -11.83
CA SER A 25 12.09 -1.04 -10.99
C SER A 25 11.42 -2.33 -10.47
N GLN A 26 12.26 -3.46 -10.57
CA GLN A 26 12.03 -4.84 -10.02
C GLN A 26 11.80 -4.79 -8.47
N LYS A 27 10.59 -4.40 -8.11
CA LYS A 27 10.07 -4.27 -6.72
C LYS A 27 8.50 -4.38 -6.75
N LEU A 28 7.99 -4.96 -5.71
CA LEU A 28 6.60 -4.78 -5.25
C LEU A 28 6.40 -3.31 -4.61
N ILE A 29 5.16 -2.80 -4.65
CA ILE A 29 4.77 -1.46 -4.22
C ILE A 29 3.27 -1.66 -3.71
N VAL A 30 2.94 -1.27 -2.52
CA VAL A 30 1.84 -1.73 -1.67
C VAL A 30 1.24 -0.40 -1.09
N VAL A 31 0.04 -0.17 -1.56
CA VAL A 31 -0.64 1.14 -1.64
C VAL A 31 -2.07 0.93 -1.00
N ASP A 32 -2.16 1.40 0.26
CA ASP A 32 -3.35 1.64 1.12
C ASP A 32 -4.26 2.74 0.54
N PHE A 33 -5.54 2.63 0.82
CA PHE A 33 -6.65 3.43 0.36
C PHE A 33 -7.59 3.36 1.61
N THR A 34 -7.43 4.45 2.41
CA THR A 34 -8.08 4.62 3.80
C THR A 34 -8.37 6.12 3.87
N ALA A 35 -9.33 6.44 4.66
CA ALA A 35 -9.77 7.76 5.15
C ALA A 35 -9.02 8.13 6.49
N SER A 36 -8.78 9.41 6.57
CA SER A 36 -8.32 9.96 7.87
C SER A 36 -9.18 9.67 9.12
N TRP A 37 -10.54 9.69 9.08
CA TRP A 37 -11.48 9.08 10.08
C TRP A 37 -11.49 7.52 10.21
N CYS A 38 -10.51 6.93 10.92
CA CYS A 38 -10.41 5.46 11.05
C CYS A 38 -9.40 5.08 12.15
N PRO A 39 -9.83 4.94 13.40
CA PRO A 39 -9.02 4.22 14.42
C PRO A 39 -8.43 2.78 14.03
N PRO A 40 -9.19 1.84 13.36
CA PRO A 40 -8.60 0.66 12.69
C PRO A 40 -7.31 0.71 11.90
N CYS A 41 -7.33 1.55 10.87
CA CYS A 41 -6.12 2.02 10.20
C CYS A 41 -5.15 3.04 10.91
N LYS A 42 -5.54 3.70 11.97
CA LYS A 42 -4.59 4.22 12.96
C LYS A 42 -3.57 3.24 13.72
N MET A 43 -4.04 2.06 14.14
CA MET A 43 -3.16 0.84 14.45
C MET A 43 -2.42 0.16 13.23
N ILE A 44 -3.14 0.03 12.10
CA ILE A 44 -2.44 -0.40 10.84
C ILE A 44 -1.22 0.48 10.36
N ALA A 45 -1.32 1.84 10.38
CA ALA A 45 -0.12 2.73 10.14
C ALA A 45 1.26 2.30 10.83
N PRO A 46 1.38 2.16 12.16
CA PRO A 46 2.45 1.42 12.87
C PRO A 46 2.83 0.00 12.38
N ILE A 47 1.79 -0.91 12.14
CA ILE A 47 1.93 -2.26 11.53
C ILE A 47 2.63 -2.30 10.15
N PHE A 48 2.29 -1.35 9.27
CA PHE A 48 2.91 -1.01 7.91
C PHE A 48 4.34 -0.46 8.01
N ALA A 49 4.63 0.35 9.05
CA ALA A 49 5.98 0.72 9.47
C ALA A 49 7.01 -0.36 9.98
N GLU A 50 6.59 -1.18 10.97
CA GLU A 50 7.25 -2.46 11.30
C GLU A 50 7.53 -3.43 10.16
N LEU A 51 6.51 -3.88 9.38
CA LEU A 51 6.68 -4.54 8.10
C LEU A 51 7.65 -3.85 7.03
N ALA A 52 7.61 -2.51 6.76
CA ALA A 52 8.65 -1.77 5.96
C ALA A 52 10.17 -1.97 6.37
N LYS A 53 10.45 -1.99 7.68
CA LYS A 53 11.72 -2.36 8.37
C LYS A 53 12.21 -3.86 8.21
N LYS A 54 11.28 -4.79 8.23
CA LYS A 54 11.45 -6.18 7.85
C LYS A 54 11.89 -6.56 6.37
N PHE A 55 11.33 -5.78 5.50
CA PHE A 55 11.10 -6.08 4.10
C PHE A 55 11.61 -4.94 3.01
N PRO A 56 12.93 -4.87 2.70
CA PRO A 56 13.62 -3.94 1.74
C PRO A 56 13.37 -3.75 0.11
N ASN A 57 12.78 -4.78 -0.57
CA ASN A 57 12.36 -4.88 -1.98
C ASN A 57 11.03 -4.27 -2.38
N VAL A 58 10.51 -3.38 -1.48
CA VAL A 58 9.06 -2.99 -1.49
C VAL A 58 8.89 -1.55 -0.92
N THR A 59 8.39 -0.65 -1.75
CA THR A 59 8.00 0.74 -1.42
C THR A 59 6.54 0.64 -0.88
N PHE A 60 6.15 1.69 -0.11
CA PHE A 60 4.94 1.65 0.79
C PHE A 60 4.37 3.07 0.90
N LEU A 61 3.12 3.13 0.57
CA LEU A 61 2.39 4.43 0.39
C LEU A 61 0.93 4.22 0.83
N LYS A 62 0.34 5.35 1.19
CA LYS A 62 -0.98 5.48 1.90
C LYS A 62 -1.68 6.75 1.41
N VAL A 63 -2.76 6.45 0.63
CA VAL A 63 -3.76 7.41 -0.03
C VAL A 63 -4.84 7.75 1.05
N ASP A 64 -4.88 9.09 1.28
CA ASP A 64 -6.07 9.75 1.90
C ASP A 64 -7.27 9.77 0.87
N VAL A 65 -8.26 8.93 1.11
CA VAL A 65 -9.48 8.76 0.29
C VAL A 65 -10.36 9.98 -0.02
N ASP A 66 -10.58 10.96 0.88
CA ASP A 66 -11.31 12.21 0.69
C ASP A 66 -10.75 13.04 -0.49
N GLU A 67 -9.39 13.09 -0.62
CA GLU A 67 -8.60 13.54 -1.78
C GLU A 67 -8.68 12.82 -3.16
N LEU A 68 -8.80 11.48 -3.14
CA LEU A 68 -8.53 10.54 -4.27
C LEU A 68 -9.41 9.21 -4.32
N LYS A 69 -10.67 9.48 -4.05
CA LYS A 69 -11.81 8.54 -4.19
C LYS A 69 -12.15 7.99 -5.62
N ALA A 70 -12.20 8.87 -6.62
CA ALA A 70 -12.40 8.53 -8.05
C ALA A 70 -11.44 7.38 -8.60
N VAL A 71 -10.14 7.60 -8.58
CA VAL A 71 -9.09 6.58 -8.78
C VAL A 71 -9.16 5.24 -7.91
N ALA A 72 -9.19 5.45 -6.57
CA ALA A 72 -9.21 4.34 -5.55
C ALA A 72 -10.31 3.26 -5.83
N GLU A 73 -11.53 3.79 -5.90
CA GLU A 73 -12.77 3.04 -6.30
C GLU A 73 -12.58 2.36 -7.69
N GLU A 74 -11.97 3.09 -8.71
CA GLU A 74 -11.48 2.50 -10.05
C GLU A 74 -10.73 1.12 -10.09
N TRP A 75 -9.59 1.02 -9.37
CA TRP A 75 -8.86 -0.21 -9.03
C TRP A 75 -9.73 -1.33 -8.32
N ASN A 76 -10.41 -1.02 -7.27
CA ASN A 76 -11.63 -1.57 -6.74
C ASN A 76 -11.61 -1.38 -5.18
N VAL A 77 -11.89 -0.16 -4.80
CA VAL A 77 -12.13 0.37 -3.43
C VAL A 77 -13.69 0.50 -3.11
N GLU A 78 -14.22 -0.63 -2.71
CA GLU A 78 -15.52 -0.72 -1.95
C GLU A 78 -15.58 -0.06 -0.53
N ALA A 79 -14.47 -0.16 0.19
CA ALA A 79 -14.46 -0.01 1.65
C ALA A 79 -13.16 0.70 2.11
N MET A 80 -13.43 1.34 3.31
CA MET A 80 -12.44 1.45 4.43
C MET A 80 -12.29 0.05 5.12
N PRO A 81 -11.11 -0.60 4.92
CA PRO A 81 -10.01 -0.17 4.03
C PRO A 81 -9.01 -1.23 3.39
N THR A 82 -8.81 -0.89 2.16
CA THR A 82 -8.35 -1.64 1.00
C THR A 82 -6.75 -1.18 0.84
N PHE A 83 -5.98 -2.31 0.59
CA PHE A 83 -4.54 -2.40 0.21
C PHE A 83 -4.58 -3.23 -1.16
N ILE A 84 -3.72 -2.65 -2.00
CA ILE A 84 -3.66 -2.95 -3.46
C ILE A 84 -2.16 -3.06 -3.84
N PHE A 85 -1.86 -3.96 -4.78
CA PHE A 85 -0.52 -4.65 -4.99
C PHE A 85 -0.25 -4.56 -6.52
N LEU A 86 0.81 -3.80 -6.81
CA LEU A 86 1.26 -3.36 -8.17
C LEU A 86 2.79 -3.79 -8.01
N LYS A 87 3.17 -4.66 -8.92
CA LYS A 87 4.55 -5.12 -9.21
C LYS A 87 5.18 -4.46 -10.46
N ASP A 88 6.45 -4.84 -10.71
CA ASP A 88 6.92 -4.92 -12.14
C ASP A 88 6.15 -5.90 -13.23
N GLY A 89 4.86 -5.97 -13.07
CA GLY A 89 3.95 -6.80 -13.87
C GLY A 89 2.48 -6.45 -13.90
N LYS A 90 2.11 -5.13 -13.88
CA LYS A 90 0.74 -4.57 -13.69
C LYS A 90 0.21 -4.82 -12.22
N LEU A 91 -1.16 -4.66 -12.02
CA LEU A 91 -1.98 -4.93 -10.85
C LEU A 91 -2.11 -6.49 -10.56
N VAL A 92 -1.24 -7.01 -9.66
CA VAL A 92 -1.26 -8.44 -9.14
C VAL A 92 -2.46 -8.77 -8.22
N ASP A 93 -2.77 -8.01 -7.13
CA ASP A 93 -3.63 -8.42 -5.98
C ASP A 93 -4.37 -7.24 -5.23
N LYS A 94 -5.37 -7.64 -4.45
CA LYS A 94 -6.29 -6.73 -3.74
C LYS A 94 -7.10 -7.45 -2.58
N THR A 95 -6.91 -6.89 -1.41
CA THR A 95 -7.40 -7.48 -0.12
C THR A 95 -7.70 -6.24 0.78
N VAL A 96 -8.71 -6.36 1.51
CA VAL A 96 -9.48 -5.28 2.20
C VAL A 96 -9.70 -5.87 3.64
N GLY A 97 -8.95 -5.30 4.64
CA GLY A 97 -9.13 -5.55 6.10
C GLY A 97 -8.05 -4.82 6.89
N ALA A 98 -7.88 -5.23 8.17
CA ALA A 98 -6.91 -4.58 9.17
C ALA A 98 -6.70 -5.51 10.37
N ASP A 99 -5.50 -6.12 10.42
CA ASP A 99 -5.07 -7.14 11.43
C ASP A 99 -3.56 -7.15 11.52
N LYS A 100 -3.11 -7.10 12.78
CA LYS A 100 -1.66 -7.16 13.16
C LYS A 100 -0.70 -8.13 12.47
N ASP A 101 -1.01 -9.42 12.64
CA ASP A 101 -0.54 -10.55 11.73
C ASP A 101 -0.94 -10.60 10.26
N GLY A 102 -2.29 -10.47 9.96
CA GLY A 102 -2.87 -10.54 8.61
C GLY A 102 -2.08 -9.92 7.41
N LEU A 103 -1.89 -8.62 7.44
CA LEU A 103 -1.04 -7.81 6.52
C LEU A 103 0.47 -8.25 6.35
N PRO A 104 1.35 -8.37 7.42
CA PRO A 104 2.66 -9.06 7.38
C PRO A 104 2.84 -10.43 6.60
N THR A 105 1.83 -11.34 6.78
CA THR A 105 1.64 -12.62 6.11
C THR A 105 1.29 -12.61 4.56
N LEU A 106 0.26 -11.80 4.19
CA LEU A 106 0.00 -11.45 2.71
C LEU A 106 1.16 -10.85 1.85
N VAL A 107 1.89 -9.80 2.41
CA VAL A 107 3.10 -9.11 1.92
C VAL A 107 4.33 -10.00 1.75
N ALA A 108 4.77 -10.69 2.86
CA ALA A 108 5.78 -11.70 2.74
C ALA A 108 5.59 -12.81 1.62
N LYS A 109 4.36 -13.40 1.64
CA LYS A 109 3.95 -14.27 0.49
C LYS A 109 4.09 -13.57 -0.97
N HIS A 110 3.78 -12.28 -1.10
CA HIS A 110 4.05 -11.40 -2.22
C HIS A 110 5.50 -10.95 -2.64
N ALA A 111 6.25 -10.44 -1.70
CA ALA A 111 7.71 -10.22 -1.78
C ALA A 111 8.63 -11.40 -2.05
N THR A 112 8.29 -12.59 -1.45
CA THR A 112 8.82 -13.90 -2.01
C THR A 112 8.45 -14.09 -3.59
N ALA A 113 7.22 -14.41 -3.96
CA ALA A 113 6.62 -14.47 -5.34
C ALA A 113 6.81 -13.27 -6.32
N ALA A 1 22.37 -0.49 6.17
CA ALA A 1 20.97 -0.08 6.45
C ALA A 1 20.10 -0.18 5.14
N GLU A 2 19.10 -1.09 5.17
CA GLU A 2 18.33 -1.47 3.95
C GLU A 2 16.94 -1.95 4.45
N GLU A 3 15.90 -1.22 4.02
CA GLU A 3 14.49 -1.39 4.43
C GLU A 3 13.53 -0.83 3.36
N GLY A 4 12.27 -1.33 3.50
CA GLY A 4 11.04 -0.68 3.01
C GLY A 4 10.70 0.69 3.73
N GLN A 5 9.78 1.47 3.16
CA GLN A 5 9.57 2.89 3.50
C GLN A 5 8.12 3.27 3.21
N VAL A 6 7.45 3.63 4.27
CA VAL A 6 6.11 4.14 4.34
C VAL A 6 6.21 5.74 4.06
N ILE A 7 5.57 6.17 2.99
CA ILE A 7 5.50 7.50 2.38
C ILE A 7 3.96 7.93 2.27
N ALA A 8 3.66 9.11 2.81
CA ALA A 8 2.39 9.85 2.56
C ALA A 8 2.01 10.34 1.14
N CYS A 9 0.71 10.27 0.81
CA CYS A 9 0.08 10.48 -0.54
C CYS A 9 -1.37 11.05 -0.34
N HIS A 10 -1.52 12.14 -1.08
CA HIS A 10 -2.65 13.07 -0.89
C HIS A 10 -3.25 13.71 -2.21
N THR A 11 -2.51 13.67 -3.38
CA THR A 11 -2.67 14.51 -4.58
C THR A 11 -2.35 13.77 -5.89
N VAL A 12 -2.35 14.43 -7.08
CA VAL A 12 -1.70 13.95 -8.39
C VAL A 12 -0.14 13.54 -8.33
N ASP A 13 0.61 14.05 -7.34
CA ASP A 13 1.92 13.48 -6.85
C ASP A 13 2.04 11.95 -6.62
N THR A 14 1.05 11.28 -6.02
CA THR A 14 0.88 9.82 -6.04
C THR A 14 0.55 9.10 -7.40
N TRP A 15 -0.10 9.74 -8.33
CA TRP A 15 -0.16 9.30 -9.76
C TRP A 15 1.28 9.17 -10.35
N LYS A 16 2.15 10.16 -10.19
CA LYS A 16 3.63 9.99 -10.42
C LYS A 16 4.38 8.85 -9.64
N GLU A 17 4.34 8.88 -8.30
CA GLU A 17 4.93 7.88 -7.35
C GLU A 17 4.47 6.41 -7.59
N HIS A 18 3.17 6.05 -7.40
CA HIS A 18 2.58 4.67 -7.62
C HIS A 18 2.87 3.98 -8.98
N PHE A 19 2.48 4.71 -10.07
CA PHE A 19 2.64 4.24 -11.46
C PHE A 19 4.10 3.96 -11.89
N GLU A 20 4.93 5.01 -11.89
CA GLU A 20 6.39 4.93 -12.15
C GLU A 20 7.31 3.92 -11.33
N LYS A 21 7.24 3.92 -9.99
CA LYS A 21 7.88 2.89 -9.15
C LYS A 21 7.42 1.40 -9.47
N GLY A 22 6.05 1.19 -9.28
CA GLY A 22 5.33 -0.03 -9.56
C GLY A 22 5.75 -0.68 -10.91
N LYS A 23 5.05 -0.24 -11.96
CA LYS A 23 5.55 -0.33 -13.38
C LYS A 23 6.73 0.69 -13.67
N GLY A 24 7.92 0.13 -13.58
CA GLY A 24 9.12 0.75 -14.20
C GLY A 24 10.54 0.37 -13.60
N SER A 25 10.45 0.23 -12.27
CA SER A 25 11.51 -0.17 -11.39
C SER A 25 11.05 -1.67 -11.09
N GLN A 26 12.04 -2.47 -11.18
CA GLN A 26 12.02 -3.89 -10.63
C GLN A 26 11.98 -3.96 -9.07
N LYS A 27 10.73 -3.85 -8.59
CA LYS A 27 10.25 -3.89 -7.15
C LYS A 27 8.67 -4.13 -7.13
N LEU A 28 8.34 -4.55 -5.92
CA LEU A 28 6.97 -4.61 -5.39
C LEU A 28 6.77 -3.28 -4.59
N ILE A 29 5.53 -2.85 -4.70
CA ILE A 29 4.96 -1.67 -4.09
C ILE A 29 3.56 -2.09 -3.59
N VAL A 30 3.15 -1.54 -2.48
CA VAL A 30 1.95 -1.90 -1.63
C VAL A 30 1.30 -0.51 -1.23
N VAL A 31 -0.03 -0.48 -1.20
CA VAL A 31 -0.89 0.72 -1.08
C VAL A 31 -2.16 0.50 -0.26
N ASP A 32 -2.16 1.06 0.95
CA ASP A 32 -3.45 1.51 1.67
C ASP A 32 -4.20 2.67 0.96
N PHE A 33 -5.51 2.57 1.23
CA PHE A 33 -6.67 3.43 0.63
C PHE A 33 -7.48 3.56 1.88
N THR A 34 -7.44 4.62 2.63
CA THR A 34 -7.89 4.72 4.02
C THR A 34 -8.34 6.18 4.03
N ALA A 35 -9.46 6.43 4.72
CA ALA A 35 -9.97 7.71 5.11
C ALA A 35 -9.14 8.23 6.43
N SER A 36 -9.12 9.55 6.58
CA SER A 36 -8.62 10.28 7.78
C SER A 36 -9.31 9.87 9.13
N TRP A 37 -10.68 9.87 9.00
CA TRP A 37 -11.61 9.19 9.88
C TRP A 37 -11.51 7.59 9.84
N CYS A 38 -10.61 6.96 10.64
CA CYS A 38 -10.39 5.48 10.70
C CYS A 38 -9.50 5.07 11.93
N PRO A 39 -10.09 4.81 13.13
CA PRO A 39 -9.38 4.13 14.24
C PRO A 39 -8.57 2.73 14.03
N PRO A 40 -9.12 1.79 13.25
CA PRO A 40 -8.36 0.60 12.73
C PRO A 40 -7.04 0.87 11.97
N CYS A 41 -7.10 1.72 10.89
CA CYS A 41 -5.89 2.33 10.32
C CYS A 41 -5.01 3.32 11.21
N LYS A 42 -5.51 3.92 12.25
CA LYS A 42 -4.69 4.48 13.37
C LYS A 42 -3.73 3.48 14.11
N MET A 43 -4.16 2.22 14.38
CA MET A 43 -3.23 1.05 14.57
C MET A 43 -2.41 0.55 13.32
N ILE A 44 -3.05 0.24 12.19
CA ILE A 44 -2.32 -0.09 10.93
C ILE A 44 -1.18 0.81 10.38
N ALA A 45 -1.27 2.14 10.61
CA ALA A 45 -0.19 3.13 10.32
C ALA A 45 1.21 2.77 10.97
N PRO A 46 1.33 2.63 12.32
CA PRO A 46 2.45 1.90 12.95
C PRO A 46 2.80 0.40 12.56
N ILE A 47 1.81 -0.48 12.34
CA ILE A 47 2.03 -1.85 11.70
C ILE A 47 2.71 -1.76 10.37
N PHE A 48 2.18 -0.98 9.40
CA PHE A 48 2.85 -0.62 8.11
C PHE A 48 4.34 -0.24 8.14
N ALA A 49 4.65 0.66 9.09
CA ALA A 49 6.04 1.00 9.51
C ALA A 49 6.94 -0.11 10.18
N GLU A 50 6.40 -0.89 11.14
CA GLU A 50 7.03 -2.21 11.61
C GLU A 50 7.32 -3.32 10.50
N LEU A 51 6.28 -3.58 9.77
CA LEU A 51 6.27 -4.36 8.52
C LEU A 51 7.29 -3.90 7.43
N ALA A 52 7.18 -2.65 6.95
CA ALA A 52 8.27 -2.01 6.10
C ALA A 52 9.70 -2.09 6.61
N LYS A 53 9.96 -1.86 7.92
CA LYS A 53 11.24 -2.26 8.61
C LYS A 53 11.69 -3.74 8.44
N LYS A 54 10.79 -4.73 8.59
CA LYS A 54 10.96 -6.18 8.27
C LYS A 54 11.38 -6.65 6.84
N PHE A 55 10.94 -5.86 5.86
CA PHE A 55 10.77 -6.20 4.39
C PHE A 55 11.40 -5.10 3.44
N PRO A 56 12.66 -5.31 2.98
CA PRO A 56 13.48 -4.54 2.01
C PRO A 56 13.17 -4.37 0.47
N ASN A 57 12.73 -5.42 -0.26
CA ASN A 57 12.37 -5.45 -1.73
C ASN A 57 11.07 -4.63 -2.10
N VAL A 58 10.45 -3.91 -1.08
CA VAL A 58 9.08 -3.57 -1.09
C VAL A 58 8.98 -2.15 -0.43
N THR A 59 8.48 -1.22 -1.29
CA THR A 59 7.97 0.12 -0.97
C THR A 59 6.44 0.04 -0.60
N PHE A 60 6.05 1.08 0.18
CA PHE A 60 4.77 1.28 0.85
C PHE A 60 4.35 2.75 0.71
N LEU A 61 3.05 3.03 0.57
CA LEU A 61 2.47 4.35 0.40
C LEU A 61 0.96 4.28 0.84
N LYS A 62 0.45 5.38 1.31
CA LYS A 62 -0.81 5.55 1.95
C LYS A 62 -1.42 6.81 1.37
N VAL A 63 -2.45 6.43 0.59
CA VAL A 63 -3.39 7.38 -0.07
C VAL A 63 -4.41 7.66 1.03
N ASP A 64 -4.58 8.89 1.40
CA ASP A 64 -5.74 9.45 2.08
C ASP A 64 -6.83 9.66 0.96
N VAL A 65 -7.96 8.88 1.13
CA VAL A 65 -9.13 8.71 0.25
C VAL A 65 -9.90 10.02 -0.04
N ASP A 66 -10.06 10.79 0.99
CA ASP A 66 -10.77 12.16 1.03
C ASP A 66 -10.35 13.03 -0.17
N GLU A 67 -9.05 13.38 -0.37
CA GLU A 67 -8.51 13.99 -1.57
C GLU A 67 -8.59 13.22 -2.92
N LEU A 68 -8.79 11.89 -2.89
CA LEU A 68 -8.43 10.98 -4.09
C LEU A 68 -9.31 9.72 -4.09
N LYS A 69 -10.62 9.92 -4.01
CA LYS A 69 -11.70 8.88 -4.12
C LYS A 69 -11.92 8.19 -5.51
N ALA A 70 -12.15 9.08 -6.53
CA ALA A 70 -12.33 8.77 -7.88
C ALA A 70 -11.33 7.80 -8.47
N VAL A 71 -9.98 8.09 -8.42
CA VAL A 71 -8.87 7.03 -8.52
C VAL A 71 -8.86 5.76 -7.60
N ALA A 72 -8.97 6.00 -6.30
CA ALA A 72 -9.12 4.75 -5.36
C ALA A 72 -10.11 3.64 -5.77
N GLU A 73 -11.28 4.08 -5.99
CA GLU A 73 -12.36 3.32 -6.58
C GLU A 73 -11.96 2.66 -7.93
N GLU A 74 -11.31 3.44 -8.87
CA GLU A 74 -10.70 2.97 -10.09
C GLU A 74 -9.60 1.87 -9.95
N TRP A 75 -8.65 1.97 -8.92
CA TRP A 75 -7.80 0.88 -8.48
C TRP A 75 -8.48 -0.46 -8.18
N ASN A 76 -9.52 -0.33 -7.29
CA ASN A 76 -10.67 -1.31 -7.24
C ASN A 76 -11.13 -1.29 -5.73
N VAL A 77 -11.64 -0.23 -5.21
CA VAL A 77 -11.77 0.12 -3.72
C VAL A 77 -13.22 0.65 -3.76
N GLU A 78 -14.13 -0.25 -3.47
CA GLU A 78 -15.50 -0.03 -2.72
C GLU A 78 -15.60 0.20 -1.16
N ALA A 79 -14.51 -0.15 -0.41
CA ALA A 79 -14.41 -0.25 1.05
C ALA A 79 -13.01 0.23 1.65
N MET A 80 -13.19 0.70 2.89
CA MET A 80 -12.19 1.19 3.79
C MET A 80 -11.84 0.16 4.82
N PRO A 81 -10.65 -0.54 4.81
CA PRO A 81 -9.55 -0.22 3.83
C PRO A 81 -8.56 -1.42 3.34
N THR A 82 -8.14 -0.98 2.13
CA THR A 82 -7.93 -1.78 0.97
C THR A 82 -6.40 -1.62 0.67
N PHE A 83 -5.76 -2.80 0.32
CA PHE A 83 -4.37 -3.00 0.06
C PHE A 83 -4.17 -3.88 -1.22
N ILE A 84 -3.57 -3.12 -2.20
CA ILE A 84 -3.45 -3.42 -3.61
C ILE A 84 -1.85 -3.31 -3.91
N PHE A 85 -1.51 -4.30 -4.64
CA PHE A 85 -0.23 -4.78 -4.94
C PHE A 85 0.00 -4.61 -6.43
N LEU A 86 1.06 -3.81 -6.70
CA LEU A 86 1.32 -3.25 -8.08
C LEU A 86 2.88 -3.41 -8.00
N LYS A 87 3.34 -4.25 -9.01
CA LYS A 87 4.73 -4.72 -9.28
C LYS A 87 5.15 -4.25 -10.73
N ASP A 88 6.35 -4.54 -11.15
CA ASP A 88 6.81 -4.68 -12.58
C ASP A 88 6.14 -5.64 -13.61
N GLY A 89 4.80 -5.68 -13.55
CA GLY A 89 3.90 -6.40 -14.50
C GLY A 89 2.42 -6.16 -14.27
N LYS A 90 2.03 -4.91 -14.26
CA LYS A 90 0.61 -4.41 -13.96
C LYS A 90 0.10 -4.79 -12.50
N LEU A 91 -1.21 -4.68 -12.23
CA LEU A 91 -1.89 -5.20 -11.01
C LEU A 91 -1.71 -6.73 -10.75
N VAL A 92 -0.87 -7.08 -9.78
CA VAL A 92 -0.57 -8.43 -9.21
C VAL A 92 -1.65 -9.00 -8.24
N ASP A 93 -2.12 -8.23 -7.18
CA ASP A 93 -2.96 -8.80 -6.11
C ASP A 93 -3.68 -7.76 -5.21
N LYS A 94 -4.70 -8.24 -4.52
CA LYS A 94 -5.61 -7.39 -3.77
C LYS A 94 -6.27 -8.15 -2.62
N THR A 95 -6.49 -7.43 -1.50
CA THR A 95 -7.19 -7.90 -0.25
C THR A 95 -7.50 -6.53 0.52
N VAL A 96 -8.57 -6.54 1.33
CA VAL A 96 -9.28 -5.41 2.06
C VAL A 96 -9.47 -6.08 3.48
N GLY A 97 -8.61 -5.68 4.37
CA GLY A 97 -8.69 -6.08 5.77
C GLY A 97 -7.51 -5.57 6.67
N ALA A 98 -7.91 -4.69 7.59
CA ALA A 98 -7.07 -4.20 8.71
C ALA A 98 -6.86 -5.26 9.87
N ASP A 99 -5.63 -5.87 9.97
CA ASP A 99 -5.35 -6.97 10.90
C ASP A 99 -3.85 -7.04 11.04
N LYS A 100 -3.38 -6.73 12.23
CA LYS A 100 -2.01 -6.79 12.64
C LYS A 100 -1.00 -7.94 12.24
N ASP A 101 -1.40 -9.16 12.49
CA ASP A 101 -0.86 -10.40 11.94
C ASP A 101 -1.03 -10.66 10.39
N GLY A 102 -2.27 -10.48 9.90
CA GLY A 102 -2.73 -10.64 8.51
C GLY A 102 -1.82 -10.10 7.38
N LEU A 103 -1.75 -8.76 7.38
CA LEU A 103 -0.92 -7.94 6.50
C LEU A 103 0.62 -8.33 6.39
N PRO A 104 1.38 -8.56 7.54
CA PRO A 104 2.69 -9.34 7.47
C PRO A 104 2.79 -10.79 6.84
N THR A 105 1.80 -11.64 7.10
CA THR A 105 1.58 -12.93 6.38
C THR A 105 1.39 -12.88 4.80
N LEU A 106 0.38 -12.07 4.30
CA LEU A 106 0.20 -11.69 2.86
C LEU A 106 1.37 -10.96 2.11
N VAL A 107 2.09 -10.04 2.79
CA VAL A 107 3.42 -9.44 2.39
C VAL A 107 4.59 -10.42 2.18
N ALA A 108 4.82 -11.26 3.18
CA ALA A 108 5.76 -12.42 3.09
C ALA A 108 5.65 -13.40 1.92
N LYS A 109 4.40 -13.86 1.76
CA LYS A 109 3.98 -14.56 0.50
C LYS A 109 4.18 -13.81 -0.85
N HIS A 110 3.84 -12.44 -0.87
CA HIS A 110 4.22 -11.51 -1.94
C HIS A 110 5.73 -11.18 -2.31
N ALA A 111 6.50 -10.97 -1.30
CA ALA A 111 7.95 -10.99 -1.36
C ALA A 111 8.61 -12.36 -1.82
N THR A 112 8.16 -13.47 -1.25
CA THR A 112 8.56 -14.83 -1.70
C THR A 112 8.31 -15.04 -3.24
N ALA A 113 7.01 -15.05 -3.61
CA ALA A 113 6.51 -15.15 -5.00
C ALA A 113 6.74 -13.91 -5.86
N ALA A 1 22.09 0.55 6.35
CA ALA A 1 20.74 0.06 6.53
C ALA A 1 19.96 0.31 5.20
N GLU A 2 19.24 -0.73 4.80
CA GLU A 2 18.51 -0.88 3.51
C GLU A 2 17.19 -1.62 3.81
N GLU A 3 16.06 -0.88 3.74
CA GLU A 3 14.76 -1.34 4.27
C GLU A 3 13.62 -0.63 3.48
N GLY A 4 12.36 -1.01 3.78
CA GLY A 4 11.09 -0.33 3.36
C GLY A 4 10.84 1.01 4.05
N GLN A 5 9.86 1.71 3.47
CA GLN A 5 9.73 3.15 3.76
C GLN A 5 8.21 3.49 3.57
N VAL A 6 7.59 4.12 4.62
CA VAL A 6 6.15 4.55 4.84
C VAL A 6 6.19 6.12 4.63
N ILE A 7 5.38 6.55 3.61
CA ILE A 7 5.14 7.97 3.08
C ILE A 7 3.57 8.09 2.88
N ALA A 8 3.02 9.19 3.42
CA ALA A 8 1.74 9.84 2.93
C ALA A 8 1.69 10.30 1.44
N CYS A 9 0.45 10.34 0.89
CA CYS A 9 0.12 10.54 -0.54
C CYS A 9 -1.31 11.27 -0.64
N HIS A 10 -1.41 12.13 -1.62
CA HIS A 10 -2.28 13.35 -1.60
C HIS A 10 -3.06 13.66 -2.90
N THR A 11 -2.41 13.60 -4.08
CA THR A 11 -2.83 14.21 -5.38
C THR A 11 -2.43 13.33 -6.67
N VAL A 12 -2.58 13.90 -7.87
CA VAL A 12 -1.77 13.40 -9.07
C VAL A 12 -0.21 13.19 -8.93
N ASP A 13 0.42 13.84 -7.90
CA ASP A 13 1.77 13.51 -7.44
C ASP A 13 1.99 12.06 -7.03
N THR A 14 1.12 11.44 -6.30
CA THR A 14 1.19 9.92 -6.13
C THR A 14 1.12 9.05 -7.42
N TRP A 15 0.36 9.50 -8.48
CA TRP A 15 0.60 8.95 -9.87
C TRP A 15 2.06 8.96 -10.41
N LYS A 16 2.79 10.05 -10.06
CA LYS A 16 4.26 10.00 -10.05
C LYS A 16 4.93 8.89 -9.16
N GLU A 17 4.71 8.83 -7.84
CA GLU A 17 5.32 7.81 -6.95
C GLU A 17 4.90 6.32 -7.30
N HIS A 18 3.65 5.98 -7.17
CA HIS A 18 3.01 4.68 -7.39
C HIS A 18 3.21 4.04 -8.80
N PHE A 19 2.79 4.72 -9.84
CA PHE A 19 2.98 4.30 -11.25
C PHE A 19 4.45 4.12 -11.72
N GLU A 20 5.30 5.15 -11.67
CA GLU A 20 6.76 5.06 -11.98
C GLU A 20 7.61 3.96 -11.34
N LYS A 21 7.59 3.91 -9.97
CA LYS A 21 8.08 2.71 -9.21
C LYS A 21 7.43 1.34 -9.56
N GLY A 22 6.11 1.22 -9.37
CA GLY A 22 5.32 0.01 -9.71
C GLY A 22 5.55 -0.68 -11.08
N LYS A 23 4.83 -0.19 -12.07
CA LYS A 23 5.22 -0.30 -13.50
C LYS A 23 6.47 0.59 -13.81
N GLY A 24 7.58 -0.08 -13.84
CA GLY A 24 8.82 0.39 -14.53
C GLY A 24 10.14 -0.17 -13.92
N SER A 25 10.20 0.08 -12.66
CA SER A 25 11.22 -0.44 -11.72
C SER A 25 10.85 -1.93 -11.23
N GLN A 26 11.82 -2.85 -11.32
CA GLN A 26 11.86 -4.13 -10.63
C GLN A 26 11.76 -4.12 -9.05
N LYS A 27 10.54 -3.93 -8.54
CA LYS A 27 10.15 -3.90 -7.11
C LYS A 27 8.59 -4.22 -7.01
N LEU A 28 8.25 -4.70 -5.87
CA LEU A 28 6.92 -4.55 -5.27
C LEU A 28 6.69 -3.09 -4.65
N ILE A 29 5.41 -2.72 -4.64
CA ILE A 29 4.85 -1.46 -4.09
C ILE A 29 3.43 -1.98 -3.54
N VAL A 30 3.24 -1.73 -2.29
CA VAL A 30 2.11 -2.08 -1.41
C VAL A 30 1.59 -0.74 -0.94
N VAL A 31 0.19 -0.67 -0.84
CA VAL A 31 -0.52 0.63 -0.80
C VAL A 31 -1.79 0.46 -0.04
N ASP A 32 -1.85 0.94 1.19
CA ASP A 32 -3.10 1.44 1.80
C ASP A 32 -3.89 2.61 1.14
N PHE A 33 -5.19 2.52 1.16
CA PHE A 33 -6.30 3.42 0.71
C PHE A 33 -7.21 3.44 1.93
N THR A 34 -7.22 4.63 2.57
CA THR A 34 -7.76 4.84 3.94
C THR A 34 -8.34 6.27 3.89
N ALA A 35 -9.37 6.51 4.74
CA ALA A 35 -9.82 7.84 5.30
C ALA A 35 -9.06 8.31 6.54
N SER A 36 -9.09 9.61 6.84
CA SER A 36 -8.76 10.22 8.15
C SER A 36 -9.81 9.69 9.21
N TRP A 37 -11.14 9.62 8.91
CA TRP A 37 -12.23 8.82 9.61
C TRP A 37 -12.15 7.21 9.54
N CYS A 38 -11.10 6.65 10.17
CA CYS A 38 -10.83 5.16 10.12
C CYS A 38 -9.78 4.80 11.23
N PRO A 39 -10.23 4.49 12.44
CA PRO A 39 -9.46 3.86 13.49
C PRO A 39 -8.74 2.51 13.18
N PRO A 40 -9.36 1.45 12.52
CA PRO A 40 -8.52 0.29 11.89
C PRO A 40 -7.16 0.56 11.12
N CYS A 41 -7.18 1.48 10.19
CA CYS A 41 -5.95 2.08 9.64
C CYS A 41 -5.11 3.01 10.58
N LYS A 42 -5.66 3.72 11.55
CA LYS A 42 -4.94 4.29 12.69
C LYS A 42 -3.95 3.32 13.44
N MET A 43 -4.43 2.15 13.79
CA MET A 43 -3.57 0.98 14.16
C MET A 43 -2.55 0.43 13.08
N ILE A 44 -3.11 0.24 11.85
CA ILE A 44 -2.27 -0.19 10.71
C ILE A 44 -1.00 0.69 10.32
N ALA A 45 -1.02 2.01 10.45
CA ALA A 45 0.15 2.89 10.27
C ALA A 45 1.44 2.42 11.05
N PRO A 46 1.51 2.29 12.40
CA PRO A 46 2.56 1.54 13.15
C PRO A 46 2.84 0.06 12.79
N ILE A 47 1.80 -0.80 12.55
CA ILE A 47 2.02 -2.13 11.80
C ILE A 47 2.79 -2.18 10.44
N PHE A 48 2.28 -1.40 9.49
CA PHE A 48 2.92 -1.09 8.16
C PHE A 48 4.37 -0.49 8.26
N ALA A 49 4.75 0.22 9.36
CA ALA A 49 6.14 0.53 9.75
C ALA A 49 7.09 -0.60 10.28
N GLU A 50 6.61 -1.47 11.21
CA GLU A 50 7.26 -2.78 11.63
C GLU A 50 7.44 -3.75 10.42
N LEU A 51 6.41 -4.01 9.71
CA LEU A 51 6.45 -4.72 8.38
C LEU A 51 7.50 -4.16 7.38
N ALA A 52 7.52 -2.82 7.22
CA ALA A 52 8.55 -2.12 6.41
C ALA A 52 10.04 -2.33 6.73
N LYS A 53 10.36 -2.27 8.04
CA LYS A 53 11.65 -2.70 8.62
C LYS A 53 12.05 -4.18 8.34
N LYS A 54 11.08 -5.12 8.46
CA LYS A 54 11.16 -6.51 8.01
C LYS A 54 11.65 -6.82 6.48
N PHE A 55 11.17 -5.97 5.57
CA PHE A 55 11.02 -6.24 4.12
C PHE A 55 11.60 -4.95 3.30
N PRO A 56 12.80 -5.06 2.72
CA PRO A 56 13.46 -4.15 1.69
C PRO A 56 13.10 -3.95 0.18
N ASN A 57 12.75 -5.02 -0.44
CA ASN A 57 12.39 -5.13 -1.88
C ASN A 57 11.12 -4.18 -2.32
N VAL A 58 10.52 -3.47 -1.31
CA VAL A 58 9.13 -3.11 -1.40
C VAL A 58 8.95 -1.69 -0.72
N THR A 59 8.68 -0.69 -1.56
CA THR A 59 8.13 0.64 -1.12
C THR A 59 6.66 0.55 -0.48
N PHE A 60 6.24 1.48 0.30
CA PHE A 60 5.02 1.43 1.18
C PHE A 60 4.45 2.88 1.33
N LEU A 61 3.26 3.09 0.79
CA LEU A 61 2.62 4.41 0.55
C LEU A 61 1.08 4.35 0.79
N LYS A 62 0.45 5.51 1.12
CA LYS A 62 -0.91 5.54 1.69
C LYS A 62 -1.59 6.87 1.29
N VAL A 63 -2.70 6.64 0.65
CA VAL A 63 -3.61 7.58 0.02
C VAL A 63 -4.82 7.92 1.13
N ASP A 64 -5.03 9.24 1.24
CA ASP A 64 -6.31 9.89 1.74
C ASP A 64 -7.40 9.83 0.63
N VAL A 65 -8.31 8.87 0.78
CA VAL A 65 -9.57 8.62 -0.03
C VAL A 65 -10.46 9.78 -0.35
N ASP A 66 -10.75 10.74 0.62
CA ASP A 66 -11.46 12.07 0.34
C ASP A 66 -10.74 12.87 -0.80
N GLU A 67 -9.44 13.08 -0.60
CA GLU A 67 -8.57 13.63 -1.65
C GLU A 67 -8.56 12.91 -3.09
N LEU A 68 -8.81 11.56 -3.15
CA LEU A 68 -8.63 10.77 -4.36
C LEU A 68 -9.58 9.46 -4.22
N LYS A 69 -10.90 9.75 -4.18
CA LYS A 69 -11.95 8.79 -4.36
C LYS A 69 -12.08 8.06 -5.71
N ALA A 70 -12.06 8.81 -6.79
CA ALA A 70 -12.19 8.33 -8.20
C ALA A 70 -11.26 7.08 -8.71
N VAL A 71 -9.98 7.37 -8.71
CA VAL A 71 -8.86 6.40 -8.80
C VAL A 71 -8.79 5.34 -7.67
N ALA A 72 -9.15 5.63 -6.40
CA ALA A 72 -9.26 4.52 -5.37
C ALA A 72 -10.24 3.38 -5.78
N GLU A 73 -11.45 3.85 -6.16
CA GLU A 73 -12.50 2.96 -6.74
C GLU A 73 -11.90 2.13 -7.90
N GLU A 74 -11.18 2.71 -8.94
CA GLU A 74 -10.53 1.98 -10.05
C GLU A 74 -9.62 0.72 -9.62
N TRP A 75 -8.56 0.98 -8.72
CA TRP A 75 -7.66 -0.07 -8.15
C TRP A 75 -8.48 -1.18 -7.35
N ASN A 76 -9.44 -0.80 -6.52
CA ASN A 76 -10.68 -1.53 -6.17
C ASN A 76 -11.03 -1.18 -4.71
N VAL A 77 -11.76 -0.07 -4.45
CA VAL A 77 -12.02 0.56 -3.10
C VAL A 77 -13.46 1.08 -3.38
N GLU A 78 -14.38 0.17 -3.11
CA GLU A 78 -15.70 0.33 -2.65
C GLU A 78 -15.90 0.45 -1.11
N ALA A 79 -14.82 0.20 -0.28
CA ALA A 79 -14.83 0.06 1.25
C ALA A 79 -13.42 0.47 1.90
N MET A 80 -13.55 1.06 3.04
CA MET A 80 -12.52 1.05 4.07
C MET A 80 -12.21 -0.40 4.81
N PRO A 81 -10.99 -0.97 4.96
CA PRO A 81 -9.85 -0.42 4.08
C PRO A 81 -8.81 -1.47 3.54
N THR A 82 -8.22 -0.92 2.50
CA THR A 82 -7.88 -1.69 1.28
C THR A 82 -6.42 -1.43 0.85
N PHE A 83 -5.74 -2.64 0.84
CA PHE A 83 -4.38 -2.95 0.38
C PHE A 83 -4.41 -3.56 -1.00
N ILE A 84 -3.55 -2.88 -1.80
CA ILE A 84 -3.30 -3.04 -3.27
C ILE A 84 -1.74 -3.22 -3.49
N PHE A 85 -1.63 -4.22 -4.34
CA PHE A 85 -0.37 -4.92 -4.61
C PHE A 85 -0.22 -4.74 -6.16
N LEU A 86 0.73 -3.79 -6.45
CA LEU A 86 1.19 -3.29 -7.78
C LEU A 86 2.70 -3.52 -7.68
N LYS A 87 3.20 -4.17 -8.72
CA LYS A 87 4.61 -4.72 -8.94
C LYS A 87 4.96 -4.44 -10.42
N ASP A 88 6.27 -4.63 -10.84
CA ASP A 88 6.65 -4.77 -12.27
C ASP A 88 5.97 -5.76 -13.20
N GLY A 89 4.68 -5.56 -13.30
CA GLY A 89 3.76 -6.13 -14.22
C GLY A 89 2.31 -5.71 -13.88
N LYS A 90 1.95 -4.43 -13.66
CA LYS A 90 0.60 -3.88 -13.30
C LYS A 90 -0.05 -4.45 -11.94
N LEU A 91 -1.34 -4.33 -11.78
CA LEU A 91 -2.20 -4.78 -10.66
C LEU A 91 -2.26 -6.34 -10.37
N VAL A 92 -1.31 -6.80 -9.56
CA VAL A 92 -1.23 -8.15 -9.06
C VAL A 92 -2.36 -8.66 -8.03
N ASP A 93 -2.69 -7.97 -6.92
CA ASP A 93 -3.50 -8.57 -5.82
C ASP A 93 -4.19 -7.36 -5.00
N LYS A 94 -5.20 -7.78 -4.22
CA LYS A 94 -6.05 -6.91 -3.39
C LYS A 94 -6.69 -7.66 -2.18
N THR A 95 -6.82 -6.94 -1.03
CA THR A 95 -7.35 -7.50 0.26
C THR A 95 -7.72 -6.23 1.07
N VAL A 96 -9.05 -6.16 1.21
CA VAL A 96 -9.88 -5.19 1.94
C VAL A 96 -10.13 -5.82 3.38
N GLY A 97 -9.30 -5.35 4.30
CA GLY A 97 -9.50 -5.42 5.77
C GLY A 97 -8.14 -5.42 6.56
N ALA A 98 -7.76 -4.28 7.06
CA ALA A 98 -6.66 -4.25 8.06
C ALA A 98 -6.73 -5.20 9.26
N ASP A 99 -5.53 -5.86 9.54
CA ASP A 99 -5.35 -6.89 10.58
C ASP A 99 -3.82 -6.76 10.92
N LYS A 100 -3.54 -6.74 12.23
CA LYS A 100 -2.16 -6.67 12.72
C LYS A 100 -1.08 -7.71 12.13
N ASP A 101 -1.34 -8.98 12.30
CA ASP A 101 -0.64 -10.15 11.65
C ASP A 101 -0.85 -10.40 10.08
N GLY A 102 -2.12 -10.31 9.64
CA GLY A 102 -2.51 -10.44 8.24
C GLY A 102 -1.76 -9.67 7.18
N LEU A 103 -1.46 -8.37 7.45
CA LEU A 103 -0.54 -7.46 6.67
C LEU A 103 0.90 -8.16 6.50
N PRO A 104 1.82 -8.42 7.44
CA PRO A 104 2.87 -9.42 7.39
C PRO A 104 2.71 -10.82 6.79
N THR A 105 1.57 -11.53 7.05
CA THR A 105 1.27 -12.84 6.39
C THR A 105 1.23 -12.90 4.82
N LEU A 106 0.31 -12.09 4.29
CA LEU A 106 0.14 -11.75 2.87
C LEU A 106 1.38 -11.07 2.16
N VAL A 107 2.00 -9.98 2.68
CA VAL A 107 3.26 -9.34 2.18
C VAL A 107 4.42 -10.36 2.01
N ALA A 108 4.75 -11.10 3.10
CA ALA A 108 5.64 -12.28 3.08
C ALA A 108 5.43 -13.40 2.01
N LYS A 109 4.18 -13.78 1.73
CA LYS A 109 3.74 -14.48 0.48
C LYS A 109 4.00 -13.73 -0.91
N HIS A 110 3.64 -12.42 -1.04
CA HIS A 110 3.89 -11.48 -2.17
C HIS A 110 5.41 -11.27 -2.51
N ALA A 111 6.09 -10.64 -1.56
CA ALA A 111 7.61 -10.46 -1.53
C ALA A 111 8.49 -11.74 -1.74
N THR A 112 8.30 -12.86 -1.01
CA THR A 112 8.81 -14.26 -1.30
C THR A 112 8.42 -14.89 -2.68
N ALA A 113 7.26 -15.58 -2.73
CA ALA A 113 6.63 -16.09 -3.99
C ALA A 113 6.25 -14.97 -4.98
N ALA A 1 21.70 -1.49 7.31
CA ALA A 1 20.41 -0.72 7.41
C ALA A 1 19.73 -0.50 6.01
N GLU A 2 18.87 -1.44 5.72
CA GLU A 2 18.31 -1.66 4.37
C GLU A 2 16.82 -1.98 4.63
N GLU A 3 15.95 -1.07 4.17
CA GLU A 3 14.51 -1.01 4.53
C GLU A 3 13.57 -0.41 3.45
N GLY A 4 12.30 -0.89 3.59
CA GLY A 4 11.13 -0.14 3.03
C GLY A 4 10.85 1.30 3.60
N GLN A 5 9.92 2.01 2.93
CA GLN A 5 9.76 3.46 3.12
C GLN A 5 8.26 3.83 2.86
N VAL A 6 7.62 4.15 3.98
CA VAL A 6 6.21 4.68 4.11
C VAL A 6 6.26 6.22 3.84
N ILE A 7 5.41 6.64 2.88
CA ILE A 7 5.24 7.98 2.34
C ILE A 7 3.63 8.19 2.34
N ALA A 8 3.18 9.33 2.91
CA ALA A 8 1.83 9.97 2.68
C ALA A 8 1.62 10.54 1.27
N CYS A 9 0.33 10.49 0.87
CA CYS A 9 -0.08 10.67 -0.55
C CYS A 9 -1.50 11.32 -0.50
N HIS A 10 -1.57 12.45 -1.20
CA HIS A 10 -2.54 13.57 -1.16
C HIS A 10 -3.26 13.87 -2.57
N THR A 11 -2.57 13.84 -3.73
CA THR A 11 -3.02 14.34 -5.03
C THR A 11 -2.35 13.46 -6.18
N VAL A 12 -2.50 13.90 -7.46
CA VAL A 12 -1.83 13.32 -8.65
C VAL A 12 -0.26 13.33 -8.63
N ASP A 13 0.41 14.03 -7.70
CA ASP A 13 1.74 13.70 -7.26
C ASP A 13 1.93 12.24 -6.69
N THR A 14 1.05 11.59 -5.92
CA THR A 14 1.02 10.10 -5.78
C THR A 14 0.97 9.26 -7.17
N TRP A 15 0.21 9.70 -8.24
CA TRP A 15 0.38 9.16 -9.63
C TRP A 15 1.84 9.16 -10.19
N LYS A 16 2.55 10.31 -10.14
CA LYS A 16 4.05 10.31 -10.31
C LYS A 16 5.01 9.36 -9.44
N GLU A 17 4.59 9.14 -8.19
CA GLU A 17 5.25 8.18 -7.22
C GLU A 17 5.00 6.70 -7.51
N HIS A 18 3.74 6.18 -7.46
CA HIS A 18 3.17 4.79 -7.54
C HIS A 18 3.43 3.93 -8.84
N PHE A 19 2.99 4.46 -9.95
CA PHE A 19 3.19 3.97 -11.34
C PHE A 19 4.62 3.95 -11.87
N GLU A 20 5.34 5.04 -11.81
CA GLU A 20 6.83 5.13 -12.01
C GLU A 20 7.74 4.15 -11.23
N LYS A 21 7.57 4.10 -9.89
CA LYS A 21 8.21 3.07 -9.00
C LYS A 21 7.84 1.54 -9.39
N GLY A 22 6.53 1.29 -9.35
CA GLY A 22 5.90 0.02 -9.72
C GLY A 22 6.34 -0.60 -11.04
N LYS A 23 5.72 -0.15 -12.07
CA LYS A 23 6.15 -0.28 -13.46
C LYS A 23 7.23 0.80 -13.78
N GLY A 24 8.45 0.34 -13.58
CA GLY A 24 9.69 0.93 -13.99
C GLY A 24 10.96 0.37 -13.32
N SER A 25 10.80 -0.07 -12.10
CA SER A 25 11.73 -0.45 -11.11
C SER A 25 11.34 -1.98 -10.86
N GLN A 26 12.35 -2.80 -10.76
CA GLN A 26 12.34 -4.18 -10.21
C GLN A 26 12.13 -4.24 -8.62
N LYS A 27 10.91 -3.99 -8.23
CA LYS A 27 10.40 -3.95 -6.88
C LYS A 27 8.84 -4.24 -6.92
N LEU A 28 8.40 -4.71 -5.75
CA LEU A 28 7.00 -4.56 -5.22
C LEU A 28 6.65 -3.11 -4.57
N ILE A 29 5.51 -2.56 -4.82
CA ILE A 29 4.94 -1.23 -4.41
C ILE A 29 3.41 -1.52 -3.90
N VAL A 30 3.23 -1.12 -2.63
CA VAL A 30 2.14 -1.54 -1.69
C VAL A 30 1.55 -0.22 -1.12
N VAL A 31 0.22 -0.20 -1.19
CA VAL A 31 -0.64 0.99 -1.04
C VAL A 31 -1.94 0.79 -0.20
N ASP A 32 -2.04 1.27 1.10
CA ASP A 32 -3.33 1.57 1.86
C ASP A 32 -4.10 2.67 1.16
N PHE A 33 -5.49 2.52 1.33
CA PHE A 33 -6.57 3.37 0.78
C PHE A 33 -7.54 3.27 1.98
N THR A 34 -7.52 4.29 2.82
CA THR A 34 -8.24 4.36 4.12
C THR A 34 -8.43 5.93 4.33
N ALA A 35 -9.51 6.12 5.05
CA ALA A 35 -9.72 7.33 5.74
C ALA A 35 -8.92 7.54 7.06
N SER A 36 -8.35 8.77 7.15
CA SER A 36 -7.73 9.32 8.36
C SER A 36 -8.53 9.23 9.71
N TRP A 37 -9.84 9.46 9.61
CA TRP A 37 -10.95 8.92 10.47
C TRP A 37 -11.13 7.41 10.27
N CYS A 38 -10.37 6.60 11.07
CA CYS A 38 -10.43 5.11 11.09
C CYS A 38 -9.44 4.66 12.21
N PRO A 39 -9.84 4.37 13.47
CA PRO A 39 -9.02 3.69 14.54
C PRO A 39 -8.37 2.35 14.12
N PRO A 40 -8.98 1.31 13.49
CA PRO A 40 -8.27 0.15 12.88
C PRO A 40 -7.01 0.44 11.99
N CYS A 41 -7.15 1.43 11.13
CA CYS A 41 -6.10 2.13 10.38
C CYS A 41 -5.08 3.10 11.04
N LYS A 42 -5.58 3.75 12.13
CA LYS A 42 -4.66 4.36 13.16
C LYS A 42 -3.64 3.48 13.88
N MET A 43 -3.99 2.24 14.41
CA MET A 43 -3.05 1.14 14.74
C MET A 43 -2.29 0.56 13.47
N ILE A 44 -2.99 0.24 12.36
CA ILE A 44 -2.32 -0.10 11.05
C ILE A 44 -1.14 0.78 10.43
N ALA A 45 -1.14 2.10 10.52
CA ALA A 45 0.00 2.89 10.18
C ALA A 45 1.40 2.54 10.90
N PRO A 46 1.63 2.48 12.25
CA PRO A 46 2.67 1.67 12.88
C PRO A 46 2.91 0.17 12.44
N ILE A 47 1.87 -0.70 12.25
CA ILE A 47 2.09 -2.01 11.45
C ILE A 47 2.76 -1.80 10.04
N PHE A 48 2.17 -0.97 9.11
CA PHE A 48 2.84 -0.55 7.81
C PHE A 48 4.36 -0.12 7.84
N ALA A 49 4.75 0.71 8.83
CA ALA A 49 6.15 1.05 9.20
C ALA A 49 7.06 -0.14 9.81
N GLU A 50 6.53 -0.97 10.79
CA GLU A 50 7.15 -2.22 11.24
C GLU A 50 7.51 -3.30 10.11
N LEU A 51 6.51 -3.62 9.35
CA LEU A 51 6.56 -4.50 8.15
C LEU A 51 7.47 -3.96 7.02
N ALA A 52 7.54 -2.61 6.77
CA ALA A 52 8.67 -2.02 6.03
C ALA A 52 10.09 -2.29 6.57
N LYS A 53 10.31 -2.18 7.89
CA LYS A 53 11.49 -2.70 8.57
C LYS A 53 11.77 -4.28 8.50
N LYS A 54 10.74 -5.18 8.45
CA LYS A 54 10.80 -6.62 8.11
C LYS A 54 11.21 -6.98 6.68
N PHE A 55 10.87 -6.09 5.66
CA PHE A 55 10.73 -6.38 4.25
C PHE A 55 11.34 -5.13 3.43
N PRO A 56 12.61 -5.16 2.95
CA PRO A 56 13.36 -4.27 2.02
C PRO A 56 13.41 -4.29 0.47
N ASN A 57 12.81 -5.29 -0.23
CA ASN A 57 12.47 -5.33 -1.69
C ASN A 57 11.22 -4.50 -2.17
N VAL A 58 10.65 -3.60 -1.28
CA VAL A 58 9.18 -3.26 -1.36
C VAL A 58 8.99 -1.73 -0.85
N THR A 59 8.86 -0.76 -1.70
CA THR A 59 8.28 0.63 -1.38
C THR A 59 6.77 0.55 -0.90
N PHE A 60 6.40 1.56 -0.07
CA PHE A 60 5.14 1.70 0.65
C PHE A 60 4.63 3.15 0.61
N LEU A 61 3.28 3.27 0.53
CA LEU A 61 2.57 4.54 0.37
C LEU A 61 1.06 4.35 0.96
N LYS A 62 0.48 5.54 1.13
CA LYS A 62 -0.79 5.67 1.89
C LYS A 62 -1.73 6.92 1.50
N VAL A 63 -2.82 6.62 0.86
CA VAL A 63 -3.80 7.49 0.16
C VAL A 63 -4.93 7.82 1.21
N ASP A 64 -5.02 9.13 1.43
CA ASP A 64 -6.22 9.72 2.07
C ASP A 64 -7.31 9.54 1.00
N VAL A 65 -8.22 8.61 1.16
CA VAL A 65 -9.35 8.36 0.24
C VAL A 65 -10.30 9.54 -0.19
N ASP A 66 -10.57 10.39 0.83
CA ASP A 66 -11.39 11.69 0.71
C ASP A 66 -10.85 12.59 -0.44
N GLU A 67 -9.55 12.97 -0.50
CA GLU A 67 -8.80 13.44 -1.66
C GLU A 67 -8.80 12.55 -2.99
N LEU A 68 -8.97 11.17 -3.04
CA LEU A 68 -8.54 10.36 -4.23
C LEU A 68 -9.35 9.00 -4.22
N LYS A 69 -10.71 9.24 -4.14
CA LYS A 69 -11.80 8.25 -4.28
C LYS A 69 -12.03 7.63 -5.67
N ALA A 70 -12.14 8.41 -6.79
CA ALA A 70 -12.25 7.86 -8.18
C ALA A 70 -11.20 6.84 -8.66
N VAL A 71 -9.89 7.29 -8.68
CA VAL A 71 -8.73 6.32 -8.80
C VAL A 71 -8.70 5.06 -7.80
N ALA A 72 -8.86 5.41 -6.47
CA ALA A 72 -9.03 4.34 -5.47
C ALA A 72 -10.06 3.23 -5.94
N GLU A 73 -11.30 3.69 -6.20
CA GLU A 73 -12.34 2.90 -6.76
C GLU A 73 -11.88 2.19 -8.12
N GLU A 74 -11.25 2.82 -9.09
CA GLU A 74 -10.67 2.18 -10.25
C GLU A 74 -9.72 1.00 -10.19
N TRP A 75 -8.67 1.13 -9.38
CA TRP A 75 -7.87 -0.09 -8.92
C TRP A 75 -8.67 -1.24 -8.34
N ASN A 76 -9.51 -0.92 -7.33
CA ASN A 76 -10.78 -1.64 -7.02
C ASN A 76 -10.99 -1.50 -5.46
N VAL A 77 -11.51 -0.34 -5.11
CA VAL A 77 -11.74 0.15 -3.71
C VAL A 77 -13.21 0.66 -3.56
N GLU A 78 -14.16 -0.29 -3.40
CA GLU A 78 -15.50 0.00 -2.77
C GLU A 78 -15.63 0.27 -1.24
N ALA A 79 -14.54 -0.02 -0.53
CA ALA A 79 -14.62 -0.16 0.94
C ALA A 79 -13.29 0.22 1.69
N MET A 80 -13.43 0.79 2.89
CA MET A 80 -12.41 1.04 3.94
C MET A 80 -12.13 -0.30 4.55
N PRO A 81 -10.90 -0.89 4.59
CA PRO A 81 -9.87 -0.41 3.71
C PRO A 81 -8.73 -1.44 3.25
N THR A 82 -8.25 -1.07 2.00
CA THR A 82 -7.92 -1.88 0.81
C THR A 82 -6.34 -1.58 0.52
N PHE A 83 -5.66 -2.76 0.35
CA PHE A 83 -4.26 -3.01 0.18
C PHE A 83 -4.14 -3.73 -1.26
N ILE A 84 -3.55 -2.88 -2.14
CA ILE A 84 -3.36 -3.01 -3.53
C ILE A 84 -1.77 -3.33 -3.76
N PHE A 85 -1.53 -4.24 -4.66
CA PHE A 85 -0.31 -5.03 -4.77
C PHE A 85 0.04 -4.88 -6.30
N LEU A 86 1.06 -4.08 -6.59
CA LEU A 86 1.44 -3.56 -7.89
C LEU A 86 3.00 -3.66 -7.91
N LYS A 87 3.51 -4.26 -8.94
CA LYS A 87 4.87 -4.69 -9.28
C LYS A 87 5.39 -4.21 -10.65
N ASP A 88 6.65 -4.53 -10.91
CA ASP A 88 7.19 -4.76 -12.36
C ASP A 88 6.36 -5.83 -13.20
N GLY A 89 5.02 -5.66 -13.35
CA GLY A 89 4.16 -6.55 -14.15
C GLY A 89 2.66 -6.01 -14.20
N LYS A 90 2.35 -4.69 -13.99
CA LYS A 90 0.99 -4.21 -13.61
C LYS A 90 0.43 -4.65 -12.19
N LEU A 91 -0.90 -4.42 -12.02
CA LEU A 91 -1.73 -4.86 -10.88
C LEU A 91 -1.76 -6.39 -10.71
N VAL A 92 -0.94 -6.86 -9.71
CA VAL A 92 -0.84 -8.24 -9.17
C VAL A 92 -1.98 -8.78 -8.21
N ASP A 93 -2.51 -7.95 -7.27
CA ASP A 93 -3.46 -8.44 -6.18
C ASP A 93 -4.26 -7.28 -5.40
N LYS A 94 -5.25 -7.75 -4.57
CA LYS A 94 -6.21 -6.87 -3.86
C LYS A 94 -6.78 -7.61 -2.65
N THR A 95 -6.93 -6.99 -1.50
CA THR A 95 -7.52 -7.59 -0.29
C THR A 95 -7.73 -6.32 0.59
N VAL A 96 -8.88 -6.44 1.24
CA VAL A 96 -9.58 -5.36 2.06
C VAL A 96 -9.92 -5.94 3.52
N GLY A 97 -8.97 -5.58 4.43
CA GLY A 97 -9.09 -5.79 5.85
C GLY A 97 -7.82 -5.57 6.70
N ALA A 98 -7.83 -4.43 7.47
CA ALA A 98 -6.84 -4.09 8.55
C ALA A 98 -6.88 -5.08 9.74
N ASP A 99 -5.69 -5.77 10.01
CA ASP A 99 -5.49 -6.74 11.06
C ASP A 99 -4.02 -6.83 11.16
N LYS A 100 -3.52 -6.62 12.41
CA LYS A 100 -2.06 -6.66 12.75
C LYS A 100 -1.08 -7.79 12.17
N ASP A 101 -1.54 -9.00 12.38
CA ASP A 101 -0.98 -10.24 11.87
C ASP A 101 -1.22 -10.54 10.39
N GLY A 102 -2.50 -10.46 9.93
CA GLY A 102 -2.87 -10.72 8.54
C GLY A 102 -2.12 -10.00 7.44
N LEU A 103 -1.95 -8.69 7.54
CA LEU A 103 -1.18 -7.84 6.62
C LEU A 103 0.34 -8.29 6.38
N PRO A 104 1.21 -8.51 7.48
CA PRO A 104 2.42 -9.36 7.38
C PRO A 104 2.35 -10.74 6.67
N THR A 105 1.40 -11.62 7.04
CA THR A 105 1.01 -12.83 6.25
C THR A 105 0.69 -12.62 4.67
N LEU A 106 -0.18 -11.66 4.28
CA LEU A 106 -0.41 -11.19 2.88
C LEU A 106 0.81 -10.75 2.07
N VAL A 107 1.54 -9.71 2.54
CA VAL A 107 2.87 -9.29 2.06
C VAL A 107 4.07 -10.35 1.91
N ALA A 108 4.37 -11.19 2.95
CA ALA A 108 5.28 -12.37 2.87
C ALA A 108 4.97 -13.34 1.70
N LYS A 109 3.66 -13.84 1.57
CA LYS A 109 3.09 -14.48 0.31
C LYS A 109 3.38 -13.63 -1.00
N HIS A 110 3.13 -12.27 -1.07
CA HIS A 110 3.46 -11.36 -2.17
C HIS A 110 4.92 -11.24 -2.65
N ALA A 111 5.75 -10.73 -1.72
CA ALA A 111 7.19 -10.70 -1.79
C ALA A 111 7.96 -12.01 -2.11
N THR A 112 7.55 -13.18 -1.55
CA THR A 112 7.98 -14.57 -1.99
C THR A 112 7.69 -14.82 -3.50
N ALA A 113 6.46 -14.68 -4.04
CA ALA A 113 6.11 -14.61 -5.49
C ALA A 113 6.70 -13.50 -6.33
N ALA A 1 22.14 -2.62 6.02
CA ALA A 1 20.99 -1.71 6.36
C ALA A 1 20.29 -1.24 5.05
N GLU A 2 19.09 -1.84 4.94
CA GLU A 2 18.18 -1.68 3.81
C GLU A 2 16.72 -1.97 4.23
N GLU A 3 15.75 -1.19 3.72
CA GLU A 3 14.33 -1.25 4.19
C GLU A 3 13.36 -0.61 3.17
N GLY A 4 12.09 -1.01 3.42
CA GLY A 4 10.89 -0.35 2.87
C GLY A 4 10.70 1.01 3.56
N GLN A 5 9.82 1.76 2.88
CA GLN A 5 9.74 3.21 3.05
C GLN A 5 8.20 3.58 2.90
N VAL A 6 7.55 3.99 3.95
CA VAL A 6 6.20 4.63 3.99
C VAL A 6 6.30 6.17 3.73
N ILE A 7 5.41 6.59 2.80
CA ILE A 7 5.36 7.89 2.18
C ILE A 7 3.81 8.26 2.27
N ALA A 8 3.41 9.31 2.97
CA ALA A 8 2.08 9.95 2.90
C ALA A 8 1.78 10.61 1.55
N CYS A 9 0.54 10.44 1.04
CA CYS A 9 0.07 10.60 -0.35
C CYS A 9 -1.33 11.25 -0.32
N HIS A 10 -1.64 12.10 -1.39
CA HIS A 10 -2.67 13.21 -1.30
C HIS A 10 -3.42 13.45 -2.69
N THR A 11 -2.66 13.65 -3.78
CA THR A 11 -3.02 14.37 -5.01
C THR A 11 -2.51 13.59 -6.30
N VAL A 12 -2.51 14.24 -7.50
CA VAL A 12 -1.68 13.78 -8.66
C VAL A 12 -0.11 13.60 -8.43
N ASP A 13 0.50 14.19 -7.43
CA ASP A 13 1.86 13.84 -6.94
C ASP A 13 2.14 12.37 -6.52
N THR A 14 1.20 11.70 -5.85
CA THR A 14 1.12 10.21 -5.78
C THR A 14 0.94 9.40 -7.12
N TRP A 15 0.12 9.94 -8.05
CA TRP A 15 0.02 9.38 -9.42
C TRP A 15 1.38 9.17 -10.19
N LYS A 16 2.23 10.16 -10.03
CA LYS A 16 3.69 10.00 -10.30
C LYS A 16 4.61 9.03 -9.44
N GLU A 17 4.37 9.02 -8.10
CA GLU A 17 4.97 8.00 -7.18
C GLU A 17 4.64 6.48 -7.48
N HIS A 18 3.37 6.17 -7.48
CA HIS A 18 2.66 4.89 -7.67
C HIS A 18 2.94 4.14 -9.00
N PHE A 19 2.61 4.84 -10.07
CA PHE A 19 2.94 4.39 -11.49
C PHE A 19 4.42 4.10 -11.90
N GLU A 20 5.30 5.12 -11.72
CA GLU A 20 6.80 5.05 -11.87
C GLU A 20 7.50 3.98 -10.96
N LYS A 21 7.32 3.91 -9.64
CA LYS A 21 7.75 2.73 -8.81
C LYS A 21 7.17 1.39 -9.33
N GLY A 22 5.79 1.23 -9.33
CA GLY A 22 5.03 0.11 -9.83
C GLY A 22 5.63 -0.53 -11.15
N LYS A 23 5.11 -0.10 -12.28
CA LYS A 23 5.74 -0.26 -13.57
C LYS A 23 6.91 0.76 -13.70
N GLY A 24 8.13 0.29 -13.47
CA GLY A 24 9.32 0.93 -13.94
C GLY A 24 10.67 0.59 -13.17
N SER A 25 10.46 0.23 -11.86
CA SER A 25 11.38 -0.16 -10.80
C SER A 25 10.94 -1.58 -10.28
N GLN A 26 11.95 -2.49 -10.51
CA GLN A 26 12.00 -3.97 -10.09
C GLN A 26 11.85 -4.21 -8.52
N LYS A 27 10.69 -3.95 -8.06
CA LYS A 27 10.30 -4.01 -6.66
C LYS A 27 8.73 -4.18 -6.67
N LEU A 28 8.22 -4.76 -5.57
CA LEU A 28 6.83 -4.59 -5.04
C LEU A 28 6.63 -3.18 -4.44
N ILE A 29 5.35 -2.74 -4.54
CA ILE A 29 4.79 -1.43 -4.10
C ILE A 29 3.40 -1.88 -3.55
N VAL A 30 3.05 -1.43 -2.41
CA VAL A 30 1.88 -1.89 -1.52
C VAL A 30 1.28 -0.56 -0.99
N VAL A 31 -0.03 -0.40 -1.12
CA VAL A 31 -0.78 0.86 -1.10
C VAL A 31 -2.16 0.68 -0.29
N ASP A 32 -2.15 1.34 0.82
CA ASP A 32 -3.29 1.66 1.74
C ASP A 32 -4.17 2.81 1.18
N PHE A 33 -5.35 2.48 0.73
CA PHE A 33 -6.54 3.38 0.61
C PHE A 33 -7.32 3.38 1.94
N THR A 34 -7.27 4.57 2.53
CA THR A 34 -7.84 4.83 3.87
C THR A 34 -8.17 6.35 3.86
N ALA A 35 -9.08 6.66 4.67
CA ALA A 35 -9.59 8.01 5.06
C ALA A 35 -8.94 8.45 6.37
N SER A 36 -8.68 9.75 6.54
CA SER A 36 -8.21 10.36 7.90
C SER A 36 -8.91 9.82 9.18
N TRP A 37 -10.23 9.76 9.09
CA TRP A 37 -11.14 9.06 9.99
C TRP A 37 -11.06 7.53 9.84
N CYS A 38 -10.16 6.83 10.61
CA CYS A 38 -9.94 5.37 10.67
C CYS A 38 -9.08 5.04 11.93
N PRO A 39 -9.65 4.93 13.15
CA PRO A 39 -8.97 4.37 14.33
C PRO A 39 -8.33 2.97 14.23
N PRO A 40 -8.94 1.85 13.60
CA PRO A 40 -8.25 0.60 13.17
C PRO A 40 -6.99 0.88 12.33
N CYS A 41 -7.03 1.58 11.15
CA CYS A 41 -5.87 2.19 10.48
C CYS A 41 -4.97 3.20 11.21
N LYS A 42 -5.37 3.88 12.25
CA LYS A 42 -4.56 4.60 13.25
C LYS A 42 -3.48 3.66 13.88
N MET A 43 -3.91 2.53 14.47
CA MET A 43 -3.02 1.31 14.77
C MET A 43 -2.39 0.53 13.57
N ILE A 44 -3.09 0.28 12.41
CA ILE A 44 -2.48 -0.27 11.12
C ILE A 44 -1.35 0.54 10.52
N ALA A 45 -1.33 1.91 10.58
CA ALA A 45 -0.14 2.77 10.27
C ALA A 45 1.18 2.37 10.99
N PRO A 46 1.30 2.28 12.37
CA PRO A 46 2.43 1.54 13.09
C PRO A 46 2.75 0.02 12.61
N ILE A 47 1.73 -0.76 12.41
CA ILE A 47 1.88 -2.05 11.58
C ILE A 47 2.58 -1.94 10.23
N PHE A 48 2.00 -1.21 9.27
CA PHE A 48 2.63 -0.80 7.98
C PHE A 48 4.13 -0.32 8.05
N ALA A 49 4.52 0.59 8.95
CA ALA A 49 5.88 0.80 9.37
C ALA A 49 6.80 -0.34 9.95
N GLU A 50 6.34 -1.12 10.99
CA GLU A 50 7.14 -2.36 11.44
C GLU A 50 7.53 -3.37 10.31
N LEU A 51 6.53 -3.81 9.63
CA LEU A 51 6.63 -4.58 8.40
C LEU A 51 7.48 -3.98 7.20
N ALA A 52 7.40 -2.69 6.85
CA ALA A 52 8.43 -2.00 6.01
C ALA A 52 9.90 -2.25 6.52
N LYS A 53 10.10 -1.98 7.77
CA LYS A 53 11.40 -2.41 8.45
C LYS A 53 11.87 -3.91 8.43
N LYS A 54 10.89 -4.82 8.55
CA LYS A 54 11.12 -6.26 8.43
C LYS A 54 11.66 -6.78 7.00
N PHE A 55 11.16 -6.08 5.93
CA PHE A 55 11.08 -6.54 4.52
C PHE A 55 11.75 -5.39 3.62
N PRO A 56 13.03 -5.48 3.14
CA PRO A 56 13.77 -4.59 2.14
C PRO A 56 13.40 -4.41 0.52
N ASN A 57 12.79 -5.44 -0.04
CA ASN A 57 12.35 -5.59 -1.48
C ASN A 57 11.06 -4.75 -1.93
N VAL A 58 10.53 -3.98 -1.06
CA VAL A 58 9.12 -3.57 -1.18
C VAL A 58 8.94 -2.08 -0.59
N THR A 59 8.57 -1.14 -1.51
CA THR A 59 8.04 0.20 -1.22
C THR A 59 6.55 0.17 -0.70
N PHE A 60 6.19 1.22 0.03
CA PHE A 60 4.96 1.33 0.81
C PHE A 60 4.42 2.79 0.81
N LEU A 61 3.13 2.95 0.50
CA LEU A 61 2.43 4.30 0.22
C LEU A 61 0.99 4.24 0.67
N LYS A 62 0.58 5.44 1.17
CA LYS A 62 -0.63 5.62 2.03
C LYS A 62 -1.29 6.96 1.73
N VAL A 63 -2.55 6.79 1.32
CA VAL A 63 -3.39 7.70 0.58
C VAL A 63 -4.73 8.03 1.33
N ASP A 64 -4.92 9.35 1.59
CA ASP A 64 -6.24 9.96 1.80
C ASP A 64 -7.15 9.76 0.57
N VAL A 65 -8.07 8.77 0.70
CA VAL A 65 -9.25 8.38 -0.18
C VAL A 65 -10.39 9.47 -0.40
N ASP A 66 -10.76 10.32 0.55
CA ASP A 66 -11.55 11.56 0.21
C ASP A 66 -11.09 12.47 -1.00
N GLU A 67 -9.79 12.76 -1.02
CA GLU A 67 -9.03 13.38 -2.12
C GLU A 67 -8.85 12.63 -3.40
N LEU A 68 -8.96 11.27 -3.37
CA LEU A 68 -8.60 10.30 -4.42
C LEU A 68 -9.48 9.01 -4.40
N LYS A 69 -10.77 9.27 -4.52
CA LYS A 69 -11.88 8.31 -4.60
C LYS A 69 -12.05 7.73 -6.09
N ALA A 70 -12.12 8.54 -7.12
CA ALA A 70 -12.19 8.00 -8.54
C ALA A 70 -11.16 6.91 -8.96
N VAL A 71 -9.84 7.25 -8.70
CA VAL A 71 -8.64 6.30 -8.74
C VAL A 71 -8.63 5.18 -7.67
N ALA A 72 -8.95 5.35 -6.35
CA ALA A 72 -9.12 4.18 -5.44
C ALA A 72 -9.96 3.02 -5.99
N GLU A 73 -11.17 3.45 -6.36
CA GLU A 73 -12.14 2.62 -7.05
C GLU A 73 -11.47 1.92 -8.28
N GLU A 74 -10.90 2.72 -9.21
CA GLU A 74 -10.16 2.16 -10.40
C GLU A 74 -9.15 0.97 -10.19
N TRP A 75 -8.20 1.01 -9.24
CA TRP A 75 -7.40 -0.17 -8.80
C TRP A 75 -8.01 -1.39 -8.03
N ASN A 76 -9.05 -1.09 -7.21
CA ASN A 76 -10.18 -2.03 -6.89
C ASN A 76 -10.75 -1.84 -5.41
N VAL A 77 -11.62 -0.78 -5.15
CA VAL A 77 -11.97 -0.22 -3.79
C VAL A 77 -13.42 0.34 -3.81
N GLU A 78 -14.20 -0.36 -3.09
CA GLU A 78 -15.56 -0.04 -2.69
C GLU A 78 -15.56 0.45 -1.16
N ALA A 79 -14.57 0.12 -0.23
CA ALA A 79 -14.80 0.08 1.21
C ALA A 79 -13.38 0.40 1.82
N MET A 80 -13.41 1.07 3.00
CA MET A 80 -12.33 1.27 3.92
C MET A 80 -12.05 -0.09 4.71
N PRO A 81 -10.81 -0.58 4.84
CA PRO A 81 -9.60 -0.26 4.03
C PRO A 81 -8.51 -1.28 3.62
N THR A 82 -8.08 -0.94 2.41
CA THR A 82 -7.79 -1.82 1.19
C THR A 82 -6.33 -1.62 0.73
N PHE A 83 -5.61 -2.71 0.55
CA PHE A 83 -4.06 -2.89 0.34
C PHE A 83 -4.24 -3.56 -1.07
N ILE A 84 -3.55 -2.83 -1.95
CA ILE A 84 -3.48 -3.10 -3.39
C ILE A 84 -1.90 -3.27 -3.63
N PHE A 85 -1.62 -4.27 -4.41
CA PHE A 85 -0.38 -5.00 -4.53
C PHE A 85 -0.09 -4.90 -6.04
N LEU A 86 0.83 -3.97 -6.34
CA LEU A 86 1.21 -3.53 -7.69
C LEU A 86 2.81 -3.67 -7.61
N LYS A 87 3.30 -4.48 -8.52
CA LYS A 87 4.70 -4.80 -8.76
C LYS A 87 5.08 -4.09 -10.17
N ASP A 88 6.33 -4.39 -10.53
CA ASP A 88 6.74 -4.41 -11.93
C ASP A 88 6.06 -5.52 -12.82
N GLY A 89 4.67 -5.56 -12.93
CA GLY A 89 3.97 -6.47 -13.80
C GLY A 89 2.45 -6.09 -13.77
N LYS A 90 2.02 -4.79 -13.73
CA LYS A 90 0.65 -4.31 -13.27
C LYS A 90 -0.01 -4.80 -11.88
N LEU A 91 -1.34 -4.64 -11.66
CA LEU A 91 -2.22 -5.09 -10.52
C LEU A 91 -2.15 -6.64 -10.43
N VAL A 92 -1.34 -7.10 -9.53
CA VAL A 92 -1.16 -8.52 -8.96
C VAL A 92 -2.30 -8.87 -7.95
N ASP A 93 -2.74 -8.13 -6.87
CA ASP A 93 -3.76 -8.64 -5.94
C ASP A 93 -4.23 -7.53 -4.86
N LYS A 94 -5.32 -7.86 -4.20
CA LYS A 94 -6.08 -6.97 -3.25
C LYS A 94 -6.74 -7.79 -2.08
N THR A 95 -6.89 -7.04 -0.94
CA THR A 95 -7.36 -7.47 0.35
C THR A 95 -7.86 -6.20 1.10
N VAL A 96 -9.15 -5.99 1.06
CA VAL A 96 -9.88 -5.11 1.93
C VAL A 96 -9.96 -5.86 3.37
N GLY A 97 -9.11 -5.47 4.31
CA GLY A 97 -9.29 -5.80 5.67
C GLY A 97 -8.00 -5.60 6.53
N ALA A 98 -7.86 -4.53 7.24
CA ALA A 98 -6.88 -4.28 8.31
C ALA A 98 -6.76 -5.35 9.45
N ASP A 99 -5.57 -6.06 9.60
CA ASP A 99 -5.44 -7.20 10.52
C ASP A 99 -3.88 -7.36 10.77
N LYS A 100 -3.46 -7.15 11.97
CA LYS A 100 -2.08 -7.11 12.50
C LYS A 100 -1.04 -8.23 12.19
N ASP A 101 -1.48 -9.50 12.29
CA ASP A 101 -0.77 -10.74 11.81
C ASP A 101 -0.98 -10.92 10.22
N GLY A 102 -2.27 -10.81 9.72
CA GLY A 102 -2.67 -10.86 8.28
C GLY A 102 -1.99 -10.11 7.18
N LEU A 103 -1.93 -8.78 7.34
CA LEU A 103 -1.06 -7.96 6.46
C LEU A 103 0.45 -8.37 6.27
N PRO A 104 1.37 -8.55 7.24
CA PRO A 104 2.66 -9.28 7.08
C PRO A 104 2.73 -10.75 6.55
N THR A 105 1.66 -11.60 6.76
CA THR A 105 1.38 -12.89 6.00
C THR A 105 1.34 -12.73 4.44
N LEU A 106 0.46 -11.87 3.98
CA LEU A 106 0.25 -11.40 2.63
C LEU A 106 1.40 -10.72 1.81
N VAL A 107 2.11 -9.78 2.48
CA VAL A 107 3.43 -9.24 2.10
C VAL A 107 4.61 -10.27 2.02
N ALA A 108 4.73 -11.21 2.96
CA ALA A 108 5.72 -12.36 3.01
C ALA A 108 5.57 -13.37 1.76
N LYS A 109 4.34 -13.81 1.60
CA LYS A 109 3.82 -14.46 0.38
C LYS A 109 3.96 -13.80 -1.01
N HIS A 110 3.55 -12.47 -1.16
CA HIS A 110 3.99 -11.63 -2.32
C HIS A 110 5.54 -11.46 -2.58
N ALA A 111 6.29 -11.05 -1.57
CA ALA A 111 7.80 -11.01 -1.63
C ALA A 111 8.48 -12.25 -2.22
N THR A 112 8.14 -13.47 -1.76
CA THR A 112 8.56 -14.75 -2.37
C THR A 112 8.24 -14.93 -3.86
N ALA A 113 6.94 -14.97 -4.16
CA ALA A 113 6.37 -15.04 -5.52
C ALA A 113 6.91 -14.14 -6.65
N ALA A 1 22.41 -2.07 5.51
CA ALA A 1 21.38 -1.03 5.77
C ALA A 1 20.51 -0.84 4.51
N GLU A 2 19.34 -1.42 4.58
CA GLU A 2 18.31 -1.33 3.51
C GLU A 2 16.98 -1.92 4.04
N GLU A 3 15.90 -1.20 3.76
CA GLU A 3 14.53 -1.51 4.26
C GLU A 3 13.48 -0.75 3.37
N GLY A 4 12.27 -1.14 3.58
CA GLY A 4 11.06 -0.38 3.11
C GLY A 4 10.89 1.03 3.75
N GLN A 5 9.96 1.81 3.22
CA GLN A 5 9.76 3.21 3.57
C GLN A 5 8.25 3.45 3.30
N VAL A 6 7.49 3.71 4.36
CA VAL A 6 6.12 4.23 4.36
C VAL A 6 6.25 5.82 4.07
N ILE A 7 5.40 6.29 3.10
CA ILE A 7 5.29 7.66 2.57
C ILE A 7 3.80 8.08 2.57
N ALA A 8 3.48 9.26 3.09
CA ALA A 8 2.21 9.99 2.90
C ALA A 8 1.94 10.48 1.43
N CYS A 9 0.64 10.41 0.99
CA CYS A 9 0.12 10.61 -0.41
C CYS A 9 -1.30 11.21 -0.41
N HIS A 10 -1.39 12.23 -1.30
CA HIS A 10 -2.37 13.39 -1.29
C HIS A 10 -3.11 13.75 -2.66
N THR A 11 -2.43 13.68 -3.79
CA THR A 11 -2.78 14.39 -5.04
C THR A 11 -2.44 13.54 -6.31
N VAL A 12 -2.55 14.19 -7.49
CA VAL A 12 -1.81 13.76 -8.72
C VAL A 12 -0.24 13.56 -8.67
N ASP A 13 0.49 14.18 -7.65
CA ASP A 13 1.85 13.79 -7.28
C ASP A 13 2.05 12.25 -6.98
N THR A 14 1.12 11.64 -6.25
CA THR A 14 1.02 10.15 -6.03
C THR A 14 0.88 9.32 -7.33
N TRP A 15 0.14 9.81 -8.34
CA TRP A 15 0.17 9.32 -9.77
C TRP A 15 1.57 9.23 -10.42
N LYS A 16 2.41 10.27 -10.29
CA LYS A 16 3.89 10.21 -10.45
C LYS A 16 4.66 9.11 -9.61
N GLU A 17 4.60 9.17 -8.27
CA GLU A 17 5.17 8.14 -7.32
C GLU A 17 4.75 6.61 -7.53
N HIS A 18 3.47 6.25 -7.39
CA HIS A 18 2.83 4.84 -7.51
C HIS A 18 3.17 4.13 -8.82
N PHE A 19 2.75 4.71 -9.90
CA PHE A 19 2.92 4.29 -11.28
C PHE A 19 4.39 4.15 -11.71
N GLU A 20 5.16 5.24 -11.66
CA GLU A 20 6.63 5.30 -11.96
C GLU A 20 7.50 4.24 -11.22
N LYS A 21 7.60 4.17 -9.88
CA LYS A 21 8.18 3.00 -9.14
C LYS A 21 7.56 1.66 -9.55
N GLY A 22 6.23 1.41 -9.34
CA GLY A 22 5.50 0.20 -9.72
C GLY A 22 5.85 -0.55 -11.04
N LYS A 23 5.23 -0.06 -12.13
CA LYS A 23 5.78 -0.12 -13.51
C LYS A 23 6.86 1.01 -13.68
N GLY A 24 8.04 0.50 -13.72
CA GLY A 24 9.31 1.14 -14.09
C GLY A 24 10.65 0.37 -13.62
N SER A 25 10.50 -0.17 -12.39
CA SER A 25 11.54 -0.71 -11.52
C SER A 25 11.09 -2.15 -11.16
N GLN A 26 12.03 -3.08 -11.38
CA GLN A 26 11.96 -4.45 -10.82
C GLN A 26 11.97 -4.62 -9.25
N LYS A 27 10.75 -4.31 -8.78
CA LYS A 27 10.36 -4.33 -7.37
C LYS A 27 8.78 -4.37 -7.18
N LEU A 28 8.40 -4.46 -5.91
CA LEU A 28 7.08 -4.54 -5.33
C LEU A 28 6.82 -3.18 -4.59
N ILE A 29 5.53 -2.83 -4.53
CA ILE A 29 4.92 -1.59 -3.99
C ILE A 29 3.52 -1.95 -3.51
N VAL A 30 3.28 -1.44 -2.31
CA VAL A 30 2.25 -1.87 -1.42
C VAL A 30 1.56 -0.53 -0.95
N VAL A 31 0.20 -0.42 -0.88
CA VAL A 31 -0.56 0.85 -0.85
C VAL A 31 -1.93 0.71 -0.10
N ASP A 32 -1.97 1.31 1.14
CA ASP A 32 -3.13 1.65 1.84
C ASP A 32 -3.98 2.76 1.14
N PHE A 33 -5.26 2.42 0.95
CA PHE A 33 -6.39 3.21 0.54
C PHE A 33 -7.24 3.23 1.87
N THR A 34 -7.32 4.39 2.45
CA THR A 34 -7.93 4.58 3.81
C THR A 34 -8.37 6.12 3.92
N ALA A 35 -9.42 6.20 4.60
CA ALA A 35 -10.08 7.41 5.04
C ALA A 35 -9.44 7.79 6.42
N SER A 36 -9.03 9.06 6.55
CA SER A 36 -8.50 9.68 7.80
C SER A 36 -9.37 9.40 9.10
N TRP A 37 -10.73 9.45 9.04
CA TRP A 37 -11.70 8.87 9.96
C TRP A 37 -11.70 7.32 9.78
N CYS A 38 -10.77 6.75 10.61
CA CYS A 38 -10.58 5.30 10.78
C CYS A 38 -9.56 5.06 11.99
N PRO A 39 -9.99 4.87 13.29
CA PRO A 39 -9.16 4.18 14.32
C PRO A 39 -8.57 2.73 13.97
N PRO A 40 -9.25 1.72 13.30
CA PRO A 40 -8.63 0.58 12.62
C PRO A 40 -7.35 0.78 11.76
N CYS A 41 -7.32 1.57 10.65
CA CYS A 41 -6.06 2.08 10.06
C CYS A 41 -5.08 2.95 10.84
N LYS A 42 -5.59 3.86 11.68
CA LYS A 42 -4.69 4.53 12.69
C LYS A 42 -3.65 3.63 13.51
N MET A 43 -4.12 2.45 13.96
CA MET A 43 -3.28 1.32 14.49
C MET A 43 -2.45 0.59 13.36
N ILE A 44 -2.99 0.33 12.17
CA ILE A 44 -2.32 -0.13 10.91
C ILE A 44 -1.13 0.71 10.42
N ALA A 45 -1.17 2.03 10.48
CA ALA A 45 -0.01 2.96 10.31
C ALA A 45 1.35 2.47 11.12
N PRO A 46 1.38 2.28 12.47
CA PRO A 46 2.41 1.43 13.17
C PRO A 46 2.64 -0.07 12.74
N ILE A 47 1.61 -0.87 12.38
CA ILE A 47 1.72 -2.18 11.66
C ILE A 47 2.49 -2.18 10.32
N PHE A 48 2.08 -1.29 9.35
CA PHE A 48 2.78 -1.00 8.04
C PHE A 48 4.27 -0.59 8.25
N ALA A 49 4.65 0.35 9.10
CA ALA A 49 6.00 0.65 9.53
C ALA A 49 6.93 -0.47 10.06
N GLU A 50 6.47 -1.28 11.08
CA GLU A 50 7.15 -2.46 11.49
C GLU A 50 7.49 -3.49 10.32
N LEU A 51 6.47 -3.91 9.58
CA LEU A 51 6.55 -4.68 8.37
C LEU A 51 7.51 -4.09 7.23
N ALA A 52 7.41 -2.77 6.98
CA ALA A 52 8.41 -1.98 6.19
C ALA A 52 9.90 -2.13 6.64
N LYS A 53 10.12 -2.22 7.96
CA LYS A 53 11.39 -2.67 8.61
C LYS A 53 11.86 -4.10 8.32
N LYS A 54 10.96 -5.09 8.42
CA LYS A 54 11.19 -6.47 8.01
C LYS A 54 11.72 -6.78 6.53
N PHE A 55 11.24 -6.02 5.56
CA PHE A 55 11.08 -6.32 4.15
C PHE A 55 11.72 -5.14 3.31
N PRO A 56 12.93 -5.34 2.72
CA PRO A 56 13.67 -4.49 1.77
C PRO A 56 13.31 -4.25 0.25
N ASN A 57 12.88 -5.26 -0.43
CA ASN A 57 12.37 -5.24 -1.87
C ASN A 57 11.10 -4.44 -2.18
N VAL A 58 10.63 -3.64 -1.22
CA VAL A 58 9.28 -3.17 -1.16
C VAL A 58 9.21 -1.72 -0.51
N THR A 59 8.82 -0.74 -1.39
CA THR A 59 8.29 0.61 -1.07
C THR A 59 6.86 0.41 -0.55
N PHE A 60 6.53 1.39 0.25
CA PHE A 60 5.23 1.46 1.03
C PHE A 60 4.80 2.95 0.95
N LEU A 61 3.45 3.06 0.68
CA LEU A 61 2.79 4.35 0.38
C LEU A 61 1.26 4.25 0.83
N LYS A 62 0.64 5.45 1.07
CA LYS A 62 -0.69 5.44 1.79
C LYS A 62 -1.40 6.79 1.38
N VAL A 63 -2.51 6.54 0.62
CA VAL A 63 -3.50 7.49 0.01
C VAL A 63 -4.64 7.77 1.00
N ASP A 64 -4.79 9.05 1.35
CA ASP A 64 -6.07 9.63 1.86
C ASP A 64 -7.20 9.63 0.81
N VAL A 65 -8.19 8.74 1.01
CA VAL A 65 -9.40 8.56 0.16
C VAL A 65 -10.34 9.79 -0.08
N ASP A 66 -10.54 10.62 0.93
CA ASP A 66 -11.22 11.97 0.72
C ASP A 66 -10.70 12.92 -0.41
N GLU A 67 -9.37 13.01 -0.55
CA GLU A 67 -8.63 13.53 -1.74
C GLU A 67 -8.64 12.76 -3.14
N LEU A 68 -8.72 11.38 -3.11
CA LEU A 68 -8.43 10.53 -4.27
C LEU A 68 -9.25 9.19 -4.16
N LYS A 69 -10.53 9.42 -4.26
CA LYS A 69 -11.56 8.36 -4.22
C LYS A 69 -11.88 7.92 -5.69
N ALA A 70 -11.92 8.82 -6.68
CA ALA A 70 -12.02 8.40 -8.12
C ALA A 70 -11.11 7.24 -8.59
N VAL A 71 -9.79 7.47 -8.63
CA VAL A 71 -8.76 6.42 -8.64
C VAL A 71 -8.86 5.17 -7.62
N ALA A 72 -8.86 5.38 -6.25
CA ALA A 72 -9.07 4.26 -5.30
C ALA A 72 -10.13 3.16 -5.67
N GLU A 73 -11.30 3.66 -5.97
CA GLU A 73 -12.37 2.86 -6.58
C GLU A 73 -11.97 2.15 -7.84
N GLU A 74 -11.36 2.86 -8.89
CA GLU A 74 -10.79 2.19 -10.12
C GLU A 74 -9.93 0.87 -9.94
N TRP A 75 -8.93 0.90 -9.09
CA TRP A 75 -8.13 -0.29 -8.74
C TRP A 75 -9.01 -1.48 -8.10
N ASN A 76 -9.75 -1.10 -7.03
CA ASN A 76 -10.96 -1.81 -6.51
C ASN A 76 -11.12 -1.45 -5.00
N VAL A 77 -11.86 -0.32 -4.72
CA VAL A 77 -12.02 0.27 -3.40
C VAL A 77 -13.38 0.93 -3.54
N GLU A 78 -14.46 0.04 -3.53
CA GLU A 78 -15.70 0.36 -2.83
C GLU A 78 -15.86 0.47 -1.25
N ALA A 79 -14.75 0.10 -0.53
CA ALA A 79 -14.84 -0.29 0.88
C ALA A 79 -13.55 0.19 1.57
N MET A 80 -13.71 0.68 2.86
CA MET A 80 -12.73 1.13 3.85
C MET A 80 -12.49 -0.18 4.81
N PRO A 81 -11.31 -0.88 4.88
CA PRO A 81 -10.15 -0.39 4.08
C PRO A 81 -9.02 -1.36 3.60
N THR A 82 -8.49 -1.00 2.48
CA THR A 82 -8.01 -1.79 1.32
C THR A 82 -6.53 -1.55 0.95
N PHE A 83 -5.84 -2.64 0.63
CA PHE A 83 -4.37 -2.85 0.55
C PHE A 83 -4.26 -3.48 -0.95
N ILE A 84 -3.45 -2.70 -1.68
CA ILE A 84 -3.32 -2.75 -3.21
C ILE A 84 -1.77 -2.88 -3.60
N PHE A 85 -1.62 -3.80 -4.55
CA PHE A 85 -0.33 -4.54 -4.70
C PHE A 85 -0.16 -4.49 -6.31
N LEU A 86 0.84 -3.62 -6.63
CA LEU A 86 1.21 -3.13 -7.99
C LEU A 86 2.76 -3.31 -7.90
N LYS A 87 3.20 -4.03 -8.94
CA LYS A 87 4.54 -4.60 -9.13
C LYS A 87 4.98 -4.14 -10.60
N ASP A 88 6.18 -4.68 -11.00
CA ASP A 88 6.63 -4.70 -12.40
C ASP A 88 5.75 -5.64 -13.46
N GLY A 89 4.47 -5.47 -13.35
CA GLY A 89 3.54 -6.06 -14.27
C GLY A 89 2.08 -5.77 -13.92
N LYS A 90 1.81 -4.41 -13.71
CA LYS A 90 0.48 -3.88 -13.19
C LYS A 90 -0.07 -4.43 -11.85
N LEU A 91 -1.31 -4.24 -11.62
CA LEU A 91 -2.10 -4.76 -10.47
C LEU A 91 -1.98 -6.34 -10.40
N VAL A 92 -1.03 -6.74 -9.49
CA VAL A 92 -0.94 -8.11 -8.94
C VAL A 92 -1.97 -8.70 -7.96
N ASP A 93 -2.37 -7.84 -6.99
CA ASP A 93 -3.30 -8.29 -5.80
C ASP A 93 -4.02 -7.18 -5.02
N LYS A 94 -5.11 -7.57 -4.26
CA LYS A 94 -6.02 -6.61 -3.61
C LYS A 94 -6.72 -7.33 -2.49
N THR A 95 -6.92 -6.73 -1.35
CA THR A 95 -7.44 -7.40 -0.11
C THR A 95 -8.08 -6.19 0.67
N VAL A 96 -9.04 -6.37 1.59
CA VAL A 96 -9.87 -5.27 2.24
C VAL A 96 -10.22 -5.91 3.67
N GLY A 97 -9.45 -5.40 4.65
CA GLY A 97 -9.78 -5.51 6.12
C GLY A 97 -8.48 -5.26 6.91
N ALA A 98 -8.39 -4.11 7.68
CA ALA A 98 -7.37 -3.84 8.70
C ALA A 98 -7.20 -4.92 9.78
N ASP A 99 -5.93 -5.44 9.94
CA ASP A 99 -5.54 -6.51 10.85
C ASP A 99 -4.05 -6.50 11.12
N LYS A 100 -3.61 -6.45 12.41
CA LYS A 100 -2.16 -6.76 12.78
C LYS A 100 -1.34 -7.95 12.08
N ASP A 101 -1.79 -9.22 12.34
CA ASP A 101 -1.32 -10.44 11.69
C ASP A 101 -1.53 -10.48 10.17
N GLY A 102 -2.71 -10.14 9.66
CA GLY A 102 -3.14 -10.12 8.22
C GLY A 102 -2.11 -9.61 7.15
N LEU A 103 -1.94 -8.31 7.10
CA LEU A 103 -0.93 -7.59 6.26
C LEU A 103 0.60 -7.93 6.26
N PRO A 104 1.32 -8.04 7.43
CA PRO A 104 2.61 -8.84 7.53
C PRO A 104 2.65 -10.26 6.89
N THR A 105 1.56 -11.07 7.03
CA THR A 105 1.33 -12.47 6.40
C THR A 105 1.20 -12.45 4.85
N LEU A 106 0.28 -11.64 4.35
CA LEU A 106 0.06 -11.30 2.93
C LEU A 106 1.30 -10.77 2.14
N VAL A 107 1.99 -9.72 2.71
CA VAL A 107 3.36 -9.21 2.26
C VAL A 107 4.40 -10.31 2.35
N ALA A 108 4.59 -11.04 3.45
CA ALA A 108 5.46 -12.26 3.48
C ALA A 108 5.34 -13.24 2.30
N LYS A 109 4.13 -13.62 1.96
CA LYS A 109 3.86 -14.28 0.67
C LYS A 109 4.17 -13.62 -0.70
N HIS A 110 3.87 -12.32 -0.81
CA HIS A 110 4.25 -11.46 -2.02
C HIS A 110 5.73 -11.23 -2.33
N ALA A 111 6.44 -10.60 -1.36
CA ALA A 111 7.95 -10.38 -1.30
C ALA A 111 8.96 -11.51 -1.19
N THR A 112 8.69 -12.59 -0.49
CA THR A 112 9.35 -13.91 -0.68
C THR A 112 9.13 -14.56 -2.16
N ALA A 113 7.84 -14.59 -2.63
CA ALA A 113 7.56 -14.78 -4.07
C ALA A 113 8.23 -13.85 -5.07
N ALA A 1 21.46 -1.69 8.29
CA ALA A 1 20.21 -0.93 8.05
C ALA A 1 19.87 -0.90 6.58
N GLU A 2 18.78 -1.55 6.21
CA GLU A 2 18.30 -1.70 4.80
C GLU A 2 16.78 -2.05 4.92
N GLU A 3 15.90 -1.22 4.34
CA GLU A 3 14.48 -1.33 4.62
C GLU A 3 13.65 -0.61 3.49
N GLY A 4 12.33 -0.95 3.57
CA GLY A 4 11.24 -0.23 2.88
C GLY A 4 10.83 1.12 3.52
N GLN A 5 9.88 1.77 2.85
CA GLN A 5 9.73 3.25 3.11
C GLN A 5 8.20 3.49 2.79
N VAL A 6 7.53 3.91 3.87
CA VAL A 6 6.12 4.37 3.97
C VAL A 6 6.05 5.91 3.96
N ILE A 7 5.36 6.40 2.93
CA ILE A 7 5.27 7.82 2.55
C ILE A 7 3.67 8.09 2.37
N ALA A 8 3.27 9.17 3.05
CA ALA A 8 1.98 9.83 2.83
C ALA A 8 1.82 10.50 1.44
N CYS A 9 0.59 10.28 0.90
CA CYS A 9 0.15 10.64 -0.46
C CYS A 9 -1.30 11.21 -0.35
N HIS A 10 -1.46 12.19 -1.23
CA HIS A 10 -2.45 13.28 -1.14
C HIS A 10 -3.22 13.57 -2.49
N THR A 11 -2.63 13.52 -3.69
CA THR A 11 -3.17 14.13 -4.96
C THR A 11 -2.63 13.32 -6.18
N VAL A 12 -2.78 13.87 -7.41
CA VAL A 12 -1.97 13.47 -8.64
C VAL A 12 -0.41 13.47 -8.51
N ASP A 13 0.19 14.09 -7.51
CA ASP A 13 1.54 13.72 -7.07
C ASP A 13 1.84 12.22 -6.82
N THR A 14 0.94 11.56 -6.09
CA THR A 14 0.90 10.03 -6.00
C THR A 14 0.81 9.23 -7.29
N TRP A 15 -0.03 9.66 -8.22
CA TRP A 15 -0.12 9.13 -9.59
C TRP A 15 1.30 9.13 -10.37
N LYS A 16 2.19 10.17 -10.24
CA LYS A 16 3.60 10.04 -10.59
C LYS A 16 4.39 9.02 -9.64
N GLU A 17 4.36 9.09 -8.29
CA GLU A 17 4.96 8.08 -7.38
C GLU A 17 4.61 6.55 -7.59
N HIS A 18 3.34 6.17 -7.41
CA HIS A 18 2.80 4.80 -7.60
C HIS A 18 3.10 4.15 -8.98
N PHE A 19 2.69 4.81 -10.06
CA PHE A 19 2.88 4.33 -11.51
C PHE A 19 4.41 4.11 -11.92
N GLU A 20 5.30 5.15 -11.75
CA GLU A 20 6.80 5.15 -12.02
C GLU A 20 7.55 4.05 -11.28
N LYS A 21 7.33 3.88 -9.99
CA LYS A 21 7.80 2.68 -9.17
C LYS A 21 7.26 1.29 -9.74
N GLY A 22 5.91 1.15 -9.75
CA GLY A 22 5.22 -0.06 -10.29
C GLY A 22 5.75 -0.67 -11.61
N LYS A 23 5.17 -0.14 -12.72
CA LYS A 23 5.81 -0.15 -14.07
C LYS A 23 6.94 0.88 -14.05
N GLY A 24 8.09 0.28 -13.83
CA GLY A 24 9.36 1.02 -14.15
C GLY A 24 10.63 0.44 -13.43
N SER A 25 10.35 0.26 -12.07
CA SER A 25 11.25 -0.23 -10.99
C SER A 25 10.91 -1.71 -10.65
N GLN A 26 11.95 -2.56 -10.79
CA GLN A 26 12.00 -4.04 -10.52
C GLN A 26 11.89 -4.38 -9.00
N LYS A 27 10.69 -4.18 -8.42
CA LYS A 27 10.31 -4.38 -7.02
C LYS A 27 8.75 -4.56 -6.95
N LEU A 28 8.33 -4.83 -5.69
CA LEU A 28 6.94 -4.85 -5.19
C LEU A 28 6.59 -3.45 -4.59
N ILE A 29 5.35 -3.02 -4.60
CA ILE A 29 4.82 -1.71 -4.17
C ILE A 29 3.37 -2.18 -3.59
N VAL A 30 3.04 -1.59 -2.42
CA VAL A 30 1.90 -2.01 -1.56
C VAL A 30 1.25 -0.77 -0.85
N VAL A 31 -0.05 -0.56 -1.08
CA VAL A 31 -0.70 0.73 -1.02
C VAL A 31 -2.12 0.60 -0.33
N ASP A 32 -2.19 1.12 0.92
CA ASP A 32 -3.46 1.48 1.61
C ASP A 32 -4.33 2.64 1.02
N PHE A 33 -5.62 2.47 1.24
CA PHE A 33 -6.67 3.31 0.69
C PHE A 33 -7.48 3.33 2.07
N THR A 34 -7.42 4.55 2.72
CA THR A 34 -7.96 4.72 4.08
C THR A 34 -8.34 6.27 4.22
N ALA A 35 -9.35 6.45 4.92
CA ALA A 35 -9.69 7.69 5.53
C ALA A 35 -8.83 8.03 6.88
N SER A 36 -8.56 9.32 7.13
CA SER A 36 -8.07 9.79 8.51
C SER A 36 -8.96 9.38 9.72
N TRP A 37 -10.25 9.56 9.62
CA TRP A 37 -11.30 9.01 10.47
C TRP A 37 -11.44 7.40 10.41
N CYS A 38 -10.44 6.78 11.05
CA CYS A 38 -10.31 5.26 11.07
C CYS A 38 -9.34 4.88 12.19
N PRO A 39 -9.70 4.76 13.54
CA PRO A 39 -8.90 4.14 14.64
C PRO A 39 -8.18 2.71 14.39
N PRO A 40 -8.83 1.76 13.75
CA PRO A 40 -8.19 0.55 13.18
C PRO A 40 -7.00 0.72 12.12
N CYS A 41 -7.17 1.61 11.15
CA CYS A 41 -6.04 2.30 10.35
C CYS A 41 -5.05 3.32 11.05
N LYS A 42 -5.53 3.99 12.17
CA LYS A 42 -4.61 4.59 13.17
C LYS A 42 -3.48 3.71 13.69
N MET A 43 -3.83 2.58 14.26
CA MET A 43 -2.92 1.42 14.56
C MET A 43 -2.17 0.72 13.37
N ILE A 44 -2.83 0.54 12.22
CA ILE A 44 -2.24 0.10 10.96
C ILE A 44 -1.09 1.03 10.34
N ALA A 45 -0.93 2.37 10.68
CA ALA A 45 0.21 3.23 10.34
C ALA A 45 1.57 2.72 10.96
N PRO A 46 1.71 2.59 12.29
CA PRO A 46 2.79 1.77 12.91
C PRO A 46 2.99 0.24 12.46
N ILE A 47 1.96 -0.60 12.25
CA ILE A 47 2.01 -1.94 11.60
C ILE A 47 2.70 -2.00 10.20
N PHE A 48 2.15 -1.21 9.31
CA PHE A 48 2.70 -0.97 7.95
C PHE A 48 4.19 -0.49 7.88
N ALA A 49 4.61 0.45 8.75
CA ALA A 49 6.05 0.72 9.06
C ALA A 49 6.88 -0.46 9.71
N GLU A 50 6.38 -1.22 10.74
CA GLU A 50 7.06 -2.42 11.27
C GLU A 50 7.55 -3.50 10.22
N LEU A 51 6.56 -3.99 9.46
CA LEU A 51 6.73 -4.83 8.31
C LEU A 51 7.64 -4.23 7.18
N ALA A 52 7.64 -2.93 6.81
CA ALA A 52 8.73 -2.27 6.02
C ALA A 52 10.22 -2.40 6.49
N LYS A 53 10.37 -2.25 7.80
CA LYS A 53 11.60 -2.55 8.57
C LYS A 53 12.05 -4.02 8.49
N LYS A 54 11.11 -4.94 8.63
CA LYS A 54 11.31 -6.42 8.39
C LYS A 54 11.87 -6.78 6.92
N PHE A 55 11.39 -6.05 5.90
CA PHE A 55 11.25 -6.51 4.50
C PHE A 55 11.76 -5.34 3.52
N PRO A 56 13.03 -5.28 3.12
CA PRO A 56 13.64 -4.37 2.07
C PRO A 56 13.17 -4.39 0.53
N ASN A 57 12.69 -5.48 -0.07
CA ASN A 57 12.29 -5.67 -1.48
C ASN A 57 11.10 -4.81 -1.98
N VAL A 58 10.57 -3.87 -1.13
CA VAL A 58 9.15 -3.44 -1.18
C VAL A 58 8.94 -1.94 -0.77
N THR A 59 8.62 -1.04 -1.75
CA THR A 59 8.01 0.30 -1.52
C THR A 59 6.52 0.21 -0.95
N PHE A 60 6.15 1.33 -0.27
CA PHE A 60 4.89 1.49 0.52
C PHE A 60 4.41 2.94 0.48
N LEU A 61 3.13 3.10 0.29
CA LEU A 61 2.45 4.42 0.10
C LEU A 61 0.98 4.25 0.56
N LYS A 62 0.44 5.42 0.85
CA LYS A 62 -0.86 5.55 1.59
C LYS A 62 -1.61 6.77 1.15
N VAL A 63 -2.73 6.54 0.45
CA VAL A 63 -3.68 7.48 -0.14
C VAL A 63 -4.88 7.81 0.84
N ASP A 64 -4.96 9.13 1.16
CA ASP A 64 -6.12 9.81 1.84
C ASP A 64 -7.32 9.79 0.88
N VAL A 65 -8.27 8.89 1.10
CA VAL A 65 -9.54 8.64 0.43
C VAL A 65 -10.46 9.87 0.26
N ASP A 66 -10.59 10.77 1.29
CA ASP A 66 -11.32 12.09 1.28
C ASP A 66 -10.94 13.00 0.04
N GLU A 67 -9.65 13.29 -0.04
CA GLU A 67 -8.97 13.72 -1.33
C GLU A 67 -9.00 12.88 -2.69
N LEU A 68 -9.05 11.53 -2.61
CA LEU A 68 -8.72 10.58 -3.67
C LEU A 68 -9.59 9.27 -3.68
N LYS A 69 -10.86 9.49 -3.59
CA LYS A 69 -11.98 8.52 -3.74
C LYS A 69 -12.31 8.02 -5.15
N ALA A 70 -12.53 8.92 -6.13
CA ALA A 70 -12.77 8.54 -7.56
C ALA A 70 -11.73 7.51 -8.17
N VAL A 71 -10.44 7.87 -8.05
CA VAL A 71 -9.28 7.00 -8.26
C VAL A 71 -9.04 5.74 -7.38
N ALA A 72 -9.18 5.83 -6.05
CA ALA A 72 -9.29 4.59 -5.23
C ALA A 72 -10.20 3.52 -5.84
N GLU A 73 -11.42 3.95 -6.18
CA GLU A 73 -12.45 3.12 -6.91
C GLU A 73 -11.88 2.52 -8.23
N GLU A 74 -11.30 3.39 -9.15
CA GLU A 74 -10.42 2.94 -10.30
C GLU A 74 -9.30 1.90 -10.17
N TRP A 75 -8.41 2.02 -9.20
CA TRP A 75 -7.38 1.00 -8.79
C TRP A 75 -8.02 -0.38 -8.44
N ASN A 76 -9.03 -0.37 -7.52
CA ASN A 76 -10.19 -1.37 -7.33
C ASN A 76 -10.60 -1.25 -5.76
N VAL A 77 -11.39 -0.27 -5.39
CA VAL A 77 -11.71 0.12 -4.03
C VAL A 77 -13.10 0.55 -4.05
N GLU A 78 -13.91 -0.36 -3.58
CA GLU A 78 -15.25 -0.18 -3.11
C GLU A 78 -15.46 0.20 -1.52
N ALA A 79 -14.35 0.01 -0.65
CA ALA A 79 -14.44 0.00 0.85
C ALA A 79 -13.12 0.34 1.63
N MET A 80 -13.40 0.76 2.83
CA MET A 80 -12.40 0.97 3.92
C MET A 80 -12.01 -0.48 4.50
N PRO A 81 -10.78 -0.85 4.62
CA PRO A 81 -9.70 -0.19 3.80
C PRO A 81 -8.61 -1.25 3.30
N THR A 82 -8.11 -0.89 2.13
CA THR A 82 -7.98 -1.68 1.00
C THR A 82 -6.48 -1.48 0.69
N PHE A 83 -5.96 -2.54 0.28
CA PHE A 83 -4.44 -2.90 0.19
C PHE A 83 -4.38 -3.51 -1.22
N ILE A 84 -3.64 -2.90 -2.09
CA ILE A 84 -3.32 -3.13 -3.56
C ILE A 84 -1.82 -3.40 -3.65
N PHE A 85 -1.63 -4.40 -4.45
CA PHE A 85 -0.36 -5.15 -4.66
C PHE A 85 -0.22 -4.88 -6.19
N LEU A 86 0.78 -4.04 -6.43
CA LEU A 86 1.26 -3.52 -7.72
C LEU A 86 2.81 -3.73 -7.70
N LYS A 87 3.30 -4.19 -8.82
CA LYS A 87 4.65 -4.65 -9.04
C LYS A 87 5.14 -4.22 -10.46
N ASP A 88 6.41 -4.53 -10.75
CA ASP A 88 6.92 -4.73 -12.14
C ASP A 88 6.21 -5.95 -12.93
N GLY A 89 4.94 -5.95 -13.06
CA GLY A 89 4.07 -6.87 -13.86
C GLY A 89 2.58 -6.61 -13.84
N LYS A 90 2.20 -5.27 -13.90
CA LYS A 90 0.84 -4.71 -13.84
C LYS A 90 0.20 -5.13 -12.43
N LEU A 91 -1.10 -4.88 -12.29
CA LEU A 91 -1.91 -5.27 -11.12
C LEU A 91 -1.97 -6.84 -10.97
N VAL A 92 -1.00 -7.30 -10.10
CA VAL A 92 -0.87 -8.64 -9.47
C VAL A 92 -2.06 -9.03 -8.56
N ASP A 93 -2.47 -8.32 -7.44
CA ASP A 93 -3.39 -8.84 -6.43
C ASP A 93 -4.05 -7.74 -5.52
N LYS A 94 -5.06 -8.11 -4.70
CA LYS A 94 -5.89 -7.18 -3.89
C LYS A 94 -6.61 -7.88 -2.67
N THR A 95 -6.71 -7.11 -1.55
CA THR A 95 -7.33 -7.58 -0.28
C THR A 95 -7.71 -6.24 0.52
N VAL A 96 -8.65 -6.39 1.41
CA VAL A 96 -9.37 -5.34 2.15
C VAL A 96 -9.56 -5.83 3.62
N GLY A 97 -8.59 -5.43 4.44
CA GLY A 97 -8.72 -5.68 5.92
C GLY A 97 -7.45 -5.16 6.65
N ALA A 98 -7.73 -4.08 7.47
CA ALA A 98 -6.89 -3.65 8.62
C ALA A 98 -6.83 -4.74 9.72
N ASP A 99 -5.60 -5.40 9.79
CA ASP A 99 -5.37 -6.62 10.66
C ASP A 99 -3.81 -6.68 10.88
N LYS A 100 -3.45 -6.57 12.23
CA LYS A 100 -2.04 -6.59 12.77
C LYS A 100 -1.03 -7.69 12.26
N ASP A 101 -1.37 -8.95 12.39
CA ASP A 101 -0.67 -10.11 11.74
C ASP A 101 -1.06 -10.32 10.23
N GLY A 102 -2.36 -10.16 9.79
CA GLY A 102 -2.78 -10.23 8.38
C GLY A 102 -2.05 -9.59 7.21
N LEU A 103 -1.91 -8.26 7.29
CA LEU A 103 -1.13 -7.39 6.36
C LEU A 103 0.40 -7.79 6.22
N PRO A 104 1.27 -8.05 7.29
CA PRO A 104 2.55 -8.82 7.21
C PRO A 104 2.52 -10.17 6.45
N THR A 105 1.60 -11.05 6.90
CA THR A 105 1.38 -12.44 6.27
C THR A 105 1.14 -12.49 4.72
N LEU A 106 0.26 -11.69 4.24
CA LEU A 106 0.04 -11.41 2.81
C LEU A 106 1.18 -10.77 1.98
N VAL A 107 1.80 -9.69 2.52
CA VAL A 107 3.11 -9.15 2.02
C VAL A 107 4.25 -10.19 2.01
N ALA A 108 4.56 -10.87 3.16
CA ALA A 108 5.55 -11.99 3.21
C ALA A 108 5.47 -13.09 2.12
N LYS A 109 4.25 -13.51 1.90
CA LYS A 109 3.84 -14.41 0.79
C LYS A 109 4.17 -13.79 -0.66
N HIS A 110 3.81 -12.52 -0.98
CA HIS A 110 4.35 -11.82 -2.17
C HIS A 110 5.86 -11.66 -2.38
N ALA A 111 6.51 -11.08 -1.34
CA ALA A 111 8.01 -10.95 -1.19
C ALA A 111 8.89 -12.21 -1.38
N THR A 112 8.55 -13.35 -0.81
CA THR A 112 9.12 -14.71 -1.14
C THR A 112 9.06 -15.11 -2.69
N ALA A 113 7.85 -14.98 -3.30
CA ALA A 113 7.68 -14.98 -4.77
C ALA A 113 8.37 -13.83 -5.50
N ALA A 1 22.47 -0.43 5.97
CA ALA A 1 21.07 -0.09 6.32
C ALA A 1 20.21 -0.13 4.99
N GLU A 2 19.23 -1.03 4.92
CA GLU A 2 18.57 -1.31 3.60
C GLU A 2 17.12 -1.84 4.04
N GLU A 3 16.08 -1.11 3.66
CA GLU A 3 14.66 -1.39 4.14
C GLU A 3 13.58 -0.73 3.20
N GLY A 4 12.34 -1.16 3.34
CA GLY A 4 11.12 -0.48 2.89
C GLY A 4 10.80 0.84 3.67
N GLN A 5 9.79 1.65 3.22
CA GLN A 5 9.54 3.02 3.72
C GLN A 5 8.02 3.37 3.41
N VAL A 6 7.40 3.97 4.42
CA VAL A 6 6.06 4.52 4.49
C VAL A 6 6.08 6.03 4.17
N ILE A 7 5.43 6.36 3.08
CA ILE A 7 5.34 7.71 2.38
C ILE A 7 3.77 7.93 2.31
N ALA A 8 3.32 8.95 2.99
CA ALA A 8 1.98 9.56 2.80
C ALA A 8 1.76 10.27 1.40
N CYS A 9 0.58 10.04 0.93
CA CYS A 9 0.00 10.38 -0.37
C CYS A 9 -1.24 11.24 -0.27
N HIS A 10 -1.40 12.09 -1.27
CA HIS A 10 -2.14 13.35 -1.19
C HIS A 10 -2.99 13.70 -2.46
N THR A 11 -2.30 13.93 -3.60
CA THR A 11 -2.77 14.56 -4.84
C THR A 11 -2.21 13.75 -6.08
N VAL A 12 -2.36 14.30 -7.29
CA VAL A 12 -1.72 13.77 -8.57
C VAL A 12 -0.18 13.32 -8.61
N ASP A 13 0.55 13.85 -7.66
CA ASP A 13 1.98 13.52 -7.32
C ASP A 13 2.16 12.07 -6.81
N THR A 14 1.25 11.53 -5.96
CA THR A 14 1.07 10.08 -5.87
C THR A 14 0.85 9.22 -7.21
N TRP A 15 0.14 9.78 -8.24
CA TRP A 15 0.04 9.18 -9.66
C TRP A 15 1.43 8.93 -10.33
N LYS A 16 2.31 10.01 -10.35
CA LYS A 16 3.76 9.85 -10.58
C LYS A 16 4.52 8.76 -9.69
N GLU A 17 4.42 8.87 -8.35
CA GLU A 17 4.94 7.86 -7.44
C GLU A 17 4.53 6.34 -7.58
N HIS A 18 3.22 6.07 -7.36
CA HIS A 18 2.60 4.71 -7.53
C HIS A 18 2.96 4.02 -8.91
N PHE A 19 2.62 4.69 -10.03
CA PHE A 19 2.89 4.28 -11.44
C PHE A 19 4.42 4.08 -11.81
N GLU A 20 5.29 5.13 -11.67
CA GLU A 20 6.76 5.10 -11.90
C GLU A 20 7.54 3.97 -11.19
N LYS A 21 7.49 3.94 -9.84
CA LYS A 21 7.97 2.82 -9.01
C LYS A 21 7.43 1.38 -9.28
N GLY A 22 6.10 1.23 -9.30
CA GLY A 22 5.40 -0.03 -9.71
C GLY A 22 5.77 -0.72 -11.06
N LYS A 23 5.17 -0.18 -12.11
CA LYS A 23 5.68 -0.21 -13.48
C LYS A 23 6.67 0.85 -13.76
N GLY A 24 7.94 0.49 -13.55
CA GLY A 24 9.11 1.25 -13.94
C GLY A 24 10.44 0.68 -13.39
N SER A 25 10.38 0.30 -12.09
CA SER A 25 11.44 -0.19 -11.25
C SER A 25 11.01 -1.65 -10.88
N GLN A 26 11.99 -2.56 -10.95
CA GLN A 26 11.98 -3.99 -10.37
C GLN A 26 11.94 -3.92 -8.86
N LYS A 27 10.70 -3.84 -8.35
CA LYS A 27 10.36 -3.82 -6.93
C LYS A 27 8.82 -4.19 -6.94
N LEU A 28 8.46 -4.66 -5.73
CA LEU A 28 7.10 -4.66 -5.17
C LEU A 28 6.85 -3.34 -4.45
N ILE A 29 5.63 -2.90 -4.50
CA ILE A 29 4.99 -1.67 -3.95
C ILE A 29 3.54 -2.09 -3.44
N VAL A 30 3.22 -1.52 -2.27
CA VAL A 30 2.05 -1.94 -1.44
C VAL A 30 1.40 -0.65 -0.78
N VAL A 31 0.07 -0.55 -1.01
CA VAL A 31 -0.66 0.70 -0.95
C VAL A 31 -2.15 0.68 -0.39
N ASP A 32 -2.21 1.21 0.87
CA ASP A 32 -3.42 1.57 1.60
C ASP A 32 -4.24 2.78 1.08
N PHE A 33 -5.53 2.46 0.86
CA PHE A 33 -6.68 3.38 0.53
C PHE A 33 -7.48 3.36 1.82
N THR A 34 -7.31 4.56 2.53
CA THR A 34 -7.79 4.78 3.97
C THR A 34 -8.07 6.24 4.03
N ALA A 35 -9.19 6.46 4.65
CA ALA A 35 -9.67 7.71 5.27
C ALA A 35 -9.07 7.93 6.65
N SER A 36 -8.93 9.17 6.98
CA SER A 36 -8.66 9.62 8.37
C SER A 36 -9.71 9.23 9.50
N TRP A 37 -11.03 9.23 9.17
CA TRP A 37 -12.16 8.52 9.98
C TRP A 37 -11.98 6.93 10.16
N CYS A 38 -10.93 6.47 10.82
CA CYS A 38 -10.59 5.01 10.87
C CYS A 38 -9.61 4.80 12.13
N PRO A 39 -9.99 4.43 13.44
CA PRO A 39 -9.11 3.76 14.43
C PRO A 39 -8.29 2.38 14.13
N PRO A 40 -8.83 1.42 13.32
CA PRO A 40 -8.11 0.28 12.64
C PRO A 40 -6.83 0.57 11.78
N CYS A 41 -7.00 1.42 10.70
CA CYS A 41 -5.90 2.14 10.11
C CYS A 41 -5.10 3.15 10.87
N LYS A 42 -5.60 3.87 11.91
CA LYS A 42 -4.78 4.44 13.05
C LYS A 42 -3.67 3.53 13.65
N MET A 43 -3.96 2.34 14.16
CA MET A 43 -3.01 1.25 14.53
C MET A 43 -2.28 0.54 13.32
N ILE A 44 -2.95 0.28 12.20
CA ILE A 44 -2.33 -0.22 10.96
C ILE A 44 -1.15 0.60 10.39
N ALA A 45 -1.10 1.95 10.46
CA ALA A 45 0.11 2.78 10.22
C ALA A 45 1.34 2.28 10.98
N PRO A 46 1.42 2.19 12.35
CA PRO A 46 2.41 1.42 13.10
C PRO A 46 2.74 0.03 12.70
N ILE A 47 1.76 -0.84 12.49
CA ILE A 47 1.97 -2.18 11.83
C ILE A 47 2.72 -2.09 10.40
N PHE A 48 2.16 -1.32 9.46
CA PHE A 48 2.76 -0.98 8.13
C PHE A 48 4.24 -0.56 8.11
N ALA A 49 4.56 0.22 9.17
CA ALA A 49 5.91 0.68 9.55
C ALA A 49 6.87 -0.39 10.13
N GLU A 50 6.51 -1.17 11.20
CA GLU A 50 7.27 -2.39 11.63
C GLU A 50 7.48 -3.48 10.42
N LEU A 51 6.39 -3.87 9.69
CA LEU A 51 6.49 -4.53 8.37
C LEU A 51 7.50 -3.89 7.35
N ALA A 52 7.46 -2.56 7.06
CA ALA A 52 8.49 -1.84 6.28
C ALA A 52 9.98 -1.99 6.70
N LYS A 53 10.32 -2.04 7.99
CA LYS A 53 11.60 -2.38 8.59
C LYS A 53 12.00 -3.87 8.42
N LYS A 54 11.09 -4.81 8.53
CA LYS A 54 11.24 -6.26 8.29
C LYS A 54 11.66 -6.71 6.87
N PHE A 55 11.20 -5.92 5.86
CA PHE A 55 10.98 -6.28 4.44
C PHE A 55 11.53 -5.18 3.52
N PRO A 56 12.78 -5.33 3.00
CA PRO A 56 13.63 -4.47 2.05
C PRO A 56 13.36 -4.20 0.57
N ASN A 57 12.84 -5.22 -0.11
CA ASN A 57 12.43 -5.25 -1.54
C ASN A 57 11.11 -4.47 -1.95
N VAL A 58 10.52 -3.75 -1.01
CA VAL A 58 9.09 -3.44 -1.02
C VAL A 58 8.85 -2.02 -0.42
N THR A 59 8.51 -1.11 -1.36
CA THR A 59 7.99 0.28 -1.12
C THR A 59 6.52 0.22 -0.51
N PHE A 60 6.20 1.37 0.17
CA PHE A 60 5.00 1.48 1.01
C PHE A 60 4.51 2.91 1.00
N LEU A 61 3.25 3.07 0.58
CA LEU A 61 2.59 4.34 0.24
C LEU A 61 1.07 4.22 0.61
N LYS A 62 0.56 5.37 1.00
CA LYS A 62 -0.69 5.44 1.77
C LYS A 62 -1.44 6.74 1.40
N VAL A 63 -2.41 6.48 0.56
CA VAL A 63 -3.40 7.44 0.01
C VAL A 63 -4.52 7.77 1.06
N ASP A 64 -4.62 9.13 1.30
CA ASP A 64 -5.90 9.81 1.80
C ASP A 64 -7.03 9.75 0.73
N VAL A 65 -7.80 8.72 0.81
CA VAL A 65 -8.99 8.49 0.04
C VAL A 65 -10.04 9.63 -0.10
N ASP A 66 -10.23 10.52 0.96
CA ASP A 66 -11.04 11.82 0.84
C ASP A 66 -10.57 12.82 -0.24
N GLU A 67 -9.29 13.07 -0.28
CA GLU A 67 -8.60 13.74 -1.40
C GLU A 67 -8.65 13.15 -2.79
N LEU A 68 -8.87 11.76 -2.92
CA LEU A 68 -8.66 10.91 -4.16
C LEU A 68 -9.54 9.61 -4.31
N LYS A 69 -10.84 9.83 -4.02
CA LYS A 69 -12.00 8.79 -4.11
C LYS A 69 -12.31 8.21 -5.59
N ALA A 70 -12.30 9.08 -6.51
CA ALA A 70 -12.48 8.78 -8.04
C ALA A 70 -11.51 7.68 -8.58
N VAL A 71 -10.21 7.91 -8.61
CA VAL A 71 -9.20 6.89 -8.89
C VAL A 71 -9.14 5.64 -7.85
N ALA A 72 -9.18 5.75 -6.49
CA ALA A 72 -9.41 4.61 -5.51
C ALA A 72 -10.50 3.61 -5.88
N GLU A 73 -11.60 4.16 -6.26
CA GLU A 73 -12.73 3.47 -6.92
C GLU A 73 -12.33 2.74 -8.16
N GLU A 74 -11.76 3.42 -9.13
CA GLU A 74 -11.12 2.71 -10.35
C GLU A 74 -10.21 1.40 -10.02
N TRP A 75 -9.17 1.54 -9.14
CA TRP A 75 -8.40 0.44 -8.63
C TRP A 75 -9.16 -0.77 -8.01
N ASN A 76 -10.20 -0.46 -7.21
CA ASN A 76 -11.39 -1.26 -6.87
C ASN A 76 -11.65 -0.85 -5.42
N VAL A 77 -12.41 0.28 -5.14
CA VAL A 77 -12.57 0.76 -3.74
C VAL A 77 -13.74 1.89 -3.66
N GLU A 78 -14.77 1.14 -3.23
CA GLU A 78 -15.86 1.58 -2.26
C GLU A 78 -15.80 0.76 -0.82
N ALA A 79 -14.69 0.58 -0.28
CA ALA A 79 -14.50 -0.33 0.91
C ALA A 79 -13.24 0.14 1.81
N MET A 80 -13.62 0.55 3.06
CA MET A 80 -12.67 0.95 4.17
C MET A 80 -12.16 -0.32 4.90
N PRO A 81 -10.95 -0.95 4.86
CA PRO A 81 -9.91 -0.38 3.98
C PRO A 81 -8.83 -1.40 3.39
N THR A 82 -8.44 -0.89 2.26
CA THR A 82 -8.01 -1.53 1.02
C THR A 82 -6.44 -1.31 0.93
N PHE A 83 -5.83 -2.45 0.56
CA PHE A 83 -4.42 -2.72 0.26
C PHE A 83 -4.48 -3.37 -1.13
N ILE A 84 -3.59 -2.88 -2.00
CA ILE A 84 -3.41 -3.15 -3.41
C ILE A 84 -1.86 -3.33 -3.67
N PHE A 85 -1.68 -4.45 -4.22
CA PHE A 85 -0.41 -5.08 -4.56
C PHE A 85 -0.27 -4.89 -6.16
N LEU A 86 0.64 -3.99 -6.44
CA LEU A 86 1.05 -3.49 -7.72
C LEU A 86 2.62 -3.60 -7.61
N LYS A 87 3.08 -4.18 -8.68
CA LYS A 87 4.47 -4.62 -8.85
C LYS A 87 4.91 -4.20 -10.34
N ASP A 88 6.18 -4.52 -10.73
CA ASP A 88 6.59 -4.66 -12.14
C ASP A 88 5.80 -5.70 -13.04
N GLY A 89 4.51 -5.72 -13.15
CA GLY A 89 3.61 -6.44 -14.05
C GLY A 89 2.14 -6.07 -13.78
N LYS A 90 1.87 -4.74 -13.63
CA LYS A 90 0.59 -4.15 -13.22
C LYS A 90 0.11 -4.59 -11.82
N LEU A 91 -1.22 -4.40 -11.48
CA LEU A 91 -1.97 -4.99 -10.28
C LEU A 91 -1.86 -6.54 -10.36
N VAL A 92 -0.96 -7.05 -9.50
CA VAL A 92 -0.86 -8.49 -9.06
C VAL A 92 -2.04 -8.96 -8.25
N ASP A 93 -2.46 -8.31 -7.15
CA ASP A 93 -3.41 -8.89 -6.17
C ASP A 93 -4.11 -7.84 -5.25
N LYS A 94 -5.01 -8.31 -4.36
CA LYS A 94 -5.95 -7.47 -3.57
C LYS A 94 -6.42 -8.06 -2.19
N THR A 95 -6.49 -7.17 -1.17
CA THR A 95 -6.86 -7.51 0.24
C THR A 95 -7.41 -6.16 0.96
N VAL A 96 -8.52 -6.42 1.59
CA VAL A 96 -9.38 -5.41 2.29
C VAL A 96 -9.74 -6.02 3.73
N GLY A 97 -9.00 -5.47 4.68
CA GLY A 97 -9.33 -5.57 6.08
C GLY A 97 -8.20 -5.34 7.04
N ALA A 98 -7.93 -4.09 7.46
CA ALA A 98 -6.85 -3.88 8.41
C ALA A 98 -6.84 -4.78 9.67
N ASP A 99 -5.70 -5.46 9.81
CA ASP A 99 -5.53 -6.50 10.86
C ASP A 99 -4.01 -6.67 11.03
N LYS A 100 -3.68 -6.58 12.34
CA LYS A 100 -2.32 -6.67 12.76
C LYS A 100 -1.30 -7.72 12.10
N ASP A 101 -1.73 -8.98 12.20
CA ASP A 101 -1.15 -10.18 11.56
C ASP A 101 -1.41 -10.35 9.96
N GLY A 102 -2.59 -10.20 9.44
CA GLY A 102 -2.96 -10.23 8.04
C GLY A 102 -2.02 -9.64 7.00
N LEU A 103 -1.79 -8.33 7.08
CA LEU A 103 -0.70 -7.62 6.34
C LEU A 103 0.76 -8.22 6.42
N PRO A 104 1.48 -8.41 7.59
CA PRO A 104 2.73 -9.21 7.65
C PRO A 104 2.79 -10.60 6.92
N THR A 105 1.78 -11.45 7.17
CA THR A 105 1.55 -12.78 6.45
C THR A 105 1.47 -12.83 4.90
N LEU A 106 0.57 -12.01 4.33
CA LEU A 106 0.34 -11.74 2.87
C LEU A 106 1.61 -11.12 2.16
N VAL A 107 2.22 -10.07 2.74
CA VAL A 107 3.58 -9.49 2.32
C VAL A 107 4.79 -10.49 2.35
N ALA A 108 4.85 -11.37 3.32
CA ALA A 108 5.67 -12.57 3.25
C ALA A 108 5.34 -13.50 2.08
N LYS A 109 4.08 -13.95 1.95
CA LYS A 109 3.60 -14.67 0.78
C LYS A 109 3.90 -14.07 -0.63
N HIS A 110 3.76 -12.73 -0.86
CA HIS A 110 4.30 -11.96 -2.00
C HIS A 110 5.84 -11.81 -2.21
N ALA A 111 6.52 -11.07 -1.29
CA ALA A 111 8.05 -11.03 -1.17
C ALA A 111 8.92 -12.36 -1.27
N THR A 112 8.41 -13.48 -0.66
CA THR A 112 8.87 -14.87 -0.94
C THR A 112 8.63 -15.30 -2.40
N ALA A 113 7.42 -15.44 -2.94
CA ALA A 113 7.12 -15.56 -4.42
C ALA A 113 7.80 -14.50 -5.34
N ALA A 1 22.18 -0.12 6.14
CA ALA A 1 20.98 0.68 6.04
C ALA A 1 20.13 0.25 4.79
N GLU A 2 19.18 -0.67 5.06
CA GLU A 2 18.39 -1.35 3.97
C GLU A 2 17.06 -1.87 4.56
N GLU A 3 16.01 -1.09 4.17
CA GLU A 3 14.63 -1.27 4.62
C GLU A 3 13.58 -0.62 3.72
N GLY A 4 12.34 -1.14 3.84
CA GLY A 4 11.09 -0.47 3.36
C GLY A 4 10.79 0.89 4.00
N GLN A 5 9.98 1.72 3.34
CA GLN A 5 9.75 3.14 3.67
C GLN A 5 8.31 3.52 3.19
N VAL A 6 7.52 3.96 4.15
CA VAL A 6 6.13 4.52 4.06
C VAL A 6 6.14 6.10 3.76
N ILE A 7 5.34 6.51 2.74
CA ILE A 7 5.22 7.88 2.11
C ILE A 7 3.73 8.28 2.06
N ALA A 8 3.43 9.49 2.56
CA ALA A 8 2.21 10.27 2.19
C ALA A 8 1.95 10.66 0.70
N CYS A 9 0.66 10.49 0.39
CA CYS A 9 0.11 10.59 -0.97
C CYS A 9 -1.34 11.25 -0.88
N HIS A 10 -1.48 12.22 -1.85
CA HIS A 10 -2.34 13.38 -1.68
C HIS A 10 -3.14 13.78 -2.92
N THR A 11 -2.58 13.77 -4.12
CA THR A 11 -3.12 14.38 -5.34
C THR A 11 -2.67 13.46 -6.56
N VAL A 12 -2.88 14.00 -7.79
CA VAL A 12 -2.31 13.46 -9.08
C VAL A 12 -0.74 13.24 -8.98
N ASP A 13 0.02 13.94 -8.09
CA ASP A 13 1.42 13.59 -7.73
C ASP A 13 1.74 12.09 -7.40
N THR A 14 0.76 11.44 -6.67
CA THR A 14 0.69 9.94 -6.48
C THR A 14 0.45 9.11 -7.79
N TRP A 15 -0.43 9.62 -8.72
CA TRP A 15 -0.40 9.14 -10.16
C TRP A 15 0.99 9.05 -10.83
N LYS A 16 1.88 10.01 -10.67
CA LYS A 16 3.29 9.81 -10.77
C LYS A 16 4.04 8.85 -9.80
N GLU A 17 3.97 9.04 -8.44
CA GLU A 17 4.71 8.16 -7.45
C GLU A 17 4.52 6.58 -7.61
N HIS A 18 3.32 6.17 -7.50
CA HIS A 18 2.75 4.76 -7.66
C HIS A 18 3.08 4.05 -9.02
N PHE A 19 2.61 4.68 -10.07
CA PHE A 19 2.82 4.27 -11.50
C PHE A 19 4.35 4.05 -11.93
N GLU A 20 5.19 5.15 -11.81
CA GLU A 20 6.68 5.14 -11.96
C GLU A 20 7.51 4.11 -11.20
N LYS A 21 7.26 3.96 -9.87
CA LYS A 21 7.88 2.82 -9.09
C LYS A 21 7.42 1.39 -9.60
N GLY A 22 6.14 1.06 -9.51
CA GLY A 22 5.54 -0.21 -10.02
C GLY A 22 6.11 -0.74 -11.40
N LYS A 23 5.56 -0.15 -12.45
CA LYS A 23 6.12 -0.13 -13.82
C LYS A 23 7.29 0.91 -13.81
N GLY A 24 8.43 0.33 -13.65
CA GLY A 24 9.69 1.04 -13.88
C GLY A 24 10.95 0.35 -13.25
N SER A 25 10.73 0.00 -12.02
CA SER A 25 11.72 -0.43 -10.99
C SER A 25 11.31 -1.87 -10.67
N GLN A 26 12.28 -2.76 -10.84
CA GLN A 26 12.24 -4.16 -10.37
C GLN A 26 12.00 -4.42 -8.86
N LYS A 27 10.74 -4.25 -8.46
CA LYS A 27 10.27 -4.30 -7.04
C LYS A 27 8.75 -4.62 -6.98
N LEU A 28 8.32 -5.03 -5.81
CA LEU A 28 6.92 -4.78 -5.24
C LEU A 28 6.70 -3.35 -4.73
N ILE A 29 5.44 -2.88 -4.77
CA ILE A 29 4.89 -1.62 -4.30
C ILE A 29 3.47 -1.91 -3.81
N VAL A 30 3.14 -1.50 -2.56
CA VAL A 30 2.01 -1.91 -1.67
C VAL A 30 1.47 -0.53 -1.13
N VAL A 31 0.14 -0.43 -0.99
CA VAL A 31 -0.61 0.91 -0.86
C VAL A 31 -1.84 0.59 0.01
N ASP A 32 -1.96 1.31 1.15
CA ASP A 32 -3.16 1.55 1.96
C ASP A 32 -3.96 2.70 1.25
N PHE A 33 -5.25 2.49 1.31
CA PHE A 33 -6.43 3.36 0.95
C PHE A 33 -7.23 3.40 2.26
N THR A 34 -7.13 4.60 2.94
CA THR A 34 -7.65 4.82 4.29
C THR A 34 -7.99 6.40 4.34
N ALA A 35 -9.11 6.56 5.07
CA ALA A 35 -9.63 7.90 5.58
C ALA A 35 -8.92 8.43 6.89
N SER A 36 -8.89 9.71 7.10
CA SER A 36 -8.63 10.28 8.38
C SER A 36 -9.58 9.81 9.56
N TRP A 37 -10.87 9.64 9.34
CA TRP A 37 -11.87 8.91 10.08
C TRP A 37 -11.72 7.34 9.97
N CYS A 38 -10.74 6.79 10.63
CA CYS A 38 -10.45 5.34 10.55
C CYS A 38 -9.49 4.99 11.77
N PRO A 39 -10.05 4.56 12.99
CA PRO A 39 -9.37 3.81 14.06
C PRO A 39 -8.69 2.42 13.62
N PRO A 40 -9.24 1.38 12.89
CA PRO A 40 -8.46 0.23 12.28
C PRO A 40 -7.10 0.57 11.64
N CYS A 41 -7.16 1.51 10.76
CA CYS A 41 -5.92 2.18 10.19
C CYS A 41 -4.97 2.96 11.08
N LYS A 42 -5.45 3.71 12.03
CA LYS A 42 -4.59 4.24 13.12
C LYS A 42 -3.59 3.39 13.90
N MET A 43 -4.17 2.19 14.26
CA MET A 43 -3.25 0.98 14.59
C MET A 43 -2.33 0.46 13.39
N ILE A 44 -2.96 0.20 12.23
CA ILE A 44 -2.33 -0.07 10.93
C ILE A 44 -1.20 0.83 10.31
N ALA A 45 -1.06 2.09 10.71
CA ALA A 45 0.14 2.95 10.47
C ALA A 45 1.37 2.28 11.20
N PRO A 46 1.53 2.18 12.56
CA PRO A 46 2.58 1.26 13.11
C PRO A 46 2.83 -0.17 12.62
N ILE A 47 1.74 -1.00 12.47
CA ILE A 47 1.84 -2.35 11.71
C ILE A 47 2.42 -2.28 10.26
N PHE A 48 1.84 -1.40 9.37
CA PHE A 48 2.43 -1.06 7.97
C PHE A 48 3.90 -0.65 8.05
N ALA A 49 4.35 0.29 8.94
CA ALA A 49 5.73 0.59 9.28
C ALA A 49 6.67 -0.56 9.78
N GLU A 50 6.35 -1.35 10.86
CA GLU A 50 7.04 -2.63 11.29
C GLU A 50 7.33 -3.74 10.28
N LEU A 51 6.24 -4.15 9.56
CA LEU A 51 6.36 -4.87 8.30
C LEU A 51 7.30 -4.17 7.23
N ALA A 52 7.18 -2.88 6.94
CA ALA A 52 8.19 -2.11 6.19
C ALA A 52 9.66 -2.26 6.58
N LYS A 53 9.96 -2.12 7.87
CA LYS A 53 11.27 -2.41 8.50
C LYS A 53 11.81 -3.92 8.43
N LYS A 54 10.88 -4.90 8.38
CA LYS A 54 11.07 -6.35 8.18
C LYS A 54 11.49 -6.74 6.71
N PHE A 55 11.07 -5.94 5.70
CA PHE A 55 10.93 -6.31 4.24
C PHE A 55 11.53 -5.12 3.37
N PRO A 56 12.83 -5.21 2.88
CA PRO A 56 13.61 -4.34 1.94
C PRO A 56 13.36 -4.21 0.38
N ASN A 57 12.78 -5.22 -0.24
CA ASN A 57 12.33 -5.36 -1.71
C ASN A 57 10.98 -4.53 -2.07
N VAL A 58 10.50 -3.61 -1.19
CA VAL A 58 9.09 -3.27 -1.18
C VAL A 58 8.94 -1.79 -0.72
N THR A 59 8.67 -0.89 -1.73
CA THR A 59 8.09 0.44 -1.53
C THR A 59 6.60 0.28 -0.90
N PHE A 60 6.33 1.32 -0.09
CA PHE A 60 5.11 1.47 0.70
C PHE A 60 4.72 2.99 0.67
N LEU A 61 3.45 3.12 0.40
CA LEU A 61 2.77 4.38 0.16
C LEU A 61 1.28 4.25 0.82
N LYS A 62 0.70 5.44 1.06
CA LYS A 62 -0.59 5.60 1.85
C LYS A 62 -1.36 6.83 1.38
N VAL A 63 -2.48 6.65 0.75
CA VAL A 63 -3.46 7.58 0.15
C VAL A 63 -4.59 7.90 1.20
N ASP A 64 -4.58 9.19 1.53
CA ASP A 64 -5.75 9.89 2.10
C ASP A 64 -6.88 9.90 1.06
N VAL A 65 -7.76 8.92 1.26
CA VAL A 65 -9.01 8.77 0.46
C VAL A 65 -10.06 10.00 0.42
N ASP A 66 -10.15 10.85 1.51
CA ASP A 66 -10.91 12.12 1.42
C ASP A 66 -10.62 13.09 0.15
N GLU A 67 -9.36 13.21 -0.28
CA GLU A 67 -8.86 13.75 -1.54
C GLU A 67 -8.95 12.87 -2.90
N LEU A 68 -8.98 11.55 -2.74
CA LEU A 68 -8.63 10.51 -3.75
C LEU A 68 -9.60 9.29 -3.78
N LYS A 69 -10.90 9.58 -3.58
CA LYS A 69 -12.04 8.67 -3.82
C LYS A 69 -12.29 7.93 -5.18
N ALA A 70 -12.19 8.70 -6.33
CA ALA A 70 -12.28 8.27 -7.69
C ALA A 70 -11.09 7.31 -8.15
N VAL A 71 -9.85 7.81 -8.07
CA VAL A 71 -8.65 6.90 -8.19
C VAL A 71 -8.54 5.72 -7.31
N ALA A 72 -8.78 5.87 -5.98
CA ALA A 72 -8.90 4.77 -5.04
C ALA A 72 -9.91 3.69 -5.49
N GLU A 73 -11.13 4.03 -6.00
CA GLU A 73 -12.11 3.16 -6.65
C GLU A 73 -11.49 2.38 -7.84
N GLU A 74 -10.93 3.10 -8.81
CA GLU A 74 -10.23 2.50 -10.03
C GLU A 74 -9.13 1.44 -9.73
N TRP A 75 -8.09 1.74 -8.86
CA TRP A 75 -7.05 0.79 -8.41
C TRP A 75 -7.72 -0.54 -7.81
N ASN A 76 -8.78 -0.42 -6.90
CA ASN A 76 -9.89 -1.40 -6.55
C ASN A 76 -10.48 -1.25 -5.13
N VAL A 77 -11.20 -0.18 -4.76
CA VAL A 77 -11.50 0.27 -3.38
C VAL A 77 -12.92 0.85 -3.47
N GLU A 78 -13.79 -0.19 -3.39
CA GLU A 78 -15.16 -0.04 -2.79
C GLU A 78 -15.42 0.13 -1.23
N ALA A 79 -14.25 0.11 -0.42
CA ALA A 79 -14.27 -0.17 1.03
C ALA A 79 -13.10 0.61 1.83
N MET A 80 -13.36 1.44 2.87
CA MET A 80 -12.43 1.68 4.05
C MET A 80 -12.21 0.39 5.00
N PRO A 81 -11.04 -0.35 5.11
CA PRO A 81 -9.83 -0.14 4.19
C PRO A 81 -8.88 -1.24 3.78
N THR A 82 -8.37 -0.82 2.58
CA THR A 82 -8.07 -1.67 1.34
C THR A 82 -6.53 -1.49 1.21
N PHE A 83 -5.94 -2.64 0.87
CA PHE A 83 -4.47 -2.98 0.84
C PHE A 83 -4.34 -3.69 -0.52
N ILE A 84 -3.66 -3.01 -1.46
CA ILE A 84 -3.43 -3.26 -2.92
C ILE A 84 -1.92 -3.29 -3.25
N PHE A 85 -1.75 -4.14 -4.24
CA PHE A 85 -0.42 -4.76 -4.67
C PHE A 85 -0.22 -4.61 -6.22
N LEU A 86 0.84 -3.77 -6.46
CA LEU A 86 1.17 -3.23 -7.84
C LEU A 86 2.75 -3.35 -7.86
N LYS A 87 3.17 -4.11 -8.83
CA LYS A 87 4.54 -4.62 -9.06
C LYS A 87 4.98 -4.24 -10.47
N ASP A 88 6.31 -4.50 -10.85
CA ASP A 88 6.76 -4.63 -12.30
C ASP A 88 5.98 -5.50 -13.34
N GLY A 89 4.75 -5.67 -13.14
CA GLY A 89 3.87 -6.47 -13.94
C GLY A 89 2.40 -6.11 -13.71
N LYS A 90 2.00 -4.81 -13.74
CA LYS A 90 0.61 -4.38 -13.32
C LYS A 90 0.09 -4.95 -11.92
N LEU A 91 -1.12 -4.72 -11.62
CA LEU A 91 -1.88 -5.02 -10.37
C LEU A 91 -1.91 -6.55 -10.07
N VAL A 92 -1.06 -6.97 -9.12
CA VAL A 92 -0.88 -8.32 -8.53
C VAL A 92 -1.99 -8.84 -7.59
N ASP A 93 -2.57 -8.08 -6.67
CA ASP A 93 -3.52 -8.63 -5.62
C ASP A 93 -4.30 -7.46 -4.89
N LYS A 94 -5.33 -7.89 -4.13
CA LYS A 94 -6.30 -6.92 -3.53
C LYS A 94 -7.03 -7.58 -2.30
N THR A 95 -7.07 -6.92 -1.09
CA THR A 95 -7.62 -7.44 0.23
C THR A 95 -7.98 -6.09 1.07
N VAL A 96 -8.92 -6.27 1.87
CA VAL A 96 -9.60 -5.21 2.69
C VAL A 96 -9.98 -5.92 3.97
N GLY A 97 -9.14 -5.60 4.93
CA GLY A 97 -9.31 -5.90 6.31
C GLY A 97 -8.05 -5.67 7.19
N ALA A 98 -7.91 -4.44 7.76
CA ALA A 98 -6.88 -4.20 8.79
C ALA A 98 -6.73 -5.24 9.95
N ASP A 99 -5.56 -5.81 10.03
CA ASP A 99 -5.21 -6.98 10.96
C ASP A 99 -3.72 -6.95 11.19
N LYS A 100 -3.37 -6.99 12.50
CA LYS A 100 -2.03 -7.02 13.05
C LYS A 100 -0.99 -8.06 12.33
N ASP A 101 -1.41 -9.34 12.41
CA ASP A 101 -0.76 -10.58 11.77
C ASP A 101 -0.97 -10.71 10.25
N GLY A 102 -2.24 -10.64 9.82
CA GLY A 102 -2.60 -10.64 8.40
C GLY A 102 -1.81 -9.89 7.34
N LEU A 103 -1.68 -8.58 7.55
CA LEU A 103 -0.75 -7.69 6.74
C LEU A 103 0.70 -8.31 6.48
N PRO A 104 1.60 -8.60 7.44
CA PRO A 104 2.83 -9.40 7.24
C PRO A 104 2.69 -10.82 6.64
N THR A 105 1.66 -11.56 6.89
CA THR A 105 1.34 -12.85 6.16
C THR A 105 1.12 -12.68 4.58
N LEU A 106 0.11 -11.83 4.20
CA LEU A 106 -0.13 -11.43 2.80
C LEU A 106 1.15 -10.93 1.99
N VAL A 107 1.89 -9.95 2.45
CA VAL A 107 3.21 -9.46 1.98
C VAL A 107 4.34 -10.56 1.89
N ALA A 108 4.63 -11.32 2.95
CA ALA A 108 5.56 -12.44 2.93
C ALA A 108 5.37 -13.39 1.70
N LYS A 109 4.13 -13.89 1.45
CA LYS A 109 3.70 -14.45 0.16
C LYS A 109 3.92 -13.72 -1.16
N HIS A 110 3.44 -12.43 -1.23
CA HIS A 110 3.75 -11.46 -2.37
C HIS A 110 5.26 -11.06 -2.71
N ALA A 111 6.00 -10.74 -1.67
CA ALA A 111 7.49 -10.61 -1.66
C ALA A 111 8.31 -11.83 -2.20
N THR A 112 8.12 -13.00 -1.60
CA THR A 112 8.64 -14.30 -2.05
C THR A 112 8.15 -14.60 -3.50
N ALA A 113 6.82 -14.63 -3.77
CA ALA A 113 6.22 -14.80 -5.17
C ALA A 113 6.90 -14.04 -6.34
N ALA A 1 22.39 -0.46 6.12
CA ALA A 1 20.95 -0.37 6.34
C ALA A 1 20.21 -0.12 5.03
N GLU A 2 19.26 -1.04 4.76
CA GLU A 2 18.44 -1.14 3.54
C GLU A 2 17.06 -1.74 3.97
N GLU A 3 15.97 -1.00 3.69
CA GLU A 3 14.60 -1.34 4.11
C GLU A 3 13.56 -0.64 3.20
N GLY A 4 12.38 -1.25 3.19
CA GLY A 4 11.17 -0.55 2.80
C GLY A 4 10.72 0.67 3.65
N GLN A 5 9.84 1.55 3.06
CA GLN A 5 9.54 2.88 3.65
C GLN A 5 8.13 3.31 3.15
N VAL A 6 7.40 3.66 4.19
CA VAL A 6 6.02 4.26 4.10
C VAL A 6 6.21 5.83 3.87
N ILE A 7 5.46 6.25 2.87
CA ILE A 7 5.39 7.56 2.25
C ILE A 7 3.85 7.89 2.15
N ALA A 8 3.47 9.00 2.82
CA ALA A 8 2.20 9.70 2.61
C ALA A 8 2.03 10.35 1.11
N CYS A 9 0.77 10.08 0.65
CA CYS A 9 0.12 10.42 -0.65
C CYS A 9 -1.30 11.15 -0.51
N HIS A 10 -1.35 12.14 -1.43
CA HIS A 10 -2.33 13.31 -1.35
C HIS A 10 -3.10 13.66 -2.66
N THR A 11 -2.30 13.74 -3.69
CA THR A 11 -2.68 14.48 -4.89
C THR A 11 -2.14 13.84 -6.18
N VAL A 12 -2.21 14.49 -7.33
CA VAL A 12 -1.57 14.12 -8.63
C VAL A 12 -0.03 13.78 -8.75
N ASP A 13 0.70 14.15 -7.68
CA ASP A 13 2.01 13.64 -7.30
C ASP A 13 2.03 12.07 -7.01
N THR A 14 1.12 11.55 -6.21
CA THR A 14 0.92 10.07 -6.20
C THR A 14 0.74 9.38 -7.55
N TRP A 15 0.08 10.01 -8.56
CA TRP A 15 0.16 9.60 -9.99
C TRP A 15 1.64 9.37 -10.59
N LYS A 16 2.49 10.41 -10.50
CA LYS A 16 3.98 10.23 -10.66
C LYS A 16 4.73 9.19 -9.74
N GLU A 17 4.42 9.06 -8.42
CA GLU A 17 5.03 8.16 -7.39
C GLU A 17 4.71 6.62 -7.48
N HIS A 18 3.42 6.32 -7.34
CA HIS A 18 2.79 5.00 -7.43
C HIS A 18 3.02 4.28 -8.80
N PHE A 19 2.55 4.93 -9.92
CA PHE A 19 2.72 4.42 -11.34
C PHE A 19 4.14 4.14 -11.81
N GLU A 20 5.03 5.14 -11.82
CA GLU A 20 6.47 5.07 -12.12
C GLU A 20 7.29 4.05 -11.21
N LYS A 21 7.12 4.01 -9.85
CA LYS A 21 7.60 2.92 -8.98
C LYS A 21 7.07 1.47 -9.33
N GLY A 22 5.77 1.22 -9.27
CA GLY A 22 5.09 -0.06 -9.58
C GLY A 22 5.41 -0.70 -10.97
N LYS A 23 4.65 -0.23 -11.99
CA LYS A 23 5.04 -0.34 -13.43
C LYS A 23 6.27 0.57 -13.81
N GLY A 24 7.47 -0.06 -13.57
CA GLY A 24 8.75 0.37 -14.17
C GLY A 24 10.05 0.01 -13.48
N SER A 25 9.95 0.29 -12.21
CA SER A 25 11.05 0.05 -11.21
C SER A 25 10.96 -1.46 -10.77
N GLN A 26 12.12 -2.14 -10.73
CA GLN A 26 12.33 -3.54 -10.25
C GLN A 26 11.97 -3.69 -8.73
N LYS A 27 10.70 -3.62 -8.36
CA LYS A 27 10.19 -3.67 -7.01
C LYS A 27 8.66 -3.97 -6.99
N LEU A 28 8.33 -4.44 -5.79
CA LEU A 28 6.97 -4.52 -5.23
C LEU A 28 6.67 -3.15 -4.55
N ILE A 29 5.38 -2.80 -4.58
CA ILE A 29 4.77 -1.51 -4.06
C ILE A 29 3.45 -2.05 -3.51
N VAL A 30 3.16 -1.74 -2.22
CA VAL A 30 2.07 -2.30 -1.35
C VAL A 30 1.46 -0.98 -0.70
N VAL A 31 0.16 -0.73 -0.98
CA VAL A 31 -0.51 0.64 -0.93
C VAL A 31 -1.98 0.52 -0.24
N ASP A 32 -1.97 1.11 0.95
CA ASP A 32 -3.16 1.39 1.83
C ASP A 32 -4.02 2.61 1.26
N PHE A 33 -5.28 2.50 1.50
CA PHE A 33 -6.33 3.36 0.96
C PHE A 33 -7.24 3.39 2.25
N THR A 34 -7.19 4.55 2.95
CA THR A 34 -7.74 4.69 4.30
C THR A 34 -8.12 6.21 4.30
N ALA A 35 -9.18 6.37 5.02
CA ALA A 35 -9.76 7.59 5.52
C ALA A 35 -9.02 8.14 6.73
N SER A 36 -9.00 9.53 6.76
CA SER A 36 -8.69 10.29 8.05
C SER A 36 -9.60 9.90 9.26
N TRP A 37 -10.93 9.86 9.09
CA TRP A 37 -11.91 9.13 9.91
C TRP A 37 -11.69 7.50 9.99
N CYS A 38 -10.70 6.97 10.78
CA CYS A 38 -10.31 5.48 10.78
C CYS A 38 -9.47 5.14 12.02
N PRO A 39 -9.96 4.92 13.30
CA PRO A 39 -9.22 4.25 14.41
C PRO A 39 -8.51 2.85 14.05
N PRO A 40 -9.14 1.87 13.32
CA PRO A 40 -8.44 0.69 12.69
C PRO A 40 -7.11 1.03 11.90
N CYS A 41 -7.15 1.90 10.85
CA CYS A 41 -5.93 2.58 10.41
C CYS A 41 -5.06 3.44 11.33
N LYS A 42 -5.56 4.13 12.44
CA LYS A 42 -4.80 4.79 13.50
C LYS A 42 -3.69 3.81 14.13
N MET A 43 -4.02 2.57 14.58
CA MET A 43 -3.04 1.41 14.71
C MET A 43 -2.35 0.85 13.44
N ILE A 44 -3.06 0.48 12.37
CA ILE A 44 -2.49 -0.02 11.07
C ILE A 44 -1.27 0.63 10.39
N ALA A 45 -1.17 2.00 10.44
CA ALA A 45 0.06 2.81 10.13
C ALA A 45 1.34 2.42 10.98
N PRO A 46 1.38 2.34 12.36
CA PRO A 46 2.41 1.54 13.10
C PRO A 46 2.67 0.10 12.65
N ILE A 47 1.68 -0.80 12.45
CA ILE A 47 1.79 -2.20 11.87
C ILE A 47 2.49 -2.18 10.46
N PHE A 48 2.00 -1.35 9.54
CA PHE A 48 2.56 -1.10 8.18
C PHE A 48 4.07 -0.58 8.21
N ALA A 49 4.42 0.34 9.10
CA ALA A 49 5.80 0.60 9.50
C ALA A 49 6.73 -0.51 10.14
N GLU A 50 6.31 -1.33 11.14
CA GLU A 50 7.07 -2.57 11.53
C GLU A 50 7.38 -3.61 10.38
N LEU A 51 6.38 -3.80 9.61
CA LEU A 51 6.40 -4.56 8.37
C LEU A 51 7.41 -4.05 7.28
N ALA A 52 7.30 -2.73 6.97
CA ALA A 52 8.29 -2.01 6.11
C ALA A 52 9.77 -2.05 6.54
N LYS A 53 10.00 -1.83 7.82
CA LYS A 53 11.28 -2.13 8.54
C LYS A 53 11.83 -3.64 8.34
N LYS A 54 10.91 -4.65 8.42
CA LYS A 54 11.20 -6.10 8.14
C LYS A 54 11.65 -6.48 6.65
N PHE A 55 11.19 -5.75 5.62
CA PHE A 55 11.00 -6.13 4.20
C PHE A 55 11.59 -4.97 3.25
N PRO A 56 12.90 -5.09 2.82
CA PRO A 56 13.68 -4.28 1.83
C PRO A 56 13.42 -4.21 0.27
N ASN A 57 12.89 -5.29 -0.34
CA ASN A 57 12.45 -5.36 -1.78
C ASN A 57 11.24 -4.47 -2.18
N VAL A 58 10.68 -3.72 -1.27
CA VAL A 58 9.23 -3.42 -1.33
C VAL A 58 9.04 -1.99 -0.73
N THR A 59 8.63 -1.09 -1.72
CA THR A 59 8.03 0.28 -1.45
C THR A 59 6.59 0.17 -0.86
N PHE A 60 6.24 1.22 -0.12
CA PHE A 60 5.02 1.25 0.69
C PHE A 60 4.58 2.76 0.69
N LEU A 61 3.24 3.00 0.45
CA LEU A 61 2.69 4.35 0.24
C LEU A 61 1.18 4.23 0.67
N LYS A 62 0.54 5.41 0.88
CA LYS A 62 -0.78 5.48 1.48
C LYS A 62 -1.53 6.79 1.09
N VAL A 63 -2.76 6.56 0.60
CA VAL A 63 -3.74 7.53 0.11
C VAL A 63 -4.67 7.89 1.29
N ASP A 64 -4.77 9.16 1.58
CA ASP A 64 -6.06 9.85 2.13
C ASP A 64 -7.12 9.90 0.97
N VAL A 65 -8.12 9.08 1.12
CA VAL A 65 -9.25 8.85 0.20
C VAL A 65 -10.21 10.10 0.01
N ASP A 66 -10.60 10.84 1.05
CA ASP A 66 -11.30 12.19 0.98
C ASP A 66 -10.72 13.18 -0.11
N GLU A 67 -9.38 13.31 -0.19
CA GLU A 67 -8.67 13.85 -1.33
C GLU A 67 -8.87 13.25 -2.77
N LEU A 68 -8.73 11.92 -2.95
CA LEU A 68 -8.47 11.12 -4.16
C LEU A 68 -9.42 9.84 -4.27
N LYS A 69 -10.69 9.92 -4.07
CA LYS A 69 -11.72 8.86 -4.28
C LYS A 69 -11.82 8.26 -5.70
N ALA A 70 -11.81 9.08 -6.77
CA ALA A 70 -11.86 8.78 -8.18
C ALA A 70 -11.00 7.57 -8.73
N VAL A 71 -9.74 7.91 -8.71
CA VAL A 71 -8.60 6.92 -8.87
C VAL A 71 -8.40 5.83 -7.74
N ALA A 72 -8.58 6.05 -6.43
CA ALA A 72 -8.56 4.91 -5.41
C ALA A 72 -9.57 3.86 -5.76
N GLU A 73 -10.74 4.20 -6.19
CA GLU A 73 -11.76 3.30 -6.80
C GLU A 73 -11.33 2.55 -8.04
N GLU A 74 -10.82 3.30 -9.05
CA GLU A 74 -10.21 2.73 -10.26
C GLU A 74 -9.03 1.65 -10.12
N TRP A 75 -8.02 1.73 -9.24
CA TRP A 75 -7.18 0.56 -8.88
C TRP A 75 -8.00 -0.58 -8.27
N ASN A 76 -8.86 -0.34 -7.19
CA ASN A 76 -10.17 -1.13 -6.92
C ASN A 76 -10.47 -1.04 -5.30
N VAL A 77 -11.09 0.09 -4.94
CA VAL A 77 -11.46 0.54 -3.57
C VAL A 77 -12.98 0.99 -3.57
N GLU A 78 -13.72 -0.06 -3.16
CA GLU A 78 -15.13 -0.09 -2.70
C GLU A 78 -15.35 0.14 -1.14
N ALA A 79 -14.36 -0.21 -0.33
CA ALA A 79 -14.48 -0.48 1.19
C ALA A 79 -13.21 -0.01 1.90
N MET A 80 -13.42 0.52 3.10
CA MET A 80 -12.41 0.94 4.11
C MET A 80 -12.14 -0.27 5.02
N PRO A 81 -10.83 -0.90 5.01
CA PRO A 81 -9.68 -0.39 4.21
C PRO A 81 -8.46 -1.29 3.74
N THR A 82 -8.16 -0.86 2.54
CA THR A 82 -7.90 -1.67 1.36
C THR A 82 -6.50 -1.27 0.93
N PHE A 83 -5.75 -2.42 0.79
CA PHE A 83 -4.34 -2.67 0.71
C PHE A 83 -4.27 -3.33 -0.70
N ILE A 84 -3.54 -2.79 -1.61
CA ILE A 84 -3.44 -3.22 -3.03
C ILE A 84 -1.90 -3.54 -3.29
N PHE A 85 -1.71 -4.30 -4.39
CA PHE A 85 -0.45 -5.16 -4.59
C PHE A 85 -0.19 -5.02 -6.11
N LEU A 86 0.84 -4.19 -6.42
CA LEU A 86 1.22 -3.72 -7.79
C LEU A 86 2.80 -3.88 -7.78
N LYS A 87 3.25 -4.68 -8.72
CA LYS A 87 4.62 -5.09 -9.05
C LYS A 87 5.02 -4.49 -10.46
N ASP A 88 6.29 -4.51 -10.83
CA ASP A 88 6.72 -4.46 -12.27
C ASP A 88 6.38 -5.65 -13.19
N GLY A 89 5.08 -5.82 -13.35
CA GLY A 89 4.37 -6.69 -14.28
C GLY A 89 2.85 -6.61 -13.96
N LYS A 90 2.22 -5.46 -13.90
CA LYS A 90 0.77 -5.08 -13.56
C LYS A 90 0.16 -5.31 -12.13
N LEU A 91 -1.12 -5.03 -11.94
CA LEU A 91 -1.93 -5.35 -10.72
C LEU A 91 -2.08 -6.88 -10.44
N VAL A 92 -1.22 -7.36 -9.59
CA VAL A 92 -1.19 -8.72 -9.04
C VAL A 92 -2.42 -9.12 -8.09
N ASP A 93 -2.67 -8.32 -7.01
CA ASP A 93 -3.62 -8.68 -5.90
C ASP A 93 -4.19 -7.60 -5.00
N LYS A 94 -5.20 -7.90 -4.17
CA LYS A 94 -5.95 -6.88 -3.39
C LYS A 94 -6.77 -7.51 -2.19
N THR A 95 -6.62 -7.00 -1.01
CA THR A 95 -7.16 -7.51 0.23
C THR A 95 -7.47 -6.26 1.14
N VAL A 96 -8.49 -6.43 1.93
CA VAL A 96 -9.19 -5.38 2.63
C VAL A 96 -9.52 -5.99 4.10
N GLY A 97 -8.67 -5.61 5.00
CA GLY A 97 -8.85 -5.79 6.44
C GLY A 97 -7.53 -5.32 7.13
N ALA A 98 -7.75 -4.32 8.00
CA ALA A 98 -6.80 -3.94 9.12
C ALA A 98 -6.74 -5.00 10.16
N ASP A 99 -5.69 -5.82 10.17
CA ASP A 99 -5.57 -7.03 10.99
C ASP A 99 -4.01 -7.12 11.13
N LYS A 100 -3.57 -6.97 12.35
CA LYS A 100 -2.12 -6.95 12.78
C LYS A 100 -1.15 -8.04 12.21
N ASP A 101 -1.53 -9.29 12.38
CA ASP A 101 -0.96 -10.53 11.73
C ASP A 101 -1.17 -10.61 10.22
N GLY A 102 -2.44 -10.54 9.79
CA GLY A 102 -2.88 -10.57 8.33
C GLY A 102 -2.02 -9.89 7.22
N LEU A 103 -1.78 -8.58 7.43
CA LEU A 103 -0.85 -7.71 6.70
C LEU A 103 0.61 -8.34 6.51
N PRO A 104 1.49 -8.65 7.50
CA PRO A 104 2.69 -9.46 7.32
C PRO A 104 2.66 -10.80 6.54
N THR A 105 1.63 -11.61 6.86
CA THR A 105 1.31 -12.90 6.20
C THR A 105 1.30 -12.88 4.65
N LEU A 106 0.39 -12.05 4.19
CA LEU A 106 0.15 -11.66 2.77
C LEU A 106 1.36 -10.96 2.07
N VAL A 107 1.96 -9.82 2.54
CA VAL A 107 3.29 -9.36 2.03
C VAL A 107 4.41 -10.44 1.90
N ALA A 108 4.57 -11.41 2.86
CA ALA A 108 5.52 -12.52 2.82
C ALA A 108 5.46 -13.51 1.63
N LYS A 109 4.21 -13.95 1.39
CA LYS A 109 3.78 -14.66 0.18
C LYS A 109 3.97 -13.75 -1.15
N HIS A 110 3.67 -12.43 -1.21
CA HIS A 110 4.11 -11.49 -2.30
C HIS A 110 5.66 -11.38 -2.63
N ALA A 111 6.40 -11.01 -1.60
CA ALA A 111 7.93 -10.94 -1.56
C ALA A 111 8.76 -12.19 -1.96
N THR A 112 8.37 -13.42 -1.57
CA THR A 112 8.80 -14.79 -2.00
C THR A 112 8.33 -15.13 -3.46
N ALA A 113 6.97 -15.22 -3.64
CA ALA A 113 6.30 -15.28 -4.95
C ALA A 113 6.42 -13.97 -5.84
N ALA A 1 22.31 0.93 5.26
CA ALA A 1 21.08 0.32 5.87
C ALA A 1 19.91 0.64 4.82
N GLU A 2 19.23 -0.49 4.54
CA GLU A 2 18.37 -0.69 3.32
C GLU A 2 17.05 -1.36 3.88
N GLU A 3 15.94 -0.66 3.60
CA GLU A 3 14.63 -0.97 4.25
C GLU A 3 13.46 -0.47 3.32
N GLY A 4 12.25 -0.92 3.61
CA GLY A 4 10.92 -0.37 3.11
C GLY A 4 10.54 0.94 3.80
N GLN A 5 9.66 1.67 3.11
CA GLN A 5 9.56 3.16 3.31
C GLN A 5 8.02 3.53 3.17
N VAL A 6 7.49 4.02 4.29
CA VAL A 6 6.11 4.58 4.44
C VAL A 6 6.18 6.12 4.16
N ILE A 7 5.48 6.51 3.11
CA ILE A 7 5.38 7.83 2.52
C ILE A 7 3.80 8.10 2.29
N ALA A 8 3.24 9.18 2.89
CA ALA A 8 1.92 9.76 2.60
C ALA A 8 1.70 10.38 1.16
N CYS A 9 0.42 10.28 0.76
CA CYS A 9 -0.09 10.51 -0.63
C CYS A 9 -1.47 11.32 -0.59
N HIS A 10 -1.60 12.26 -1.51
CA HIS A 10 -2.66 13.33 -1.49
C HIS A 10 -3.13 13.85 -2.91
N THR A 11 -2.51 13.54 -4.11
CA THR A 11 -2.70 14.26 -5.39
C THR A 11 -2.35 13.26 -6.52
N VAL A 12 -2.37 13.81 -7.74
CA VAL A 12 -1.79 13.17 -8.99
C VAL A 12 -0.27 12.78 -8.92
N ASP A 13 0.49 13.44 -8.01
CA ASP A 13 1.88 13.00 -7.63
C ASP A 13 2.12 11.52 -7.23
N THR A 14 1.24 11.00 -6.39
CA THR A 14 1.08 9.52 -6.18
C THR A 14 0.69 8.63 -7.39
N TRP A 15 -0.13 9.13 -8.35
CA TRP A 15 -0.25 8.42 -9.64
C TRP A 15 1.14 8.19 -10.35
N LYS A 16 2.00 9.23 -10.31
CA LYS A 16 3.44 9.04 -10.62
C LYS A 16 4.19 8.02 -9.67
N GLU A 17 4.21 8.25 -8.34
CA GLU A 17 4.83 7.31 -7.28
C GLU A 17 4.50 5.78 -7.44
N HIS A 18 3.20 5.41 -7.43
CA HIS A 18 2.63 4.09 -7.51
C HIS A 18 3.15 3.20 -8.76
N PHE A 19 2.75 3.72 -9.90
CA PHE A 19 3.08 3.20 -11.23
C PHE A 19 4.57 3.13 -11.62
N GLU A 20 5.29 4.26 -11.60
CA GLU A 20 6.80 4.36 -11.85
C GLU A 20 7.69 3.46 -10.95
N LYS A 21 7.50 3.47 -9.64
CA LYS A 21 8.15 2.49 -8.71
C LYS A 21 7.79 0.97 -9.01
N GLY A 22 6.43 0.64 -8.92
CA GLY A 22 5.80 -0.70 -9.24
C GLY A 22 6.26 -1.33 -10.56
N LYS A 23 5.63 -0.92 -11.64
CA LYS A 23 6.17 -0.92 -13.00
C LYS A 23 7.28 0.17 -13.18
N GLY A 24 8.48 -0.37 -13.04
CA GLY A 24 9.70 0.32 -13.50
C GLY A 24 11.01 -0.22 -12.90
N SER A 25 10.92 -0.39 -11.56
CA SER A 25 11.99 -0.76 -10.56
C SER A 25 11.62 -2.21 -10.10
N GLN A 26 12.71 -2.99 -9.95
CA GLN A 26 12.72 -4.38 -9.31
C GLN A 26 12.27 -4.46 -7.82
N LYS A 27 10.89 -4.29 -7.58
CA LYS A 27 10.18 -4.25 -6.25
C LYS A 27 8.64 -4.50 -6.31
N LEU A 28 8.12 -4.92 -5.24
CA LEU A 28 6.66 -4.77 -4.82
C LEU A 28 6.47 -3.36 -4.15
N ILE A 29 5.21 -2.84 -4.24
CA ILE A 29 4.73 -1.49 -3.81
C ILE A 29 3.27 -1.73 -3.47
N VAL A 30 2.94 -1.14 -2.34
CA VAL A 30 1.73 -1.32 -1.56
C VAL A 30 1.11 0.06 -1.26
N VAL A 31 -0.24 0.13 -1.26
CA VAL A 31 -0.97 1.41 -1.29
C VAL A 31 -2.39 1.15 -0.55
N ASP A 32 -2.40 1.69 0.72
CA ASP A 32 -3.45 1.86 1.67
C ASP A 32 -4.41 3.09 1.32
N PHE A 33 -5.59 2.78 0.82
CA PHE A 33 -6.77 3.67 0.56
C PHE A 33 -7.55 3.67 1.96
N THR A 34 -7.45 4.73 2.70
CA THR A 34 -7.96 4.89 4.03
C THR A 34 -8.14 6.41 4.34
N ALA A 35 -9.00 6.70 5.31
CA ALA A 35 -9.35 8.04 5.88
C ALA A 35 -8.60 8.22 7.20
N SER A 36 -8.25 9.47 7.47
CA SER A 36 -7.74 9.84 8.87
C SER A 36 -8.62 9.44 10.09
N TRP A 37 -9.93 9.65 9.83
CA TRP A 37 -11.04 9.02 10.59
C TRP A 37 -11.20 7.48 10.28
N CYS A 38 -10.37 6.66 10.89
CA CYS A 38 -10.37 5.19 10.80
C CYS A 38 -9.49 4.73 11.99
N PRO A 39 -9.98 4.39 13.20
CA PRO A 39 -9.22 3.69 14.30
C PRO A 39 -8.50 2.31 13.90
N PRO A 40 -9.11 1.34 13.13
CA PRO A 40 -8.44 0.17 12.52
C PRO A 40 -7.11 0.42 11.74
N CYS A 41 -7.14 1.29 10.74
CA CYS A 41 -5.89 1.94 10.25
C CYS A 41 -5.12 2.82 11.14
N LYS A 42 -5.64 3.41 12.28
CA LYS A 42 -4.74 3.94 13.37
C LYS A 42 -3.70 2.89 13.92
N MET A 43 -4.11 1.69 14.49
CA MET A 43 -3.20 0.47 14.68
C MET A 43 -2.31 -0.11 13.42
N ILE A 44 -2.89 -0.08 12.29
CA ILE A 44 -2.23 -0.32 10.94
C ILE A 44 -1.09 0.71 10.44
N ALA A 45 -1.01 1.99 10.85
CA ALA A 45 0.18 2.90 10.69
C ALA A 45 1.51 2.35 11.31
N PRO A 46 1.68 2.12 12.64
CA PRO A 46 2.73 1.21 13.18
C PRO A 46 2.92 -0.22 12.61
N ILE A 47 1.88 -1.03 12.24
CA ILE A 47 2.04 -2.35 11.55
C ILE A 47 2.77 -2.23 10.14
N PHE A 48 2.30 -1.35 9.25
CA PHE A 48 2.90 -0.92 8.01
C PHE A 48 4.42 -0.52 8.14
N ALA A 49 4.79 0.42 9.03
CA ALA A 49 6.21 0.60 9.39
C ALA A 49 7.15 -0.55 10.01
N GLU A 50 6.66 -1.36 11.02
CA GLU A 50 7.29 -2.63 11.47
C GLU A 50 7.79 -3.62 10.32
N LEU A 51 6.78 -4.10 9.60
CA LEU A 51 6.92 -4.95 8.40
C LEU A 51 7.70 -4.25 7.18
N ALA A 52 7.54 -2.93 6.92
CA ALA A 52 8.53 -2.17 6.08
C ALA A 52 9.99 -2.20 6.50
N LYS A 53 10.30 -2.02 7.78
CA LYS A 53 11.63 -2.38 8.42
C LYS A 53 12.15 -3.89 8.40
N LYS A 54 11.18 -4.85 8.41
CA LYS A 54 11.43 -6.30 8.21
C LYS A 54 11.94 -6.66 6.74
N PHE A 55 11.32 -5.99 5.72
CA PHE A 55 11.16 -6.35 4.31
C PHE A 55 11.74 -5.07 3.53
N PRO A 56 13.02 -5.14 3.03
CA PRO A 56 13.82 -4.20 2.23
C PRO A 56 13.55 -3.94 0.66
N ASN A 57 12.93 -4.99 0.00
CA ASN A 57 12.48 -5.09 -1.42
C ASN A 57 11.15 -4.40 -1.79
N VAL A 58 10.69 -3.46 -0.94
CA VAL A 58 9.25 -3.15 -1.00
C VAL A 58 8.99 -1.62 -0.44
N THR A 59 8.46 -0.79 -1.33
CA THR A 59 7.91 0.58 -1.06
C THR A 59 6.43 0.36 -0.57
N PHE A 60 6.06 1.39 0.19
CA PHE A 60 4.82 1.46 0.94
C PHE A 60 4.30 2.95 0.97
N LEU A 61 3.01 3.19 0.63
CA LEU A 61 2.41 4.49 0.40
C LEU A 61 0.97 4.33 0.95
N LYS A 62 0.44 5.50 1.25
CA LYS A 62 -0.87 5.68 1.89
C LYS A 62 -1.55 7.01 1.48
N VAL A 63 -2.70 6.80 0.76
CA VAL A 63 -3.67 7.79 0.31
C VAL A 63 -4.71 8.10 1.39
N ASP A 64 -4.86 9.43 1.64
CA ASP A 64 -6.05 10.08 2.23
C ASP A 64 -7.20 10.01 1.21
N VAL A 65 -8.07 9.06 1.42
CA VAL A 65 -9.23 8.83 0.56
C VAL A 65 -10.13 10.06 0.14
N ASP A 66 -10.37 10.95 1.11
CA ASP A 66 -11.05 12.28 0.82
C ASP A 66 -10.50 13.15 -0.32
N GLU A 67 -9.19 13.13 -0.55
CA GLU A 67 -8.52 13.64 -1.82
C GLU A 67 -8.89 12.91 -3.15
N LEU A 68 -8.70 11.58 -3.13
CA LEU A 68 -8.53 10.64 -4.26
C LEU A 68 -9.52 9.42 -4.08
N LYS A 69 -10.77 9.73 -3.80
CA LYS A 69 -11.95 8.84 -3.88
C LYS A 69 -12.35 8.28 -5.33
N ALA A 70 -12.45 9.11 -6.36
CA ALA A 70 -12.68 8.81 -7.77
C ALA A 70 -11.72 7.72 -8.34
N VAL A 71 -10.41 7.97 -8.20
CA VAL A 71 -9.35 6.97 -8.42
C VAL A 71 -9.34 5.65 -7.50
N ALA A 72 -9.42 5.84 -6.18
CA ALA A 72 -9.66 4.72 -5.24
C ALA A 72 -10.76 3.75 -5.66
N GLU A 73 -11.96 4.34 -6.00
CA GLU A 73 -13.08 3.62 -6.57
C GLU A 73 -12.73 2.78 -7.80
N GLU A 74 -11.97 3.43 -8.77
CA GLU A 74 -11.48 2.79 -9.97
C GLU A 74 -10.65 1.53 -9.79
N TRP A 75 -9.49 1.49 -9.15
CA TRP A 75 -8.83 0.22 -8.72
C TRP A 75 -9.69 -0.93 -8.06
N ASN A 76 -10.52 -0.52 -7.07
CA ASN A 76 -11.86 -1.22 -6.81
C ASN A 76 -12.03 -0.94 -5.27
N VAL A 77 -12.54 0.22 -4.90
CA VAL A 77 -12.58 0.76 -3.55
C VAL A 77 -13.85 1.75 -3.38
N GLU A 78 -14.96 1.05 -3.30
CA GLU A 78 -16.16 1.49 -2.52
C GLU A 78 -16.10 1.44 -0.95
N ALA A 79 -15.00 0.82 -0.35
CA ALA A 79 -14.85 0.38 0.99
C ALA A 79 -13.45 0.59 1.69
N MET A 80 -13.52 1.35 2.73
CA MET A 80 -12.48 1.52 3.74
C MET A 80 -12.21 0.22 4.63
N PRO A 81 -10.88 -0.36 4.52
CA PRO A 81 -9.68 0.16 3.63
C PRO A 81 -8.58 -0.82 3.14
N THR A 82 -8.52 -0.55 1.71
CA THR A 82 -8.08 -1.49 0.64
C THR A 82 -6.56 -1.01 0.49
N PHE A 83 -5.89 -2.15 0.42
CA PHE A 83 -4.44 -2.34 0.10
C PHE A 83 -4.45 -2.88 -1.27
N ILE A 84 -3.66 -2.28 -2.18
CA ILE A 84 -3.49 -2.59 -3.59
C ILE A 84 -1.95 -2.80 -3.88
N PHE A 85 -1.67 -3.72 -4.81
CA PHE A 85 -0.37 -4.44 -4.92
C PHE A 85 0.03 -4.62 -6.41
N LEU A 86 1.22 -4.04 -6.66
CA LEU A 86 1.81 -3.85 -7.93
C LEU A 86 3.38 -4.29 -7.70
N LYS A 87 3.79 -5.18 -8.57
CA LYS A 87 5.15 -5.65 -8.89
C LYS A 87 5.79 -4.92 -10.10
N ASP A 88 7.07 -5.14 -10.36
CA ASP A 88 7.77 -4.94 -11.69
C ASP A 88 7.22 -5.78 -12.94
N GLY A 89 5.91 -6.09 -12.89
CA GLY A 89 5.16 -6.90 -13.94
C GLY A 89 3.53 -6.96 -13.88
N LYS A 90 3.07 -5.79 -13.59
CA LYS A 90 1.65 -5.27 -13.58
C LYS A 90 0.83 -5.53 -12.25
N LEU A 91 -0.41 -5.08 -12.12
CA LEU A 91 -1.28 -5.42 -11.00
C LEU A 91 -1.30 -7.03 -10.66
N VAL A 92 -0.68 -7.31 -9.53
CA VAL A 92 -0.71 -8.59 -8.83
C VAL A 92 -1.98 -8.81 -7.94
N ASP A 93 -2.46 -7.83 -7.11
CA ASP A 93 -3.63 -8.11 -6.16
C ASP A 93 -4.17 -6.84 -5.50
N LYS A 94 -5.33 -7.02 -4.83
CA LYS A 94 -6.13 -6.01 -4.11
C LYS A 94 -6.89 -6.79 -3.00
N THR A 95 -6.89 -6.22 -1.75
CA THR A 95 -7.49 -6.87 -0.50
C THR A 95 -7.71 -5.73 0.58
N VAL A 96 -8.78 -5.95 1.27
CA VAL A 96 -9.57 -4.87 2.03
C VAL A 96 -9.76 -5.51 3.43
N GLY A 97 -9.00 -4.94 4.44
CA GLY A 97 -9.09 -5.49 5.81
C GLY A 97 -8.32 -4.59 6.83
N ALA A 98 -7.96 -5.14 8.01
CA ALA A 98 -7.22 -4.51 9.11
C ALA A 98 -6.92 -5.68 10.15
N ASP A 99 -5.61 -6.06 10.15
CA ASP A 99 -5.10 -7.15 11.07
C ASP A 99 -3.55 -7.20 11.03
N LYS A 100 -3.00 -7.14 12.26
CA LYS A 100 -1.55 -7.28 12.59
C LYS A 100 -0.70 -8.50 11.97
N ASP A 101 -1.16 -9.77 12.04
CA ASP A 101 -0.67 -10.94 11.27
C ASP A 101 -1.08 -10.91 9.73
N GLY A 102 -2.30 -10.53 9.41
CA GLY A 102 -2.82 -10.38 7.97
C GLY A 102 -1.97 -9.71 6.89
N LEU A 103 -1.57 -8.47 7.22
CA LEU A 103 -0.76 -7.59 6.32
C LEU A 103 0.72 -8.13 6.12
N PRO A 104 1.53 -8.42 7.18
CA PRO A 104 2.68 -9.28 7.05
C PRO A 104 2.60 -10.60 6.26
N THR A 105 1.58 -11.45 6.50
CA THR A 105 1.28 -12.67 5.66
C THR A 105 1.14 -12.36 4.10
N LEU A 106 0.20 -11.52 3.77
CA LEU A 106 -0.11 -11.00 2.42
C LEU A 106 1.12 -10.40 1.65
N VAL A 107 1.79 -9.41 2.22
CA VAL A 107 3.19 -9.01 1.75
C VAL A 107 4.24 -10.13 1.67
N ALA A 108 4.54 -10.90 2.74
CA ALA A 108 5.49 -12.04 2.72
C ALA A 108 5.28 -12.99 1.44
N LYS A 109 3.98 -13.40 1.31
CA LYS A 109 3.46 -14.14 0.14
C LYS A 109 3.71 -13.55 -1.28
N HIS A 110 3.58 -12.23 -1.38
CA HIS A 110 3.97 -11.43 -2.53
C HIS A 110 5.52 -11.24 -2.79
N ALA A 111 6.14 -10.65 -1.79
CA ALA A 111 7.58 -10.29 -1.69
C ALA A 111 8.59 -11.39 -1.92
N THR A 112 8.52 -12.57 -1.35
CA THR A 112 9.27 -13.78 -1.80
C THR A 112 9.12 -14.32 -3.30
N ALA A 113 7.85 -14.67 -3.76
CA ALA A 113 7.43 -15.15 -5.08
C ALA A 113 7.53 -14.00 -6.12
#